data_1Z3M
# 
_entry.id   1Z3M 
# 
_audit_conform.dict_name       mmcif_pdbx.dic 
_audit_conform.dict_version    5.398 
_audit_conform.dict_location   http://mmcif.pdb.org/dictionaries/ascii/mmcif_pdbx.dic 
# 
loop_
_database_2.database_id 
_database_2.database_code 
_database_2.pdbx_database_accession 
_database_2.pdbx_DOI 
PDB   1Z3M         pdb_00001z3m 10.2210/pdb1z3m/pdb 
RCSB  RCSB032255   ?            ?                   
WWPDB D_1000032255 ?            ?                   
# 
loop_
_pdbx_audit_revision_history.ordinal 
_pdbx_audit_revision_history.data_content_type 
_pdbx_audit_revision_history.major_revision 
_pdbx_audit_revision_history.minor_revision 
_pdbx_audit_revision_history.revision_date 
1 'Structure model' 1 0 2005-03-29 
2 'Structure model' 1 1 2008-04-30 
3 'Structure model' 1 2 2011-07-13 
4 'Structure model' 1 3 2021-11-10 
5 'Structure model' 1 4 2023-10-25 
6 'Structure model' 1 5 2023-11-15 
7 'Structure model' 1 6 2024-11-06 
# 
_pdbx_audit_revision_details.ordinal             1 
_pdbx_audit_revision_details.revision_ordinal    1 
_pdbx_audit_revision_details.data_content_type   'Structure model' 
_pdbx_audit_revision_details.provider            repository 
_pdbx_audit_revision_details.type                'Initial release' 
_pdbx_audit_revision_details.description         ? 
_pdbx_audit_revision_details.details             ? 
# 
loop_
_pdbx_audit_revision_group.ordinal 
_pdbx_audit_revision_group.revision_ordinal 
_pdbx_audit_revision_group.data_content_type 
_pdbx_audit_revision_group.group 
1 2 'Structure model' 'Version format compliance' 
2 3 'Structure model' 'Version format compliance' 
3 4 'Structure model' 'Database references'       
4 4 'Structure model' 'Derived calculations'      
5 5 'Structure model' 'Data collection'           
6 5 'Structure model' 'Refinement description'    
7 6 'Structure model' 'Data collection'           
8 7 'Structure model' 'Structure summary'         
# 
loop_
_pdbx_audit_revision_category.ordinal 
_pdbx_audit_revision_category.revision_ordinal 
_pdbx_audit_revision_category.data_content_type 
_pdbx_audit_revision_category.category 
1  4 'Structure model' database_2                    
2  4 'Structure model' struct_conn                   
3  4 'Structure model' struct_ref_seq_dif            
4  4 'Structure model' struct_site                   
5  5 'Structure model' chem_comp_atom                
6  5 'Structure model' chem_comp_bond                
7  5 'Structure model' pdbx_initial_refinement_model 
8  6 'Structure model' chem_comp_atom                
9  6 'Structure model' chem_comp_bond                
10 7 'Structure model' pdbx_entry_details            
11 7 'Structure model' pdbx_modification_feature     
# 
loop_
_pdbx_audit_revision_item.ordinal 
_pdbx_audit_revision_item.revision_ordinal 
_pdbx_audit_revision_item.data_content_type 
_pdbx_audit_revision_item.item 
1 4 'Structure model' '_database_2.pdbx_DOI'                
2 4 'Structure model' '_database_2.pdbx_database_accession' 
3 4 'Structure model' '_struct_conn.pdbx_leaving_atom_flag' 
4 4 'Structure model' '_struct_ref_seq_dif.details'         
5 4 'Structure model' '_struct_site.pdbx_auth_asym_id'      
6 4 'Structure model' '_struct_site.pdbx_auth_comp_id'      
7 4 'Structure model' '_struct_site.pdbx_auth_seq_id'       
8 6 'Structure model' '_chem_comp_atom.atom_id'             
9 6 'Structure model' '_chem_comp_bond.atom_id_2'           
# 
_pdbx_database_status.status_code                     REL 
_pdbx_database_status.entry_id                        1Z3M 
_pdbx_database_status.recvd_initial_deposition_date   2005-03-14 
_pdbx_database_status.deposit_site                    RCSB 
_pdbx_database_status.process_site                    PDBJ 
_pdbx_database_status.status_code_sf                  REL 
_pdbx_database_status.status_code_mr                  ? 
_pdbx_database_status.SG_entry                        ? 
_pdbx_database_status.pdb_format_compatible           Y 
_pdbx_database_status.status_code_cs                  ? 
_pdbx_database_status.status_code_nmr_data            ? 
_pdbx_database_status.methods_development_category    ? 
# 
loop_
_pdbx_database_related.db_name 
_pdbx_database_related.db_id 
_pdbx_database_related.details 
_pdbx_database_related.content_type 
PDB 1D5D .                                unspecified 
PDB 1RBH .                                unspecified 
PDB 1D5E .                                unspecified 
PDB 1D5H .                                unspecified 
PDB 1RBC .                                unspecified 
PDB 1RBD .                                unspecified 
PDB 1Z3L 'mutant Ribonuclease S (F8Anb)'  unspecified 
PDB 1Z3P 'mutant Ribonuclease S (M13Nva)' unspecified 
# 
loop_
_audit_author.name 
_audit_author.pdbx_ordinal 
'Das, M.'          1 
'Vasudeva Rao, B.' 2 
'Ghosh, S.'        3 
'Varadarajan, R.'  4 
# 
_citation.id                        primary 
_citation.title                     
;Attempts to delineate the relative contributions of changes in hydrophobicity and packing to changes in stability of ribonuclease S mutants.
;
_citation.journal_abbrev            Biochemistry 
_citation.journal_volume            44 
_citation.page_first                5923 
_citation.page_last                 5930 
_citation.year                      2005 
_citation.journal_id_ASTM           BICHAW 
_citation.country                   US 
_citation.journal_id_ISSN           0006-2960 
_citation.journal_id_CSD            0033 
_citation.book_publisher            ? 
_citation.pdbx_database_id_PubMed   15823052 
_citation.pdbx_database_id_DOI      10.1021/bi050001+ 
# 
loop_
_citation_author.citation_id 
_citation_author.name 
_citation_author.ordinal 
_citation_author.identifier_ORCID 
primary 'Das, M.'         1 ? 
primary 'Rao, B.V.'       2 ? 
primary 'Ghosh, S.'       3 ? 
primary 'Varadarajan, R.' 4 ? 
# 
loop_
_entity.id 
_entity.type 
_entity.src_method 
_entity.pdbx_description 
_entity.formula_weight 
_entity.pdbx_number_of_molecules 
_entity.pdbx_ec 
_entity.pdbx_mutation 
_entity.pdbx_fragment 
_entity.details 
1 polymer     syn 'Ribonuclease pancreatic, S-Peptide' 1686.863  1  3.1.27.5 'F8NVA, M13NLE' ? ? 
2 polymer     nat 'Ribonuclease pancreatic, S-protein' 11555.981 1  3.1.27.5 ?               ? ? 
3 non-polymer syn 'SULFATE ION'                        96.063    2  ?        ?               ? ? 
4 water       nat water                                18.015    55 ?        ?               ? ? 
# 
loop_
_entity_name_com.entity_id 
_entity_name_com.name 
1 'RNase 1, RNase A' 
2 'RNase 1, RNase A' 
# 
loop_
_entity_poly.entity_id 
_entity_poly.type 
_entity_poly.nstd_linkage 
_entity_poly.nstd_monomer 
_entity_poly.pdbx_seq_one_letter_code 
_entity_poly.pdbx_seq_one_letter_code_can 
_entity_poly.pdbx_strand_id 
_entity_poly.pdbx_target_identifier 
1 'polypeptide(L)' no yes 'KETAAAK(NVA)ERQH(NLE)DS' KETAAAKVERQHLDS S ? 
2 'polypeptide(L)' no no  
;SSSNYCNQMMKSRNLTKDRCKPVNTFVHESLADVQAVCSQKNVACKNGQTNCYQSYSTMSITDCRETGSSKYPNCAYKTT
QANKHIIVACEGNPYVPVHFDASV
;
;SSSNYCNQMMKSRNLTKDRCKPVNTFVHESLADVQAVCSQKNVACKNGQTNCYQSYSTMSITDCRETGSSKYPNCAYKTT
QANKHIIVACEGNPYVPVHFDASV
;
E ? 
# 
loop_
_pdbx_entity_nonpoly.entity_id 
_pdbx_entity_nonpoly.name 
_pdbx_entity_nonpoly.comp_id 
3 'SULFATE ION' SO4 
4 water         HOH 
# 
loop_
_entity_poly_seq.entity_id 
_entity_poly_seq.num 
_entity_poly_seq.mon_id 
_entity_poly_seq.hetero 
1 1   LYS n 
1 2   GLU n 
1 3   THR n 
1 4   ALA n 
1 5   ALA n 
1 6   ALA n 
1 7   LYS n 
1 8   NVA n 
1 9   GLU n 
1 10  ARG n 
1 11  GLN n 
1 12  HIS n 
1 13  NLE n 
1 14  ASP n 
1 15  SER n 
2 1   SER n 
2 2   SER n 
2 3   SER n 
2 4   ASN n 
2 5   TYR n 
2 6   CYS n 
2 7   ASN n 
2 8   GLN n 
2 9   MET n 
2 10  MET n 
2 11  LYS n 
2 12  SER n 
2 13  ARG n 
2 14  ASN n 
2 15  LEU n 
2 16  THR n 
2 17  LYS n 
2 18  ASP n 
2 19  ARG n 
2 20  CYS n 
2 21  LYS n 
2 22  PRO n 
2 23  VAL n 
2 24  ASN n 
2 25  THR n 
2 26  PHE n 
2 27  VAL n 
2 28  HIS n 
2 29  GLU n 
2 30  SER n 
2 31  LEU n 
2 32  ALA n 
2 33  ASP n 
2 34  VAL n 
2 35  GLN n 
2 36  ALA n 
2 37  VAL n 
2 38  CYS n 
2 39  SER n 
2 40  GLN n 
2 41  LYS n 
2 42  ASN n 
2 43  VAL n 
2 44  ALA n 
2 45  CYS n 
2 46  LYS n 
2 47  ASN n 
2 48  GLY n 
2 49  GLN n 
2 50  THR n 
2 51  ASN n 
2 52  CYS n 
2 53  TYR n 
2 54  GLN n 
2 55  SER n 
2 56  TYR n 
2 57  SER n 
2 58  THR n 
2 59  MET n 
2 60  SER n 
2 61  ILE n 
2 62  THR n 
2 63  ASP n 
2 64  CYS n 
2 65  ARG n 
2 66  GLU n 
2 67  THR n 
2 68  GLY n 
2 69  SER n 
2 70  SER n 
2 71  LYS n 
2 72  TYR n 
2 73  PRO n 
2 74  ASN n 
2 75  CYS n 
2 76  ALA n 
2 77  TYR n 
2 78  LYS n 
2 79  THR n 
2 80  THR n 
2 81  GLN n 
2 82  ALA n 
2 83  ASN n 
2 84  LYS n 
2 85  HIS n 
2 86  ILE n 
2 87  ILE n 
2 88  VAL n 
2 89  ALA n 
2 90  CYS n 
2 91  GLU n 
2 92  GLY n 
2 93  ASN n 
2 94  PRO n 
2 95  TYR n 
2 96  VAL n 
2 97  PRO n 
2 98  VAL n 
2 99  HIS n 
2 100 PHE n 
2 101 ASP n 
2 102 ALA n 
2 103 SER n 
2 104 VAL n 
# 
_entity_src_nat.entity_id                  2 
_entity_src_nat.pdbx_src_id                1 
_entity_src_nat.pdbx_alt_source_flag       sample 
_entity_src_nat.pdbx_beg_seq_num           ? 
_entity_src_nat.pdbx_end_seq_num           ? 
_entity_src_nat.common_name                cattle 
_entity_src_nat.pdbx_organism_scientific   'Bos taurus' 
_entity_src_nat.pdbx_ncbi_taxonomy_id      9913 
_entity_src_nat.genus                      Bos 
_entity_src_nat.species                    ? 
_entity_src_nat.strain                     ? 
_entity_src_nat.tissue                     ? 
_entity_src_nat.tissue_fraction            ? 
_entity_src_nat.pdbx_secretion             ? 
_entity_src_nat.pdbx_fragment              ? 
_entity_src_nat.pdbx_variant               ? 
_entity_src_nat.pdbx_cell_line             ? 
_entity_src_nat.pdbx_atcc                  ? 
_entity_src_nat.pdbx_cellular_location     ? 
_entity_src_nat.pdbx_organ                 ? 
_entity_src_nat.pdbx_organelle             ? 
_entity_src_nat.pdbx_cell                  ? 
_entity_src_nat.pdbx_plasmid_name          ? 
_entity_src_nat.pdbx_plasmid_details       ? 
_entity_src_nat.details                    ? 
# 
_pdbx_entity_src_syn.entity_id              1 
_pdbx_entity_src_syn.pdbx_src_id            1 
_pdbx_entity_src_syn.pdbx_alt_source_flag   sample 
_pdbx_entity_src_syn.pdbx_beg_seq_num       ? 
_pdbx_entity_src_syn.pdbx_end_seq_num       ? 
_pdbx_entity_src_syn.organism_scientific    ? 
_pdbx_entity_src_syn.organism_common_name   ? 
_pdbx_entity_src_syn.ncbi_taxonomy_id       ? 
_pdbx_entity_src_syn.details                'S-Peptide synthesized by solid phase peptide synthesis' 
# 
loop_
_chem_comp.id 
_chem_comp.type 
_chem_comp.mon_nstd_flag 
_chem_comp.name 
_chem_comp.pdbx_synonyms 
_chem_comp.formula 
_chem_comp.formula_weight 
ALA 'L-peptide linking' y ALANINE         ? 'C3 H7 N O2'     89.093  
ARG 'L-peptide linking' y ARGININE        ? 'C6 H15 N4 O2 1' 175.209 
ASN 'L-peptide linking' y ASPARAGINE      ? 'C4 H8 N2 O3'    132.118 
ASP 'L-peptide linking' y 'ASPARTIC ACID' ? 'C4 H7 N O4'     133.103 
CYS 'L-peptide linking' y CYSTEINE        ? 'C3 H7 N O2 S'   121.158 
GLN 'L-peptide linking' y GLUTAMINE       ? 'C5 H10 N2 O3'   146.144 
GLU 'L-peptide linking' y 'GLUTAMIC ACID' ? 'C5 H9 N O4'     147.129 
GLY 'peptide linking'   y GLYCINE         ? 'C2 H5 N O2'     75.067  
HIS 'L-peptide linking' y HISTIDINE       ? 'C6 H10 N3 O2 1' 156.162 
HOH non-polymer         . WATER           ? 'H2 O'           18.015  
ILE 'L-peptide linking' y ISOLEUCINE      ? 'C6 H13 N O2'    131.173 
LEU 'L-peptide linking' y LEUCINE         ? 'C6 H13 N O2'    131.173 
LYS 'L-peptide linking' y LYSINE          ? 'C6 H15 N2 O2 1' 147.195 
MET 'L-peptide linking' y METHIONINE      ? 'C5 H11 N O2 S'  149.211 
NLE 'L-peptide linking' n NORLEUCINE      ? 'C6 H13 N O2'    131.173 
NVA 'L-peptide linking' n NORVALINE       ? 'C5 H11 N O2'    117.146 
PHE 'L-peptide linking' y PHENYLALANINE   ? 'C9 H11 N O2'    165.189 
PRO 'L-peptide linking' y PROLINE         ? 'C5 H9 N O2'     115.130 
SER 'L-peptide linking' y SERINE          ? 'C3 H7 N O3'     105.093 
SO4 non-polymer         . 'SULFATE ION'   ? 'O4 S -2'        96.063  
THR 'L-peptide linking' y THREONINE       ? 'C4 H9 N O3'     119.119 
TYR 'L-peptide linking' y TYROSINE        ? 'C9 H11 N O3'    181.189 
VAL 'L-peptide linking' y VALINE          ? 'C5 H11 N O2'    117.146 
# 
loop_
_pdbx_poly_seq_scheme.asym_id 
_pdbx_poly_seq_scheme.entity_id 
_pdbx_poly_seq_scheme.seq_id 
_pdbx_poly_seq_scheme.mon_id 
_pdbx_poly_seq_scheme.ndb_seq_num 
_pdbx_poly_seq_scheme.pdb_seq_num 
_pdbx_poly_seq_scheme.auth_seq_num 
_pdbx_poly_seq_scheme.pdb_mon_id 
_pdbx_poly_seq_scheme.auth_mon_id 
_pdbx_poly_seq_scheme.pdb_strand_id 
_pdbx_poly_seq_scheme.pdb_ins_code 
_pdbx_poly_seq_scheme.hetero 
A 1 1   LYS 1   1   1   LYS LYS S . n 
A 1 2   GLU 2   2   2   GLU GLU S . n 
A 1 3   THR 3   3   3   THR THR S . n 
A 1 4   ALA 4   4   4   ALA ALA S . n 
A 1 5   ALA 5   5   5   ALA ALA S . n 
A 1 6   ALA 6   6   6   ALA ALA S . n 
A 1 7   LYS 7   7   7   LYS LYS S . n 
A 1 8   NVA 8   8   8   NVA NVA S . n 
A 1 9   GLU 9   9   9   GLU GLU S . n 
A 1 10  ARG 10  10  10  ARG ARG S . n 
A 1 11  GLN 11  11  11  GLN GLN S . n 
A 1 12  HIS 12  12  12  HIS HIS S . n 
A 1 13  NLE 13  13  13  NLE NLE S . n 
A 1 14  ASP 14  14  14  ASP ASP S . n 
A 1 15  SER 15  15  15  SER SER S . n 
B 2 1   SER 1   21  21  SER SER E . n 
B 2 2   SER 2   22  22  SER SER E . n 
B 2 3   SER 3   23  23  SER SER E . n 
B 2 4   ASN 4   24  24  ASN ASN E . n 
B 2 5   TYR 5   25  25  TYR TYR E . n 
B 2 6   CYS 6   26  26  CYS CYS E . n 
B 2 7   ASN 7   27  27  ASN ASN E . n 
B 2 8   GLN 8   28  28  GLN GLN E . n 
B 2 9   MET 9   29  29  MET MET E . n 
B 2 10  MET 10  30  30  MET MET E . n 
B 2 11  LYS 11  31  31  LYS LYS E . n 
B 2 12  SER 12  32  32  SER SER E . n 
B 2 13  ARG 13  33  33  ARG ARG E . n 
B 2 14  ASN 14  34  34  ASN ASN E . n 
B 2 15  LEU 15  35  35  LEU LEU E . n 
B 2 16  THR 16  36  36  THR THR E . n 
B 2 17  LYS 17  37  37  LYS LYS E . n 
B 2 18  ASP 18  38  38  ASP ASP E . n 
B 2 19  ARG 19  39  39  ARG ARG E . n 
B 2 20  CYS 20  40  40  CYS CYS E . n 
B 2 21  LYS 21  41  41  LYS LYS E . n 
B 2 22  PRO 22  42  42  PRO PRO E . n 
B 2 23  VAL 23  43  43  VAL VAL E . n 
B 2 24  ASN 24  44  44  ASN ASN E . n 
B 2 25  THR 25  45  45  THR THR E . n 
B 2 26  PHE 26  46  46  PHE PHE E . n 
B 2 27  VAL 27  47  47  VAL VAL E . n 
B 2 28  HIS 28  48  48  HIS HIS E . n 
B 2 29  GLU 29  49  49  GLU GLU E . n 
B 2 30  SER 30  50  50  SER SER E . n 
B 2 31  LEU 31  51  51  LEU LEU E . n 
B 2 32  ALA 32  52  52  ALA ALA E . n 
B 2 33  ASP 33  53  53  ASP ASP E . n 
B 2 34  VAL 34  54  54  VAL VAL E . n 
B 2 35  GLN 35  55  55  GLN GLN E . n 
B 2 36  ALA 36  56  56  ALA ALA E . n 
B 2 37  VAL 37  57  57  VAL VAL E . n 
B 2 38  CYS 38  58  58  CYS CYS E . n 
B 2 39  SER 39  59  59  SER SER E . n 
B 2 40  GLN 40  60  60  GLN GLN E . n 
B 2 41  LYS 41  61  61  LYS LYS E . n 
B 2 42  ASN 42  62  62  ASN ASN E . n 
B 2 43  VAL 43  63  63  VAL VAL E . n 
B 2 44  ALA 44  64  64  ALA ALA E . n 
B 2 45  CYS 45  65  65  CYS CYS E . n 
B 2 46  LYS 46  66  66  LYS LYS E . n 
B 2 47  ASN 47  67  67  ASN ASN E . n 
B 2 48  GLY 48  68  68  GLY GLY E . n 
B 2 49  GLN 49  69  69  GLN GLN E . n 
B 2 50  THR 50  70  70  THR THR E . n 
B 2 51  ASN 51  71  71  ASN ASN E . n 
B 2 52  CYS 52  72  72  CYS CYS E . n 
B 2 53  TYR 53  73  73  TYR TYR E . n 
B 2 54  GLN 54  74  74  GLN GLN E . n 
B 2 55  SER 55  75  75  SER SER E . n 
B 2 56  TYR 56  76  76  TYR TYR E . n 
B 2 57  SER 57  77  77  SER SER E . n 
B 2 58  THR 58  78  78  THR THR E . n 
B 2 59  MET 59  79  79  MET MET E . n 
B 2 60  SER 60  80  80  SER SER E . n 
B 2 61  ILE 61  81  81  ILE ILE E . n 
B 2 62  THR 62  82  82  THR THR E . n 
B 2 63  ASP 63  83  83  ASP ASP E . n 
B 2 64  CYS 64  84  84  CYS CYS E . n 
B 2 65  ARG 65  85  85  ARG ARG E . n 
B 2 66  GLU 66  86  86  GLU GLU E . n 
B 2 67  THR 67  87  87  THR THR E . n 
B 2 68  GLY 68  88  88  GLY GLY E . n 
B 2 69  SER 69  89  89  SER SER E . n 
B 2 70  SER 70  90  90  SER SER E . n 
B 2 71  LYS 71  91  91  LYS LYS E . n 
B 2 72  TYR 72  92  92  TYR TYR E . n 
B 2 73  PRO 73  93  93  PRO PRO E . n 
B 2 74  ASN 74  94  94  ASN ASN E . n 
B 2 75  CYS 75  95  95  CYS CYS E . n 
B 2 76  ALA 76  96  96  ALA ALA E . n 
B 2 77  TYR 77  97  97  TYR TYR E . n 
B 2 78  LYS 78  98  98  LYS LYS E . n 
B 2 79  THR 79  99  99  THR THR E . n 
B 2 80  THR 80  100 100 THR THR E . n 
B 2 81  GLN 81  101 101 GLN GLN E . n 
B 2 82  ALA 82  102 102 ALA ALA E . n 
B 2 83  ASN 83  103 103 ASN ASN E . n 
B 2 84  LYS 84  104 104 LYS LYS E . n 
B 2 85  HIS 85  105 105 HIS HIS E . n 
B 2 86  ILE 86  106 106 ILE ILE E . n 
B 2 87  ILE 87  107 107 ILE ILE E . n 
B 2 88  VAL 88  108 108 VAL VAL E . n 
B 2 89  ALA 89  109 109 ALA ALA E . n 
B 2 90  CYS 90  110 110 CYS CYS E . n 
B 2 91  GLU 91  111 111 GLU GLU E . n 
B 2 92  GLY 92  112 112 GLY GLY E . n 
B 2 93  ASN 93  113 113 ASN ASN E . n 
B 2 94  PRO 94  114 114 PRO PRO E . n 
B 2 95  TYR 95  115 115 TYR TYR E . n 
B 2 96  VAL 96  116 116 VAL VAL E . n 
B 2 97  PRO 97  117 117 PRO PRO E . n 
B 2 98  VAL 98  118 118 VAL VAL E . n 
B 2 99  HIS 99  119 119 HIS HIS E . n 
B 2 100 PHE 100 120 120 PHE PHE E . n 
B 2 101 ASP 101 121 121 ASP ASP E . n 
B 2 102 ALA 102 122 122 ALA ALA E . n 
B 2 103 SER 103 123 123 SER SER E . n 
B 2 104 VAL 104 124 124 VAL VAL E . n 
# 
loop_
_pdbx_nonpoly_scheme.asym_id 
_pdbx_nonpoly_scheme.entity_id 
_pdbx_nonpoly_scheme.mon_id 
_pdbx_nonpoly_scheme.ndb_seq_num 
_pdbx_nonpoly_scheme.pdb_seq_num 
_pdbx_nonpoly_scheme.auth_seq_num 
_pdbx_nonpoly_scheme.pdb_mon_id 
_pdbx_nonpoly_scheme.auth_mon_id 
_pdbx_nonpoly_scheme.pdb_strand_id 
_pdbx_nonpoly_scheme.pdb_ins_code 
C 3 SO4 1  125 125 SO4 SO4 E . 
D 3 SO4 1  126 126 SO4 SO4 E . 
E 4 HOH 1  213 213 HOH HOH S . 
E 4 HOH 2  215 215 HOH HOH S . 
E 4 HOH 3  222 222 HOH HOH S . 
E 4 HOH 4  223 223 HOH HOH S . 
E 4 HOH 5  228 228 HOH HOH S . 
E 4 HOH 6  235 235 HOH HOH S . 
E 4 HOH 7  245 245 HOH HOH S . 
E 4 HOH 8  247 247 HOH HOH S . 
F 4 HOH 1  201 201 HOH HOH E . 
F 4 HOH 2  202 202 HOH HOH E . 
F 4 HOH 3  203 203 HOH HOH E . 
F 4 HOH 4  204 204 HOH HOH E . 
F 4 HOH 5  205 205 HOH HOH E . 
F 4 HOH 6  206 206 HOH HOH E . 
F 4 HOH 7  207 207 HOH HOH E . 
F 4 HOH 8  208 208 HOH HOH E . 
F 4 HOH 9  209 209 HOH HOH E . 
F 4 HOH 10 210 210 HOH HOH E . 
F 4 HOH 11 211 211 HOH HOH E . 
F 4 HOH 12 212 212 HOH HOH E . 
F 4 HOH 13 214 214 HOH HOH E . 
F 4 HOH 14 216 216 HOH HOH E . 
F 4 HOH 15 217 217 HOH HOH E . 
F 4 HOH 16 218 218 HOH HOH E . 
F 4 HOH 17 219 219 HOH HOH E . 
F 4 HOH 18 220 220 HOH HOH E . 
F 4 HOH 19 221 221 HOH HOH E . 
F 4 HOH 20 224 224 HOH HOH E . 
F 4 HOH 21 225 225 HOH HOH E . 
F 4 HOH 22 226 226 HOH HOH E . 
F 4 HOH 23 227 227 HOH HOH E . 
F 4 HOH 24 229 229 HOH HOH E . 
F 4 HOH 25 230 230 HOH HOH E . 
F 4 HOH 26 231 231 HOH HOH E . 
F 4 HOH 27 232 232 HOH HOH E . 
F 4 HOH 28 233 233 HOH HOH E . 
F 4 HOH 29 234 234 HOH HOH E . 
F 4 HOH 30 236 236 HOH HOH E . 
F 4 HOH 31 237 237 HOH HOH E . 
F 4 HOH 32 238 238 HOH HOH E . 
F 4 HOH 33 239 239 HOH HOH E . 
F 4 HOH 34 240 240 HOH HOH E . 
F 4 HOH 35 241 241 HOH HOH E . 
F 4 HOH 36 242 242 HOH HOH E . 
F 4 HOH 37 243 243 HOH HOH E . 
F 4 HOH 38 244 244 HOH HOH E . 
F 4 HOH 39 246 246 HOH HOH E . 
F 4 HOH 40 248 248 HOH HOH E . 
F 4 HOH 41 249 249 HOH HOH E . 
F 4 HOH 42 250 250 HOH HOH E . 
F 4 HOH 43 251 251 HOH HOH E . 
F 4 HOH 44 252 252 HOH HOH E . 
F 4 HOH 45 253 253 HOH HOH E . 
F 4 HOH 46 254 254 HOH HOH E . 
F 4 HOH 47 255 255 HOH HOH E . 
# 
loop_
_software.name 
_software.classification 
_software.version 
_software.citation_id 
_software.pdbx_ordinal 
CNS       refinement       1.1 ? 1 
HKL-2000  'data reduction' .   ? 2 
SCALEPACK 'data scaling'   .   ? 3 
CNS       phasing          1.1 ? 4 
# 
_cell.entry_id           1Z3M 
_cell.length_a           44.391 
_cell.length_b           44.391 
_cell.length_c           97.697 
_cell.angle_alpha        90.00 
_cell.angle_beta         90.00 
_cell.angle_gamma        120.00 
_cell.Z_PDB              6 
_cell.pdbx_unique_axis   ? 
# 
_symmetry.entry_id                         1Z3M 
_symmetry.space_group_name_H-M             'P 31 2 1' 
_symmetry.pdbx_full_space_group_name_H-M   ? 
_symmetry.cell_setting                     ? 
_symmetry.Int_Tables_number                152 
_symmetry.space_group_name_Hall            ? 
# 
_exptl.entry_id          1Z3M 
_exptl.method            'X-RAY DIFFRACTION' 
_exptl.crystals_number   1 
# 
_exptl_crystal.id                    1 
_exptl_crystal.density_meas          ? 
_exptl_crystal.density_Matthews      2.10 
_exptl_crystal.density_percent_sol   41.38 
_exptl_crystal.description           ? 
_exptl_crystal.F_000                 ? 
_exptl_crystal.preparation           ? 
# 
_exptl_crystal_grow.crystal_id      1 
_exptl_crystal_grow.method          'Batch method' 
_exptl_crystal_grow.temp            293 
_exptl_crystal_grow.temp_details    ? 
_exptl_crystal_grow.pH              5.75 
_exptl_crystal_grow.pdbx_details    'ammonium sulfate, cesium chloride, sodium acetate, pH 5.75, Batch method, temperature 293K' 
_exptl_crystal_grow.pdbx_pH_range   . 
# 
_diffrn.id                     1 
_diffrn.ambient_temp           293 
_diffrn.ambient_temp_details   ? 
_diffrn.crystal_id             1 
# 
_diffrn_detector.diffrn_id              1 
_diffrn_detector.detector               'IMAGE PLATE' 
_diffrn_detector.type                   MARRESEARCH 
_diffrn_detector.pdbx_collection_date   2003-12-07 
_diffrn_detector.details                ? 
# 
_diffrn_radiation.diffrn_id                        1 
_diffrn_radiation.wavelength_id                    1 
_diffrn_radiation.pdbx_monochromatic_or_laue_m_l   M 
_diffrn_radiation.monochromator                    ? 
_diffrn_radiation.pdbx_diffrn_protocol             'SINGLE WAVELENGTH' 
_diffrn_radiation.pdbx_scattering_type             x-ray 
# 
_diffrn_radiation_wavelength.id           1 
_diffrn_radiation_wavelength.wavelength   1.5418 
_diffrn_radiation_wavelength.wt           1.0 
# 
_diffrn_source.diffrn_id                   1 
_diffrn_source.source                      'ROTATING ANODE' 
_diffrn_source.type                        'RIGAKU RU200' 
_diffrn_source.pdbx_synchrotron_site       ? 
_diffrn_source.pdbx_synchrotron_beamline   ? 
_diffrn_source.pdbx_wavelength             ? 
_diffrn_source.pdbx_wavelength_list        1.5418 
# 
_reflns.entry_id                     1Z3M 
_reflns.observed_criterion_sigma_I   0.0 
_reflns.observed_criterion_sigma_F   0.0 
_reflns.d_resolution_low             20.0 
_reflns.d_resolution_high            2.0 
_reflns.number_obs                   7993 
_reflns.number_all                   8033 
_reflns.percent_possible_obs         99.7 
_reflns.pdbx_Rmerge_I_obs            0.106 
_reflns.pdbx_Rsym_value              ? 
_reflns.pdbx_netI_over_sigmaI        ? 
_reflns.B_iso_Wilson_estimate        26.1 
_reflns.pdbx_redundancy              6.3 
_reflns.R_free_details               ? 
_reflns.limit_h_max                  ? 
_reflns.limit_h_min                  ? 
_reflns.limit_k_max                  ? 
_reflns.limit_k_min                  ? 
_reflns.limit_l_max                  ? 
_reflns.limit_l_min                  ? 
_reflns.observed_criterion_F_max     ? 
_reflns.observed_criterion_F_min     ? 
_reflns.pdbx_chi_squared             ? 
_reflns.pdbx_scaling_rejects         ? 
_reflns.pdbx_diffrn_id               1 
_reflns.pdbx_ordinal                 1 
# 
_reflns_shell.d_res_high             2.00 
_reflns_shell.d_res_low              2.07 
_reflns_shell.percent_possible_all   100 
_reflns_shell.Rmerge_I_obs           0.203 
_reflns_shell.pdbx_Rsym_value        ? 
_reflns_shell.meanI_over_sigI_obs    ? 
_reflns_shell.pdbx_redundancy        ? 
_reflns_shell.percent_possible_obs   ? 
_reflns_shell.number_unique_all      ? 
_reflns_shell.number_measured_all    ? 
_reflns_shell.number_measured_obs    ? 
_reflns_shell.number_unique_obs      ? 
_reflns_shell.pdbx_chi_squared       ? 
_reflns_shell.pdbx_diffrn_id         ? 
_reflns_shell.pdbx_ordinal           1 
# 
_refine.entry_id                                 1Z3M 
_refine.ls_number_reflns_obs                     7954 
_refine.ls_number_reflns_all                     8033 
_refine.pdbx_ls_sigma_I                          ? 
_refine.pdbx_ls_sigma_F                          0.0 
_refine.pdbx_data_cutoff_high_absF               973406.82 
_refine.pdbx_data_cutoff_low_absF                0.000000 
_refine.pdbx_data_cutoff_high_rms_absF           ? 
_refine.ls_d_res_low                             14.99 
_refine.ls_d_res_high                            2.00 
_refine.ls_percent_reflns_obs                    99.6 
_refine.ls_R_factor_obs                          0.195 
_refine.ls_R_factor_all                          ? 
_refine.ls_R_factor_R_work                       0.195 
_refine.ls_R_factor_R_free                       0.247 
_refine.ls_R_factor_R_free_error                 0.013 
_refine.ls_R_factor_R_free_error_details         ? 
_refine.ls_percent_reflns_R_free                 4.6 
_refine.ls_number_reflns_R_free                  365 
_refine.ls_number_parameters                     ? 
_refine.ls_number_restraints                     ? 
_refine.occupancy_min                            ? 
_refine.occupancy_max                            ? 
_refine.correlation_coeff_Fo_to_Fc               ? 
_refine.correlation_coeff_Fo_to_Fc_free          ? 
_refine.B_iso_mean                               29.4 
_refine.aniso_B[1][1]                            ? 
_refine.aniso_B[2][2]                            ? 
_refine.aniso_B[3][3]                            ? 
_refine.aniso_B[1][2]                            ? 
_refine.aniso_B[1][3]                            ? 
_refine.aniso_B[2][3]                            ? 
_refine.solvent_model_details                    'FLAT MODEL' 
_refine.solvent_model_param_ksol                 0.375282 
_refine.solvent_model_param_bsol                 44.1375 
_refine.pdbx_solvent_vdw_probe_radii             ? 
_refine.pdbx_solvent_ion_probe_radii             ? 
_refine.pdbx_solvent_shrinkage_radii             ? 
_refine.pdbx_ls_cross_valid_method               THROUGHOUT 
_refine.details                                  ? 
_refine.pdbx_starting_model                      'Pdb Entry 2RLN' 
_refine.pdbx_method_to_determine_struct          'MOLECULAR REPLACEMENT' 
_refine.pdbx_isotropic_thermal_model             RESTRAINED 
_refine.pdbx_stereochemistry_target_values       'Engh & Huber' 
_refine.pdbx_stereochem_target_val_spec_case     ? 
_refine.pdbx_R_Free_selection_details            RANDOM 
_refine.pdbx_overall_ESU_R                       ? 
_refine.pdbx_overall_ESU_R_Free                  ? 
_refine.overall_SU_ML                            ? 
_refine.overall_SU_B                             ? 
_refine.ls_redundancy_reflns_obs                 ? 
_refine.B_iso_min                                ? 
_refine.B_iso_max                                ? 
_refine.overall_SU_R_Cruickshank_DPI             ? 
_refine.overall_SU_R_free                        ? 
_refine.ls_wR_factor_R_free                      ? 
_refine.ls_wR_factor_R_work                      ? 
_refine.overall_FOM_free_R_set                   ? 
_refine.overall_FOM_work_R_set                   ? 
_refine.pdbx_refine_id                           'X-RAY DIFFRACTION' 
_refine.pdbx_diffrn_id                           1 
_refine.pdbx_TLS_residual_ADP_flag               ? 
_refine.pdbx_overall_phase_error                 ? 
_refine.pdbx_overall_SU_R_free_Cruickshank_DPI   ? 
_refine.pdbx_overall_SU_R_Blow_DPI               ? 
_refine.pdbx_overall_SU_R_free_Blow_DPI          ? 
# 
_refine_analyze.entry_id                        1Z3M 
_refine_analyze.Luzzati_coordinate_error_obs    0.22 
_refine_analyze.Luzzati_sigma_a_obs             0.08 
_refine_analyze.Luzzati_d_res_low_obs           15.00 
_refine_analyze.Luzzati_coordinate_error_free   0.29 
_refine_analyze.Luzzati_sigma_a_free            0.15 
_refine_analyze.Luzzati_d_res_low_free          ? 
_refine_analyze.number_disordered_residues      ? 
_refine_analyze.occupancy_sum_hydrogen          ? 
_refine_analyze.occupancy_sum_non_hydrogen      ? 
_refine_analyze.pdbx_Luzzati_d_res_high_obs     ? 
_refine_analyze.pdbx_refine_id                  'X-RAY DIFFRACTION' 
# 
_refine_hist.pdbx_refine_id                   'X-RAY DIFFRACTION' 
_refine_hist.cycle_id                         LAST 
_refine_hist.pdbx_number_atoms_protein        919 
_refine_hist.pdbx_number_atoms_nucleic_acid   0 
_refine_hist.pdbx_number_atoms_ligand         10 
_refine_hist.number_atoms_solvent             55 
_refine_hist.number_atoms_total               984 
_refine_hist.d_res_high                       2.00 
_refine_hist.d_res_low                        14.99 
# 
loop_
_refine_ls_restr.type 
_refine_ls_restr.dev_ideal 
_refine_ls_restr.dev_ideal_target 
_refine_ls_restr.weight 
_refine_ls_restr.number 
_refine_ls_restr.pdbx_refine_id 
_refine_ls_restr.pdbx_restraint_function 
c_bond_d           0.005 ?    ? ? 'X-RAY DIFFRACTION' ? 
c_angle_deg        1.2   ?    ? ? 'X-RAY DIFFRACTION' ? 
c_dihedral_angle_d 24.5  ?    ? ? 'X-RAY DIFFRACTION' ? 
c_improper_angle_d 0.69  ?    ? ? 'X-RAY DIFFRACTION' ? 
c_mcbond_it        1.57  1.50 ? ? 'X-RAY DIFFRACTION' ? 
c_mcangle_it       2.59  2.00 ? ? 'X-RAY DIFFRACTION' ? 
c_scbond_it        2.39  2.00 ? ? 'X-RAY DIFFRACTION' ? 
c_scangle_it       3.71  2.50 ? ? 'X-RAY DIFFRACTION' ? 
# 
_refine_ls_shell.pdbx_total_number_of_bins_used   7 
_refine_ls_shell.d_res_high                       2.00 
_refine_ls_shell.d_res_low                        2.11 
_refine_ls_shell.number_reflns_R_work             1068 
_refine_ls_shell.R_factor_R_work                  0.199 
_refine_ls_shell.percent_reflns_obs               99.6 
_refine_ls_shell.R_factor_R_free                  0.232 
_refine_ls_shell.R_factor_R_free_error            0.033 
_refine_ls_shell.percent_reflns_R_free            4.4 
_refine_ls_shell.number_reflns_R_free             49 
_refine_ls_shell.number_reflns_obs                781 
_refine_ls_shell.redundancy_reflns_obs            ? 
_refine_ls_shell.number_reflns_all                ? 
_refine_ls_shell.pdbx_refine_id                   'X-RAY DIFFRACTION' 
_refine_ls_shell.R_factor_all                     ? 
# 
loop_
_pdbx_xplor_file.serial_no 
_pdbx_xplor_file.param_file 
_pdbx_xplor_file.topol_file 
_pdbx_xplor_file.pdbx_refine_id 
1 PROT.PARAM        PROTEIN1.TOP 'X-RAY DIFFRACTION' 
2 DNA-RNA_REP.PARAM DNA-RNA.TOP  'X-RAY DIFFRACTION' 
3 WATER_REP.PARAM   WATER.TOP    'X-RAY DIFFRACTION' 
4 ION.PARAM         ION.TOP      'X-RAY DIFFRACTION' 
# 
_struct.entry_id                  1Z3M 
_struct.title                     'Crystal structure of mutant Ribonuclease S (F8Nva)' 
_struct.pdbx_model_details        ? 
_struct.pdbx_CASP_flag            ? 
_struct.pdbx_model_type_details   ? 
# 
_struct_keywords.entry_id        1Z3M 
_struct_keywords.pdbx_keywords   HYDROLASE 
_struct_keywords.text            'RNase S mutant (F8Nva), S-Peptide, S-Protein, Cavity, hydrolase' 
# 
loop_
_struct_asym.id 
_struct_asym.pdbx_blank_PDB_chainid_flag 
_struct_asym.pdbx_modified 
_struct_asym.entity_id 
_struct_asym.details 
A N N 1 ? 
B N N 2 ? 
C N N 3 ? 
D N N 3 ? 
E N N 4 ? 
F N N 4 ? 
# 
loop_
_struct_ref.id 
_struct_ref.db_name 
_struct_ref.db_code 
_struct_ref.pdbx_db_accession 
_struct_ref.entity_id 
_struct_ref.pdbx_seq_one_letter_code 
_struct_ref.pdbx_align_begin 
_struct_ref.pdbx_db_isoform 
1 UNP RNP_BOVIN P61823 1 KETAAAKFERQHMDS 27 ? 
2 UNP RNP_BOVIN P61823 2 
;SSSNYCNQMMKSRNLTKDRCKPVNTFVHESLADVQAVCSQKNVACKNGQTNCYQSYSTMSITDCRETGSSKYPNCAYKTT
QANKHIIVACEGNPYVPVHFDASV
;
47 ? 
# 
loop_
_struct_ref_seq.align_id 
_struct_ref_seq.ref_id 
_struct_ref_seq.pdbx_PDB_id_code 
_struct_ref_seq.pdbx_strand_id 
_struct_ref_seq.seq_align_beg 
_struct_ref_seq.pdbx_seq_align_beg_ins_code 
_struct_ref_seq.seq_align_end 
_struct_ref_seq.pdbx_seq_align_end_ins_code 
_struct_ref_seq.pdbx_db_accession 
_struct_ref_seq.db_align_beg 
_struct_ref_seq.pdbx_db_align_beg_ins_code 
_struct_ref_seq.db_align_end 
_struct_ref_seq.pdbx_db_align_end_ins_code 
_struct_ref_seq.pdbx_auth_seq_align_beg 
_struct_ref_seq.pdbx_auth_seq_align_end 
1 1 1Z3M S 1 ? 15  ? P61823 27 ? 41  ? 1  15  
2 2 1Z3M E 1 ? 104 ? P61823 47 ? 150 ? 21 124 
# 
loop_
_struct_ref_seq_dif.align_id 
_struct_ref_seq_dif.pdbx_pdb_id_code 
_struct_ref_seq_dif.mon_id 
_struct_ref_seq_dif.pdbx_pdb_strand_id 
_struct_ref_seq_dif.seq_num 
_struct_ref_seq_dif.pdbx_pdb_ins_code 
_struct_ref_seq_dif.pdbx_seq_db_name 
_struct_ref_seq_dif.pdbx_seq_db_accession_code 
_struct_ref_seq_dif.db_mon_id 
_struct_ref_seq_dif.pdbx_seq_db_seq_num 
_struct_ref_seq_dif.details 
_struct_ref_seq_dif.pdbx_auth_seq_num 
_struct_ref_seq_dif.pdbx_ordinal 
1 1Z3M NVA S 8  ? UNP P61823 PHE 34 'engineered mutation' 8  1 
1 1Z3M NLE S 13 ? UNP P61823 MET 39 'engineered mutation' 13 2 
# 
loop_
_pdbx_struct_assembly.id 
_pdbx_struct_assembly.details 
_pdbx_struct_assembly.method_details 
_pdbx_struct_assembly.oligomeric_details 
_pdbx_struct_assembly.oligomeric_count 
1 author_and_software_defined_assembly PISA dimeric    2 
2 software_defined_assembly            PISA tetrameric 4 
# 
loop_
_pdbx_struct_assembly_prop.biol_id 
_pdbx_struct_assembly_prop.type 
_pdbx_struct_assembly_prop.value 
_pdbx_struct_assembly_prop.details 
1 'ABSA (A^2)' 1760  ? 
1 MORE         -33   ? 
1 'SSA (A^2)'  6700  ? 
2 'ABSA (A^2)' 5500  ? 
2 MORE         -73   ? 
2 'SSA (A^2)'  11430 ? 
# 
loop_
_pdbx_struct_assembly_gen.assembly_id 
_pdbx_struct_assembly_gen.oper_expression 
_pdbx_struct_assembly_gen.asym_id_list 
1 1   A,B,C,D,E,F 
2 1,2 A,B,C,D,E,F 
# 
loop_
_pdbx_struct_oper_list.id 
_pdbx_struct_oper_list.type 
_pdbx_struct_oper_list.name 
_pdbx_struct_oper_list.symmetry_operation 
_pdbx_struct_oper_list.matrix[1][1] 
_pdbx_struct_oper_list.matrix[1][2] 
_pdbx_struct_oper_list.matrix[1][3] 
_pdbx_struct_oper_list.vector[1] 
_pdbx_struct_oper_list.matrix[2][1] 
_pdbx_struct_oper_list.matrix[2][2] 
_pdbx_struct_oper_list.matrix[2][3] 
_pdbx_struct_oper_list.vector[2] 
_pdbx_struct_oper_list.matrix[3][1] 
_pdbx_struct_oper_list.matrix[3][2] 
_pdbx_struct_oper_list.matrix[3][3] 
_pdbx_struct_oper_list.vector[3] 
1 'identity operation'         1_555 x,y,z  1.0000000000  0.0000000000  0.0000000000  0.0000000000  0.0000000000  1.0000000000  0.0000000000 0.0000000000  0.0000000000  0.0000000000 1.0000000000 0.0000000000 
2 'crystal symmetry operation' 4_555 y,x,-z -0.7839942627 -0.2522458248 -0.5672081098 18.6228803368 -0.2522458248 -0.7054339530 0.6623707284 -5.0261121698 -0.5672081098 0.6623707284 0.4894282158 9.3272023362 
# 
_struct_biol.id                    1 
_struct_biol.pdbx_parent_biol_id   ? 
_struct_biol.details               ? 
# 
loop_
_struct_conf.conf_type_id 
_struct_conf.id 
_struct_conf.pdbx_PDB_helix_id 
_struct_conf.beg_label_comp_id 
_struct_conf.beg_label_asym_id 
_struct_conf.beg_label_seq_id 
_struct_conf.pdbx_beg_PDB_ins_code 
_struct_conf.end_label_comp_id 
_struct_conf.end_label_asym_id 
_struct_conf.end_label_seq_id 
_struct_conf.pdbx_end_PDB_ins_code 
_struct_conf.beg_auth_comp_id 
_struct_conf.beg_auth_asym_id 
_struct_conf.beg_auth_seq_id 
_struct_conf.end_auth_comp_id 
_struct_conf.end_auth_asym_id 
_struct_conf.end_auth_seq_id 
_struct_conf.pdbx_PDB_helix_class 
_struct_conf.details 
_struct_conf.pdbx_PDB_helix_length 
HELX_P HELX_P1 1 THR A 3  ? NLE A 13 ? THR S 3  NLE S 13 1 ? 11 
HELX_P HELX_P2 2 ASN B 4  ? ARG B 13 ? ASN E 24 ARG E 33 1 ? 10 
HELX_P HELX_P3 3 SER B 30 ? ALA B 36 ? SER E 50 ALA E 56 1 ? 7  
HELX_P HELX_P4 4 VAL B 37 ? GLN B 40 ? VAL E 57 GLN E 60 5 ? 4  
# 
_struct_conf_type.id          HELX_P 
_struct_conf_type.criteria    ? 
_struct_conf_type.reference   ? 
# 
loop_
_struct_conn.id 
_struct_conn.conn_type_id 
_struct_conn.pdbx_leaving_atom_flag 
_struct_conn.pdbx_PDB_id 
_struct_conn.ptnr1_label_asym_id 
_struct_conn.ptnr1_label_comp_id 
_struct_conn.ptnr1_label_seq_id 
_struct_conn.ptnr1_label_atom_id 
_struct_conn.pdbx_ptnr1_label_alt_id 
_struct_conn.pdbx_ptnr1_PDB_ins_code 
_struct_conn.pdbx_ptnr1_standard_comp_id 
_struct_conn.ptnr1_symmetry 
_struct_conn.ptnr2_label_asym_id 
_struct_conn.ptnr2_label_comp_id 
_struct_conn.ptnr2_label_seq_id 
_struct_conn.ptnr2_label_atom_id 
_struct_conn.pdbx_ptnr2_label_alt_id 
_struct_conn.pdbx_ptnr2_PDB_ins_code 
_struct_conn.ptnr1_auth_asym_id 
_struct_conn.ptnr1_auth_comp_id 
_struct_conn.ptnr1_auth_seq_id 
_struct_conn.ptnr2_auth_asym_id 
_struct_conn.ptnr2_auth_comp_id 
_struct_conn.ptnr2_auth_seq_id 
_struct_conn.ptnr2_symmetry 
_struct_conn.pdbx_ptnr3_label_atom_id 
_struct_conn.pdbx_ptnr3_label_seq_id 
_struct_conn.pdbx_ptnr3_label_comp_id 
_struct_conn.pdbx_ptnr3_label_asym_id 
_struct_conn.pdbx_ptnr3_label_alt_id 
_struct_conn.pdbx_ptnr3_PDB_ins_code 
_struct_conn.details 
_struct_conn.pdbx_dist_value 
_struct_conn.pdbx_value_order 
_struct_conn.pdbx_role 
disulf1 disulf ?    ? B CYS 6  SG ? ? ? 1_555 B CYS 64 SG ? ? E CYS 26 E CYS 84  1_555 ? ? ? ? ? ? ? 2.026 ? ? 
disulf2 disulf ?    ? B CYS 20 SG ? ? ? 1_555 B CYS 75 SG ? ? E CYS 40 E CYS 95  1_555 ? ? ? ? ? ? ? 2.029 ? ? 
disulf3 disulf ?    ? B CYS 38 SG ? ? ? 1_555 B CYS 90 SG ? ? E CYS 58 E CYS 110 1_555 ? ? ? ? ? ? ? 2.027 ? ? 
disulf4 disulf ?    ? B CYS 45 SG ? ? ? 1_555 B CYS 52 SG ? ? E CYS 65 E CYS 72  1_555 ? ? ? ? ? ? ? 2.027 ? ? 
covale1 covale both ? A LYS 7  C  ? ? ? 1_555 A NVA 8  N  ? ? S LYS 7  S NVA 8   1_555 ? ? ? ? ? ? ? 1.329 ? ? 
covale2 covale both ? A NVA 8  C  ? ? ? 1_555 A GLU 9  N  ? ? S NVA 8  S GLU 9   1_555 ? ? ? ? ? ? ? 1.330 ? ? 
covale3 covale both ? A HIS 12 C  ? ? ? 1_555 A NLE 13 N  ? ? S HIS 12 S NLE 13  1_555 ? ? ? ? ? ? ? 1.324 ? ? 
covale4 covale both ? A NLE 13 C  ? ? ? 1_555 A ASP 14 N  ? ? S NLE 13 S ASP 14  1_555 ? ? ? ? ? ? ? 1.331 ? ? 
# 
loop_
_struct_conn_type.id 
_struct_conn_type.criteria 
_struct_conn_type.reference 
disulf ? ? 
covale ? ? 
# 
loop_
_pdbx_modification_feature.ordinal 
_pdbx_modification_feature.label_comp_id 
_pdbx_modification_feature.label_asym_id 
_pdbx_modification_feature.label_seq_id 
_pdbx_modification_feature.label_alt_id 
_pdbx_modification_feature.modified_residue_label_comp_id 
_pdbx_modification_feature.modified_residue_label_asym_id 
_pdbx_modification_feature.modified_residue_label_seq_id 
_pdbx_modification_feature.modified_residue_label_alt_id 
_pdbx_modification_feature.auth_comp_id 
_pdbx_modification_feature.auth_asym_id 
_pdbx_modification_feature.auth_seq_id 
_pdbx_modification_feature.PDB_ins_code 
_pdbx_modification_feature.symmetry 
_pdbx_modification_feature.modified_residue_auth_comp_id 
_pdbx_modification_feature.modified_residue_auth_asym_id 
_pdbx_modification_feature.modified_residue_auth_seq_id 
_pdbx_modification_feature.modified_residue_PDB_ins_code 
_pdbx_modification_feature.modified_residue_symmetry 
_pdbx_modification_feature.comp_id_linking_atom 
_pdbx_modification_feature.modified_residue_id_linking_atom 
_pdbx_modification_feature.modified_residue_id 
_pdbx_modification_feature.ref_pcm_id 
_pdbx_modification_feature.ref_comp_id 
_pdbx_modification_feature.type 
_pdbx_modification_feature.category 
1 NVA A 8  ? .   . .  . NVA S 8  ? 1_555 .   . .   . .     .  .  VAL 1 NVA Norvaline  'Named protein modification' 
2 NLE A 13 ? .   . .  . NLE S 13 ? 1_555 .   . .   . .     .  .  LEU 1 NLE Norleucine 'Named protein modification' 
3 CYS B 6  ? CYS B 64 ? CYS E 26 ? 1_555 CYS E 84  ? 1_555 SG SG .   . .   None       'Disulfide bridge'           
4 CYS B 20 ? CYS B 75 ? CYS E 40 ? 1_555 CYS E 95  ? 1_555 SG SG .   . .   None       'Disulfide bridge'           
5 CYS B 38 ? CYS B 90 ? CYS E 58 ? 1_555 CYS E 110 ? 1_555 SG SG .   . .   None       'Disulfide bridge'           
6 CYS B 45 ? CYS B 52 ? CYS E 65 ? 1_555 CYS E 72  ? 1_555 SG SG .   . .   None       'Disulfide bridge'           
# 
loop_
_struct_mon_prot_cis.pdbx_id 
_struct_mon_prot_cis.label_comp_id 
_struct_mon_prot_cis.label_seq_id 
_struct_mon_prot_cis.label_asym_id 
_struct_mon_prot_cis.label_alt_id 
_struct_mon_prot_cis.pdbx_PDB_ins_code 
_struct_mon_prot_cis.auth_comp_id 
_struct_mon_prot_cis.auth_seq_id 
_struct_mon_prot_cis.auth_asym_id 
_struct_mon_prot_cis.pdbx_label_comp_id_2 
_struct_mon_prot_cis.pdbx_label_seq_id_2 
_struct_mon_prot_cis.pdbx_label_asym_id_2 
_struct_mon_prot_cis.pdbx_PDB_ins_code_2 
_struct_mon_prot_cis.pdbx_auth_comp_id_2 
_struct_mon_prot_cis.pdbx_auth_seq_id_2 
_struct_mon_prot_cis.pdbx_auth_asym_id_2 
_struct_mon_prot_cis.pdbx_PDB_model_num 
_struct_mon_prot_cis.pdbx_omega_angle 
1 TYR 72 B . ? TYR 92  E PRO 73 B ? PRO 93  E 1 0.38 
2 ASN 93 B . ? ASN 113 E PRO 94 B ? PRO 114 E 1 0.09 
# 
loop_
_struct_sheet.id 
_struct_sheet.type 
_struct_sheet.number_strands 
_struct_sheet.details 
A ? 3 ? 
B ? 4 ? 
# 
loop_
_struct_sheet_order.sheet_id 
_struct_sheet_order.range_id_1 
_struct_sheet_order.range_id_2 
_struct_sheet_order.offset 
_struct_sheet_order.sense 
A 1 2 ? anti-parallel 
A 2 3 ? anti-parallel 
B 1 2 ? anti-parallel 
B 2 3 ? anti-parallel 
B 3 4 ? anti-parallel 
# 
loop_
_struct_sheet_range.sheet_id 
_struct_sheet_range.id 
_struct_sheet_range.beg_label_comp_id 
_struct_sheet_range.beg_label_asym_id 
_struct_sheet_range.beg_label_seq_id 
_struct_sheet_range.pdbx_beg_PDB_ins_code 
_struct_sheet_range.end_label_comp_id 
_struct_sheet_range.end_label_asym_id 
_struct_sheet_range.end_label_seq_id 
_struct_sheet_range.pdbx_end_PDB_ins_code 
_struct_sheet_range.beg_auth_comp_id 
_struct_sheet_range.beg_auth_asym_id 
_struct_sheet_range.beg_auth_seq_id 
_struct_sheet_range.end_auth_comp_id 
_struct_sheet_range.end_auth_asym_id 
_struct_sheet_range.end_auth_seq_id 
A 1 VAL B 23 ? VAL B 27  ? VAL E 43  VAL E 47  
A 2 MET B 59 ? GLU B 66  ? MET E 79  GLU E 86  
A 3 TYR B 77 ? LYS B 84  ? TYR E 97  LYS E 104 
B 1 LYS B 41 ? VAL B 43  ? LYS E 61  VAL E 63  
B 2 CYS B 52 ? GLN B 54  ? CYS E 72  GLN E 74  
B 3 ILE B 86 ? GLU B 91  ? ILE E 106 GLU E 111 
B 4 VAL B 96 ? SER B 103 ? VAL E 116 SER E 123 
# 
loop_
_pdbx_struct_sheet_hbond.sheet_id 
_pdbx_struct_sheet_hbond.range_id_1 
_pdbx_struct_sheet_hbond.range_id_2 
_pdbx_struct_sheet_hbond.range_1_label_atom_id 
_pdbx_struct_sheet_hbond.range_1_label_comp_id 
_pdbx_struct_sheet_hbond.range_1_label_asym_id 
_pdbx_struct_sheet_hbond.range_1_label_seq_id 
_pdbx_struct_sheet_hbond.range_1_PDB_ins_code 
_pdbx_struct_sheet_hbond.range_1_auth_atom_id 
_pdbx_struct_sheet_hbond.range_1_auth_comp_id 
_pdbx_struct_sheet_hbond.range_1_auth_asym_id 
_pdbx_struct_sheet_hbond.range_1_auth_seq_id 
_pdbx_struct_sheet_hbond.range_2_label_atom_id 
_pdbx_struct_sheet_hbond.range_2_label_comp_id 
_pdbx_struct_sheet_hbond.range_2_label_asym_id 
_pdbx_struct_sheet_hbond.range_2_label_seq_id 
_pdbx_struct_sheet_hbond.range_2_PDB_ins_code 
_pdbx_struct_sheet_hbond.range_2_auth_atom_id 
_pdbx_struct_sheet_hbond.range_2_auth_comp_id 
_pdbx_struct_sheet_hbond.range_2_auth_asym_id 
_pdbx_struct_sheet_hbond.range_2_auth_seq_id 
A 1 2 N ASN B 24 ? N ASN E 44  O CYS B 64 ? O CYS E 84  
A 2 3 N ILE B 61 ? N ILE E 81  O ALA B 82 ? O ALA E 102 
B 1 2 N LYS B 41 ? N LYS E 61  O GLN B 54 ? O GLN E 74  
B 2 3 N TYR B 53 ? N TYR E 73  O VAL B 88 ? O VAL E 108 
B 3 4 N ALA B 89 ? N ALA E 109 O VAL B 98 ? O VAL E 118 
# 
loop_
_struct_site.id 
_struct_site.pdbx_evidence_code 
_struct_site.pdbx_auth_asym_id 
_struct_site.pdbx_auth_comp_id 
_struct_site.pdbx_auth_seq_id 
_struct_site.pdbx_auth_ins_code 
_struct_site.pdbx_num_residues 
_struct_site.details 
AC1 Software E SO4 125 ? 4 'BINDING SITE FOR RESIDUE SO4 E 125' 
AC2 Software E SO4 126 ? 7 'BINDING SITE FOR RESIDUE SO4 E 126' 
# 
loop_
_struct_site_gen.id 
_struct_site_gen.site_id 
_struct_site_gen.pdbx_num_res 
_struct_site_gen.label_comp_id 
_struct_site_gen.label_asym_id 
_struct_site_gen.label_seq_id 
_struct_site_gen.pdbx_auth_ins_code 
_struct_site_gen.auth_comp_id 
_struct_site_gen.auth_asym_id 
_struct_site_gen.auth_seq_id 
_struct_site_gen.label_atom_id 
_struct_site_gen.label_alt_id 
_struct_site_gen.symmetry 
_struct_site_gen.details 
1  AC1 4 HIS B 99  ? HIS E 119 . ? 1_555 ? 
2  AC1 4 PHE B 100 ? PHE E 120 . ? 1_555 ? 
3  AC1 4 HOH F .   ? HOH E 246 . ? 1_555 ? 
4  AC1 4 HIS A 12  ? HIS S 12  . ? 1_555 ? 
5  AC2 7 SER B 30  ? SER E 50  . ? 1_555 ? 
6  AC2 7 LEU B 31  ? LEU E 51  . ? 1_555 ? 
7  AC2 7 LYS B 41  ? LYS E 61  . ? 6_455 ? 
8  AC2 7 LYS B 78  ? LYS E 98  . ? 2_455 ? 
9  AC2 7 HOH F .   ? HOH E 207 . ? 1_555 ? 
10 AC2 7 HOH F .   ? HOH E 249 . ? 1_555 ? 
11 AC2 7 SER A 15  ? SER S 15  . ? 1_555 ? 
# 
_pdbx_entry_details.entry_id                   1Z3M 
_pdbx_entry_details.compound_details           ? 
_pdbx_entry_details.source_details             ? 
_pdbx_entry_details.nonpolymer_details         ? 
_pdbx_entry_details.sequence_details           ? 
_pdbx_entry_details.has_ligand_of_interest     ? 
_pdbx_entry_details.has_protein_modification   Y 
# 
loop_
_pdbx_validate_torsion.id 
_pdbx_validate_torsion.PDB_model_num 
_pdbx_validate_torsion.auth_comp_id 
_pdbx_validate_torsion.auth_asym_id 
_pdbx_validate_torsion.auth_seq_id 
_pdbx_validate_torsion.PDB_ins_code 
_pdbx_validate_torsion.label_alt_id 
_pdbx_validate_torsion.phi 
_pdbx_validate_torsion.psi 
1 1 SER E 22  ? ? -79.03 -155.87 
2 1 ARG E 39  ? ? 179.93 171.53  
3 1 GLN E 60  ? ? -97.94 -133.78 
4 1 ALA E 122 ? ? 174.63 179.96  
# 
loop_
_pdbx_struct_mod_residue.id 
_pdbx_struct_mod_residue.label_asym_id 
_pdbx_struct_mod_residue.label_comp_id 
_pdbx_struct_mod_residue.label_seq_id 
_pdbx_struct_mod_residue.auth_asym_id 
_pdbx_struct_mod_residue.auth_comp_id 
_pdbx_struct_mod_residue.auth_seq_id 
_pdbx_struct_mod_residue.PDB_ins_code 
_pdbx_struct_mod_residue.parent_comp_id 
_pdbx_struct_mod_residue.details 
1 A NVA 8  S NVA 8  ? VAL NORVALINE  
2 A NLE 13 S NLE 13 ? LEU NORLEUCINE 
# 
loop_
_chem_comp_atom.comp_id 
_chem_comp_atom.atom_id 
_chem_comp_atom.type_symbol 
_chem_comp_atom.pdbx_aromatic_flag 
_chem_comp_atom.pdbx_stereo_config 
_chem_comp_atom.pdbx_ordinal 
ALA N    N N N 1   
ALA CA   C N S 2   
ALA C    C N N 3   
ALA O    O N N 4   
ALA CB   C N N 5   
ALA OXT  O N N 6   
ALA H    H N N 7   
ALA H2   H N N 8   
ALA HA   H N N 9   
ALA HB1  H N N 10  
ALA HB2  H N N 11  
ALA HB3  H N N 12  
ALA HXT  H N N 13  
ARG N    N N N 14  
ARG CA   C N S 15  
ARG C    C N N 16  
ARG O    O N N 17  
ARG CB   C N N 18  
ARG CG   C N N 19  
ARG CD   C N N 20  
ARG NE   N N N 21  
ARG CZ   C N N 22  
ARG NH1  N N N 23  
ARG NH2  N N N 24  
ARG OXT  O N N 25  
ARG H    H N N 26  
ARG H2   H N N 27  
ARG HA   H N N 28  
ARG HB2  H N N 29  
ARG HB3  H N N 30  
ARG HG2  H N N 31  
ARG HG3  H N N 32  
ARG HD2  H N N 33  
ARG HD3  H N N 34  
ARG HE   H N N 35  
ARG HH11 H N N 36  
ARG HH12 H N N 37  
ARG HH21 H N N 38  
ARG HH22 H N N 39  
ARG HXT  H N N 40  
ASN N    N N N 41  
ASN CA   C N S 42  
ASN C    C N N 43  
ASN O    O N N 44  
ASN CB   C N N 45  
ASN CG   C N N 46  
ASN OD1  O N N 47  
ASN ND2  N N N 48  
ASN OXT  O N N 49  
ASN H    H N N 50  
ASN H2   H N N 51  
ASN HA   H N N 52  
ASN HB2  H N N 53  
ASN HB3  H N N 54  
ASN HD21 H N N 55  
ASN HD22 H N N 56  
ASN HXT  H N N 57  
ASP N    N N N 58  
ASP CA   C N S 59  
ASP C    C N N 60  
ASP O    O N N 61  
ASP CB   C N N 62  
ASP CG   C N N 63  
ASP OD1  O N N 64  
ASP OD2  O N N 65  
ASP OXT  O N N 66  
ASP H    H N N 67  
ASP H2   H N N 68  
ASP HA   H N N 69  
ASP HB2  H N N 70  
ASP HB3  H N N 71  
ASP HD2  H N N 72  
ASP HXT  H N N 73  
CYS N    N N N 74  
CYS CA   C N R 75  
CYS C    C N N 76  
CYS O    O N N 77  
CYS CB   C N N 78  
CYS SG   S N N 79  
CYS OXT  O N N 80  
CYS H    H N N 81  
CYS H2   H N N 82  
CYS HA   H N N 83  
CYS HB2  H N N 84  
CYS HB3  H N N 85  
CYS HG   H N N 86  
CYS HXT  H N N 87  
GLN N    N N N 88  
GLN CA   C N S 89  
GLN C    C N N 90  
GLN O    O N N 91  
GLN CB   C N N 92  
GLN CG   C N N 93  
GLN CD   C N N 94  
GLN OE1  O N N 95  
GLN NE2  N N N 96  
GLN OXT  O N N 97  
GLN H    H N N 98  
GLN H2   H N N 99  
GLN HA   H N N 100 
GLN HB2  H N N 101 
GLN HB3  H N N 102 
GLN HG2  H N N 103 
GLN HG3  H N N 104 
GLN HE21 H N N 105 
GLN HE22 H N N 106 
GLN HXT  H N N 107 
GLU N    N N N 108 
GLU CA   C N S 109 
GLU C    C N N 110 
GLU O    O N N 111 
GLU CB   C N N 112 
GLU CG   C N N 113 
GLU CD   C N N 114 
GLU OE1  O N N 115 
GLU OE2  O N N 116 
GLU OXT  O N N 117 
GLU H    H N N 118 
GLU H2   H N N 119 
GLU HA   H N N 120 
GLU HB2  H N N 121 
GLU HB3  H N N 122 
GLU HG2  H N N 123 
GLU HG3  H N N 124 
GLU HE2  H N N 125 
GLU HXT  H N N 126 
GLY N    N N N 127 
GLY CA   C N N 128 
GLY C    C N N 129 
GLY O    O N N 130 
GLY OXT  O N N 131 
GLY H    H N N 132 
GLY H2   H N N 133 
GLY HA2  H N N 134 
GLY HA3  H N N 135 
GLY HXT  H N N 136 
HIS N    N N N 137 
HIS CA   C N S 138 
HIS C    C N N 139 
HIS O    O N N 140 
HIS CB   C N N 141 
HIS CG   C Y N 142 
HIS ND1  N Y N 143 
HIS CD2  C Y N 144 
HIS CE1  C Y N 145 
HIS NE2  N Y N 146 
HIS OXT  O N N 147 
HIS H    H N N 148 
HIS H2   H N N 149 
HIS HA   H N N 150 
HIS HB2  H N N 151 
HIS HB3  H N N 152 
HIS HD1  H N N 153 
HIS HD2  H N N 154 
HIS HE1  H N N 155 
HIS HE2  H N N 156 
HIS HXT  H N N 157 
HOH O    O N N 158 
HOH H1   H N N 159 
HOH H2   H N N 160 
ILE N    N N N 161 
ILE CA   C N S 162 
ILE C    C N N 163 
ILE O    O N N 164 
ILE CB   C N S 165 
ILE CG1  C N N 166 
ILE CG2  C N N 167 
ILE CD1  C N N 168 
ILE OXT  O N N 169 
ILE H    H N N 170 
ILE H2   H N N 171 
ILE HA   H N N 172 
ILE HB   H N N 173 
ILE HG12 H N N 174 
ILE HG13 H N N 175 
ILE HG21 H N N 176 
ILE HG22 H N N 177 
ILE HG23 H N N 178 
ILE HD11 H N N 179 
ILE HD12 H N N 180 
ILE HD13 H N N 181 
ILE HXT  H N N 182 
LEU N    N N N 183 
LEU CA   C N S 184 
LEU C    C N N 185 
LEU O    O N N 186 
LEU CB   C N N 187 
LEU CG   C N N 188 
LEU CD1  C N N 189 
LEU CD2  C N N 190 
LEU OXT  O N N 191 
LEU H    H N N 192 
LEU H2   H N N 193 
LEU HA   H N N 194 
LEU HB2  H N N 195 
LEU HB3  H N N 196 
LEU HG   H N N 197 
LEU HD11 H N N 198 
LEU HD12 H N N 199 
LEU HD13 H N N 200 
LEU HD21 H N N 201 
LEU HD22 H N N 202 
LEU HD23 H N N 203 
LEU HXT  H N N 204 
LYS N    N N N 205 
LYS CA   C N S 206 
LYS C    C N N 207 
LYS O    O N N 208 
LYS CB   C N N 209 
LYS CG   C N N 210 
LYS CD   C N N 211 
LYS CE   C N N 212 
LYS NZ   N N N 213 
LYS OXT  O N N 214 
LYS H    H N N 215 
LYS H2   H N N 216 
LYS HA   H N N 217 
LYS HB2  H N N 218 
LYS HB3  H N N 219 
LYS HG2  H N N 220 
LYS HG3  H N N 221 
LYS HD2  H N N 222 
LYS HD3  H N N 223 
LYS HE2  H N N 224 
LYS HE3  H N N 225 
LYS HZ1  H N N 226 
LYS HZ2  H N N 227 
LYS HZ3  H N N 228 
LYS HXT  H N N 229 
MET N    N N N 230 
MET CA   C N S 231 
MET C    C N N 232 
MET O    O N N 233 
MET CB   C N N 234 
MET CG   C N N 235 
MET SD   S N N 236 
MET CE   C N N 237 
MET OXT  O N N 238 
MET H    H N N 239 
MET H2   H N N 240 
MET HA   H N N 241 
MET HB2  H N N 242 
MET HB3  H N N 243 
MET HG2  H N N 244 
MET HG3  H N N 245 
MET HE1  H N N 246 
MET HE2  H N N 247 
MET HE3  H N N 248 
MET HXT  H N N 249 
NLE N    N N N 250 
NLE CA   C N S 251 
NLE C    C N N 252 
NLE O    O N N 253 
NLE OXT  O N N 254 
NLE CB   C N N 255 
NLE CG   C N N 256 
NLE CD   C N N 257 
NLE CE   C N N 258 
NLE H    H N N 259 
NLE H2   H N N 260 
NLE HA   H N N 261 
NLE HXT  H N N 262 
NLE HB2  H N N 263 
NLE HB3  H N N 264 
NLE HG2  H N N 265 
NLE HG3  H N N 266 
NLE HD2  H N N 267 
NLE HD3  H N N 268 
NLE HE1  H N N 269 
NLE HE2  H N N 270 
NLE HE3  H N N 271 
NVA N    N N N 272 
NVA CA   C N S 273 
NVA CB   C N N 274 
NVA CG   C N N 275 
NVA CD   C N N 276 
NVA C    C N N 277 
NVA O    O N N 278 
NVA OXT  O N N 279 
NVA H    H N N 280 
NVA H2   H N N 281 
NVA HA   H N N 282 
NVA HB2  H N N 283 
NVA HB3  H N N 284 
NVA HG2  H N N 285 
NVA HG3  H N N 286 
NVA HD1  H N N 287 
NVA HD2  H N N 288 
NVA HD3  H N N 289 
NVA HXT  H N N 290 
PHE N    N N N 291 
PHE CA   C N S 292 
PHE C    C N N 293 
PHE O    O N N 294 
PHE CB   C N N 295 
PHE CG   C Y N 296 
PHE CD1  C Y N 297 
PHE CD2  C Y N 298 
PHE CE1  C Y N 299 
PHE CE2  C Y N 300 
PHE CZ   C Y N 301 
PHE OXT  O N N 302 
PHE H    H N N 303 
PHE H2   H N N 304 
PHE HA   H N N 305 
PHE HB2  H N N 306 
PHE HB3  H N N 307 
PHE HD1  H N N 308 
PHE HD2  H N N 309 
PHE HE1  H N N 310 
PHE HE2  H N N 311 
PHE HZ   H N N 312 
PHE HXT  H N N 313 
PRO N    N N N 314 
PRO CA   C N S 315 
PRO C    C N N 316 
PRO O    O N N 317 
PRO CB   C N N 318 
PRO CG   C N N 319 
PRO CD   C N N 320 
PRO OXT  O N N 321 
PRO H    H N N 322 
PRO HA   H N N 323 
PRO HB2  H N N 324 
PRO HB3  H N N 325 
PRO HG2  H N N 326 
PRO HG3  H N N 327 
PRO HD2  H N N 328 
PRO HD3  H N N 329 
PRO HXT  H N N 330 
SER N    N N N 331 
SER CA   C N S 332 
SER C    C N N 333 
SER O    O N N 334 
SER CB   C N N 335 
SER OG   O N N 336 
SER OXT  O N N 337 
SER H    H N N 338 
SER H2   H N N 339 
SER HA   H N N 340 
SER HB2  H N N 341 
SER HB3  H N N 342 
SER HG   H N N 343 
SER HXT  H N N 344 
SO4 S    S N N 345 
SO4 O1   O N N 346 
SO4 O2   O N N 347 
SO4 O3   O N N 348 
SO4 O4   O N N 349 
THR N    N N N 350 
THR CA   C N S 351 
THR C    C N N 352 
THR O    O N N 353 
THR CB   C N R 354 
THR OG1  O N N 355 
THR CG2  C N N 356 
THR OXT  O N N 357 
THR H    H N N 358 
THR H2   H N N 359 
THR HA   H N N 360 
THR HB   H N N 361 
THR HG1  H N N 362 
THR HG21 H N N 363 
THR HG22 H N N 364 
THR HG23 H N N 365 
THR HXT  H N N 366 
TYR N    N N N 367 
TYR CA   C N S 368 
TYR C    C N N 369 
TYR O    O N N 370 
TYR CB   C N N 371 
TYR CG   C Y N 372 
TYR CD1  C Y N 373 
TYR CD2  C Y N 374 
TYR CE1  C Y N 375 
TYR CE2  C Y N 376 
TYR CZ   C Y N 377 
TYR OH   O N N 378 
TYR OXT  O N N 379 
TYR H    H N N 380 
TYR H2   H N N 381 
TYR HA   H N N 382 
TYR HB2  H N N 383 
TYR HB3  H N N 384 
TYR HD1  H N N 385 
TYR HD2  H N N 386 
TYR HE1  H N N 387 
TYR HE2  H N N 388 
TYR HH   H N N 389 
TYR HXT  H N N 390 
VAL N    N N N 391 
VAL CA   C N S 392 
VAL C    C N N 393 
VAL O    O N N 394 
VAL CB   C N N 395 
VAL CG1  C N N 396 
VAL CG2  C N N 397 
VAL OXT  O N N 398 
VAL H    H N N 399 
VAL H2   H N N 400 
VAL HA   H N N 401 
VAL HB   H N N 402 
VAL HG11 H N N 403 
VAL HG12 H N N 404 
VAL HG13 H N N 405 
VAL HG21 H N N 406 
VAL HG22 H N N 407 
VAL HG23 H N N 408 
VAL HXT  H N N 409 
# 
loop_
_chem_comp_bond.comp_id 
_chem_comp_bond.atom_id_1 
_chem_comp_bond.atom_id_2 
_chem_comp_bond.value_order 
_chem_comp_bond.pdbx_aromatic_flag 
_chem_comp_bond.pdbx_stereo_config 
_chem_comp_bond.pdbx_ordinal 
ALA N   CA   sing N N 1   
ALA N   H    sing N N 2   
ALA N   H2   sing N N 3   
ALA CA  C    sing N N 4   
ALA CA  CB   sing N N 5   
ALA CA  HA   sing N N 6   
ALA C   O    doub N N 7   
ALA C   OXT  sing N N 8   
ALA CB  HB1  sing N N 9   
ALA CB  HB2  sing N N 10  
ALA CB  HB3  sing N N 11  
ALA OXT HXT  sing N N 12  
ARG N   CA   sing N N 13  
ARG N   H    sing N N 14  
ARG N   H2   sing N N 15  
ARG CA  C    sing N N 16  
ARG CA  CB   sing N N 17  
ARG CA  HA   sing N N 18  
ARG C   O    doub N N 19  
ARG C   OXT  sing N N 20  
ARG CB  CG   sing N N 21  
ARG CB  HB2  sing N N 22  
ARG CB  HB3  sing N N 23  
ARG CG  CD   sing N N 24  
ARG CG  HG2  sing N N 25  
ARG CG  HG3  sing N N 26  
ARG CD  NE   sing N N 27  
ARG CD  HD2  sing N N 28  
ARG CD  HD3  sing N N 29  
ARG NE  CZ   sing N N 30  
ARG NE  HE   sing N N 31  
ARG CZ  NH1  sing N N 32  
ARG CZ  NH2  doub N N 33  
ARG NH1 HH11 sing N N 34  
ARG NH1 HH12 sing N N 35  
ARG NH2 HH21 sing N N 36  
ARG NH2 HH22 sing N N 37  
ARG OXT HXT  sing N N 38  
ASN N   CA   sing N N 39  
ASN N   H    sing N N 40  
ASN N   H2   sing N N 41  
ASN CA  C    sing N N 42  
ASN CA  CB   sing N N 43  
ASN CA  HA   sing N N 44  
ASN C   O    doub N N 45  
ASN C   OXT  sing N N 46  
ASN CB  CG   sing N N 47  
ASN CB  HB2  sing N N 48  
ASN CB  HB3  sing N N 49  
ASN CG  OD1  doub N N 50  
ASN CG  ND2  sing N N 51  
ASN ND2 HD21 sing N N 52  
ASN ND2 HD22 sing N N 53  
ASN OXT HXT  sing N N 54  
ASP N   CA   sing N N 55  
ASP N   H    sing N N 56  
ASP N   H2   sing N N 57  
ASP CA  C    sing N N 58  
ASP CA  CB   sing N N 59  
ASP CA  HA   sing N N 60  
ASP C   O    doub N N 61  
ASP C   OXT  sing N N 62  
ASP CB  CG   sing N N 63  
ASP CB  HB2  sing N N 64  
ASP CB  HB3  sing N N 65  
ASP CG  OD1  doub N N 66  
ASP CG  OD2  sing N N 67  
ASP OD2 HD2  sing N N 68  
ASP OXT HXT  sing N N 69  
CYS N   CA   sing N N 70  
CYS N   H    sing N N 71  
CYS N   H2   sing N N 72  
CYS CA  C    sing N N 73  
CYS CA  CB   sing N N 74  
CYS CA  HA   sing N N 75  
CYS C   O    doub N N 76  
CYS C   OXT  sing N N 77  
CYS CB  SG   sing N N 78  
CYS CB  HB2  sing N N 79  
CYS CB  HB3  sing N N 80  
CYS SG  HG   sing N N 81  
CYS OXT HXT  sing N N 82  
GLN N   CA   sing N N 83  
GLN N   H    sing N N 84  
GLN N   H2   sing N N 85  
GLN CA  C    sing N N 86  
GLN CA  CB   sing N N 87  
GLN CA  HA   sing N N 88  
GLN C   O    doub N N 89  
GLN C   OXT  sing N N 90  
GLN CB  CG   sing N N 91  
GLN CB  HB2  sing N N 92  
GLN CB  HB3  sing N N 93  
GLN CG  CD   sing N N 94  
GLN CG  HG2  sing N N 95  
GLN CG  HG3  sing N N 96  
GLN CD  OE1  doub N N 97  
GLN CD  NE2  sing N N 98  
GLN NE2 HE21 sing N N 99  
GLN NE2 HE22 sing N N 100 
GLN OXT HXT  sing N N 101 
GLU N   CA   sing N N 102 
GLU N   H    sing N N 103 
GLU N   H2   sing N N 104 
GLU CA  C    sing N N 105 
GLU CA  CB   sing N N 106 
GLU CA  HA   sing N N 107 
GLU C   O    doub N N 108 
GLU C   OXT  sing N N 109 
GLU CB  CG   sing N N 110 
GLU CB  HB2  sing N N 111 
GLU CB  HB3  sing N N 112 
GLU CG  CD   sing N N 113 
GLU CG  HG2  sing N N 114 
GLU CG  HG3  sing N N 115 
GLU CD  OE1  doub N N 116 
GLU CD  OE2  sing N N 117 
GLU OE2 HE2  sing N N 118 
GLU OXT HXT  sing N N 119 
GLY N   CA   sing N N 120 
GLY N   H    sing N N 121 
GLY N   H2   sing N N 122 
GLY CA  C    sing N N 123 
GLY CA  HA2  sing N N 124 
GLY CA  HA3  sing N N 125 
GLY C   O    doub N N 126 
GLY C   OXT  sing N N 127 
GLY OXT HXT  sing N N 128 
HIS N   CA   sing N N 129 
HIS N   H    sing N N 130 
HIS N   H2   sing N N 131 
HIS CA  C    sing N N 132 
HIS CA  CB   sing N N 133 
HIS CA  HA   sing N N 134 
HIS C   O    doub N N 135 
HIS C   OXT  sing N N 136 
HIS CB  CG   sing N N 137 
HIS CB  HB2  sing N N 138 
HIS CB  HB3  sing N N 139 
HIS CG  ND1  sing Y N 140 
HIS CG  CD2  doub Y N 141 
HIS ND1 CE1  doub Y N 142 
HIS ND1 HD1  sing N N 143 
HIS CD2 NE2  sing Y N 144 
HIS CD2 HD2  sing N N 145 
HIS CE1 NE2  sing Y N 146 
HIS CE1 HE1  sing N N 147 
HIS NE2 HE2  sing N N 148 
HIS OXT HXT  sing N N 149 
HOH O   H1   sing N N 150 
HOH O   H2   sing N N 151 
ILE N   CA   sing N N 152 
ILE N   H    sing N N 153 
ILE N   H2   sing N N 154 
ILE CA  C    sing N N 155 
ILE CA  CB   sing N N 156 
ILE CA  HA   sing N N 157 
ILE C   O    doub N N 158 
ILE C   OXT  sing N N 159 
ILE CB  CG1  sing N N 160 
ILE CB  CG2  sing N N 161 
ILE CB  HB   sing N N 162 
ILE CG1 CD1  sing N N 163 
ILE CG1 HG12 sing N N 164 
ILE CG1 HG13 sing N N 165 
ILE CG2 HG21 sing N N 166 
ILE CG2 HG22 sing N N 167 
ILE CG2 HG23 sing N N 168 
ILE CD1 HD11 sing N N 169 
ILE CD1 HD12 sing N N 170 
ILE CD1 HD13 sing N N 171 
ILE OXT HXT  sing N N 172 
LEU N   CA   sing N N 173 
LEU N   H    sing N N 174 
LEU N   H2   sing N N 175 
LEU CA  C    sing N N 176 
LEU CA  CB   sing N N 177 
LEU CA  HA   sing N N 178 
LEU C   O    doub N N 179 
LEU C   OXT  sing N N 180 
LEU CB  CG   sing N N 181 
LEU CB  HB2  sing N N 182 
LEU CB  HB3  sing N N 183 
LEU CG  CD1  sing N N 184 
LEU CG  CD2  sing N N 185 
LEU CG  HG   sing N N 186 
LEU CD1 HD11 sing N N 187 
LEU CD1 HD12 sing N N 188 
LEU CD1 HD13 sing N N 189 
LEU CD2 HD21 sing N N 190 
LEU CD2 HD22 sing N N 191 
LEU CD2 HD23 sing N N 192 
LEU OXT HXT  sing N N 193 
LYS N   CA   sing N N 194 
LYS N   H    sing N N 195 
LYS N   H2   sing N N 196 
LYS CA  C    sing N N 197 
LYS CA  CB   sing N N 198 
LYS CA  HA   sing N N 199 
LYS C   O    doub N N 200 
LYS C   OXT  sing N N 201 
LYS CB  CG   sing N N 202 
LYS CB  HB2  sing N N 203 
LYS CB  HB3  sing N N 204 
LYS CG  CD   sing N N 205 
LYS CG  HG2  sing N N 206 
LYS CG  HG3  sing N N 207 
LYS CD  CE   sing N N 208 
LYS CD  HD2  sing N N 209 
LYS CD  HD3  sing N N 210 
LYS CE  NZ   sing N N 211 
LYS CE  HE2  sing N N 212 
LYS CE  HE3  sing N N 213 
LYS NZ  HZ1  sing N N 214 
LYS NZ  HZ2  sing N N 215 
LYS NZ  HZ3  sing N N 216 
LYS OXT HXT  sing N N 217 
MET N   CA   sing N N 218 
MET N   H    sing N N 219 
MET N   H2   sing N N 220 
MET CA  C    sing N N 221 
MET CA  CB   sing N N 222 
MET CA  HA   sing N N 223 
MET C   O    doub N N 224 
MET C   OXT  sing N N 225 
MET CB  CG   sing N N 226 
MET CB  HB2  sing N N 227 
MET CB  HB3  sing N N 228 
MET CG  SD   sing N N 229 
MET CG  HG2  sing N N 230 
MET CG  HG3  sing N N 231 
MET SD  CE   sing N N 232 
MET CE  HE1  sing N N 233 
MET CE  HE2  sing N N 234 
MET CE  HE3  sing N N 235 
MET OXT HXT  sing N N 236 
NLE N   CA   sing N N 237 
NLE N   H    sing N N 238 
NLE N   H2   sing N N 239 
NLE CA  C    sing N N 240 
NLE CA  CB   sing N N 241 
NLE CA  HA   sing N N 242 
NLE C   O    doub N N 243 
NLE C   OXT  sing N N 244 
NLE OXT HXT  sing N N 245 
NLE CB  CG   sing N N 246 
NLE CB  HB2  sing N N 247 
NLE CB  HB3  sing N N 248 
NLE CG  CD   sing N N 249 
NLE CG  HG2  sing N N 250 
NLE CG  HG3  sing N N 251 
NLE CD  CE   sing N N 252 
NLE CD  HD2  sing N N 253 
NLE CD  HD3  sing N N 254 
NLE CE  HE1  sing N N 255 
NLE CE  HE2  sing N N 256 
NLE CE  HE3  sing N N 257 
NVA N   CA   sing N N 258 
NVA N   H    sing N N 259 
NVA N   H2   sing N N 260 
NVA CA  CB   sing N N 261 
NVA CA  C    sing N N 262 
NVA CA  HA   sing N N 263 
NVA CB  CG   sing N N 264 
NVA CB  HB2  sing N N 265 
NVA CB  HB3  sing N N 266 
NVA CG  CD   sing N N 267 
NVA CG  HG2  sing N N 268 
NVA CG  HG3  sing N N 269 
NVA CD  HD1  sing N N 270 
NVA CD  HD2  sing N N 271 
NVA CD  HD3  sing N N 272 
NVA C   O    doub N N 273 
NVA C   OXT  sing N N 274 
NVA OXT HXT  sing N N 275 
PHE N   CA   sing N N 276 
PHE N   H    sing N N 277 
PHE N   H2   sing N N 278 
PHE CA  C    sing N N 279 
PHE CA  CB   sing N N 280 
PHE CA  HA   sing N N 281 
PHE C   O    doub N N 282 
PHE C   OXT  sing N N 283 
PHE CB  CG   sing N N 284 
PHE CB  HB2  sing N N 285 
PHE CB  HB3  sing N N 286 
PHE CG  CD1  doub Y N 287 
PHE CG  CD2  sing Y N 288 
PHE CD1 CE1  sing Y N 289 
PHE CD1 HD1  sing N N 290 
PHE CD2 CE2  doub Y N 291 
PHE CD2 HD2  sing N N 292 
PHE CE1 CZ   doub Y N 293 
PHE CE1 HE1  sing N N 294 
PHE CE2 CZ   sing Y N 295 
PHE CE2 HE2  sing N N 296 
PHE CZ  HZ   sing N N 297 
PHE OXT HXT  sing N N 298 
PRO N   CA   sing N N 299 
PRO N   CD   sing N N 300 
PRO N   H    sing N N 301 
PRO CA  C    sing N N 302 
PRO CA  CB   sing N N 303 
PRO CA  HA   sing N N 304 
PRO C   O    doub N N 305 
PRO C   OXT  sing N N 306 
PRO CB  CG   sing N N 307 
PRO CB  HB2  sing N N 308 
PRO CB  HB3  sing N N 309 
PRO CG  CD   sing N N 310 
PRO CG  HG2  sing N N 311 
PRO CG  HG3  sing N N 312 
PRO CD  HD2  sing N N 313 
PRO CD  HD3  sing N N 314 
PRO OXT HXT  sing N N 315 
SER N   CA   sing N N 316 
SER N   H    sing N N 317 
SER N   H2   sing N N 318 
SER CA  C    sing N N 319 
SER CA  CB   sing N N 320 
SER CA  HA   sing N N 321 
SER C   O    doub N N 322 
SER C   OXT  sing N N 323 
SER CB  OG   sing N N 324 
SER CB  HB2  sing N N 325 
SER CB  HB3  sing N N 326 
SER OG  HG   sing N N 327 
SER OXT HXT  sing N N 328 
SO4 S   O1   doub N N 329 
SO4 S   O2   doub N N 330 
SO4 S   O3   sing N N 331 
SO4 S   O4   sing N N 332 
THR N   CA   sing N N 333 
THR N   H    sing N N 334 
THR N   H2   sing N N 335 
THR CA  C    sing N N 336 
THR CA  CB   sing N N 337 
THR CA  HA   sing N N 338 
THR C   O    doub N N 339 
THR C   OXT  sing N N 340 
THR CB  OG1  sing N N 341 
THR CB  CG2  sing N N 342 
THR CB  HB   sing N N 343 
THR OG1 HG1  sing N N 344 
THR CG2 HG21 sing N N 345 
THR CG2 HG22 sing N N 346 
THR CG2 HG23 sing N N 347 
THR OXT HXT  sing N N 348 
TYR N   CA   sing N N 349 
TYR N   H    sing N N 350 
TYR N   H2   sing N N 351 
TYR CA  C    sing N N 352 
TYR CA  CB   sing N N 353 
TYR CA  HA   sing N N 354 
TYR C   O    doub N N 355 
TYR C   OXT  sing N N 356 
TYR CB  CG   sing N N 357 
TYR CB  HB2  sing N N 358 
TYR CB  HB3  sing N N 359 
TYR CG  CD1  doub Y N 360 
TYR CG  CD2  sing Y N 361 
TYR CD1 CE1  sing Y N 362 
TYR CD1 HD1  sing N N 363 
TYR CD2 CE2  doub Y N 364 
TYR CD2 HD2  sing N N 365 
TYR CE1 CZ   doub Y N 366 
TYR CE1 HE1  sing N N 367 
TYR CE2 CZ   sing Y N 368 
TYR CE2 HE2  sing N N 369 
TYR CZ  OH   sing N N 370 
TYR OH  HH   sing N N 371 
TYR OXT HXT  sing N N 372 
VAL N   CA   sing N N 373 
VAL N   H    sing N N 374 
VAL N   H2   sing N N 375 
VAL CA  C    sing N N 376 
VAL CA  CB   sing N N 377 
VAL CA  HA   sing N N 378 
VAL C   O    doub N N 379 
VAL C   OXT  sing N N 380 
VAL CB  CG1  sing N N 381 
VAL CB  CG2  sing N N 382 
VAL CB  HB   sing N N 383 
VAL CG1 HG11 sing N N 384 
VAL CG1 HG12 sing N N 385 
VAL CG1 HG13 sing N N 386 
VAL CG2 HG21 sing N N 387 
VAL CG2 HG22 sing N N 388 
VAL CG2 HG23 sing N N 389 
VAL OXT HXT  sing N N 390 
# 
_pdbx_initial_refinement_model.id               1 
_pdbx_initial_refinement_model.entity_id_list   ? 
_pdbx_initial_refinement_model.type             'experimental model' 
_pdbx_initial_refinement_model.source_name      PDB 
_pdbx_initial_refinement_model.accession_code   2RLN 
_pdbx_initial_refinement_model.details          'Pdb Entry 2RLN' 
# 
_atom_sites.entry_id                    1Z3M 
_atom_sites.fract_transf_matrix[1][1]   -0.00268141 
_atom_sites.fract_transf_matrix[1][2]   -0.00165778 
_atom_sites.fract_transf_matrix[1][3]   0.02582022 
_atom_sites.fract_transf_matrix[2][1]   -0.01212508 
_atom_sites.fract_transf_matrix[2][2]   0.01894843 
_atom_sites.fract_transf_matrix[2][3]   0.01306000 
_atom_sites.fract_transf_matrix[3][1]   -0.00892466 
_atom_sites.fract_transf_matrix[3][2]   -0.00485714 
_atom_sites.fract_transf_matrix[3][3]   -0.00123867 
_atom_sites.fract_transf_vector[1]      -0.418023 
_atom_sites.fract_transf_vector[2]      -0.218796 
_atom_sites.fract_transf_vector[3]      0.076672 
# 
loop_
_atom_type.symbol 
C 
N 
O 
S 
# 
loop_
_atom_site.group_PDB 
_atom_site.id 
_atom_site.type_symbol 
_atom_site.label_atom_id 
_atom_site.label_alt_id 
_atom_site.label_comp_id 
_atom_site.label_asym_id 
_atom_site.label_entity_id 
_atom_site.label_seq_id 
_atom_site.pdbx_PDB_ins_code 
_atom_site.Cartn_x 
_atom_site.Cartn_y 
_atom_site.Cartn_z 
_atom_site.occupancy 
_atom_site.B_iso_or_equiv 
_atom_site.pdbx_formal_charge 
_atom_site.auth_seq_id 
_atom_site.auth_comp_id 
_atom_site.auth_asym_id 
_atom_site.auth_atom_id 
_atom_site.pdbx_PDB_model_num 
ATOM   1   N N   . LYS A 1 1   ? -19.088 5.274   6.934   1.00 45.78 ? 1   LYS S N   1 
ATOM   2   C CA  . LYS A 1 1   ? -18.232 6.014   5.960   1.00 45.33 ? 1   LYS S CA  1 
ATOM   3   C C   . LYS A 1 1   ? -17.347 5.047   5.170   1.00 42.49 ? 1   LYS S C   1 
ATOM   4   O O   . LYS A 1 1   ? -17.848 4.168   4.470   1.00 42.44 ? 1   LYS S O   1 
ATOM   5   C CB  . LYS A 1 1   ? -17.357 7.032   6.700   1.00 48.22 ? 1   LYS S CB  1 
ATOM   6   C CG  . LYS A 1 1   ? -16.602 7.989   5.784   1.00 51.96 ? 1   LYS S CG  1 
ATOM   7   C CD  . LYS A 1 1   ? -15.635 8.867   6.564   1.00 54.50 ? 1   LYS S CD  1 
ATOM   8   C CE  . LYS A 1 1   ? -14.951 9.874   5.653   1.00 55.99 ? 1   LYS S CE  1 
ATOM   9   N NZ  . LYS A 1 1   ? -15.942 10.791  5.019   1.00 57.83 ? 1   LYS S NZ  1 
ATOM   10  N N   . GLU A 1 2   ? -16.033 5.212   5.290   1.00 38.91 ? 2   GLU S N   1 
ATOM   11  C CA  . GLU A 1 2   ? -15.082 4.358   4.586   1.00 35.62 ? 2   GLU S CA  1 
ATOM   12  C C   . GLU A 1 2   ? -14.566 3.246   5.504   1.00 33.05 ? 2   GLU S C   1 
ATOM   13  O O   . GLU A 1 2   ? -13.996 3.516   6.560   1.00 33.38 ? 2   GLU S O   1 
ATOM   14  C CB  . GLU A 1 2   ? -13.914 5.211   4.070   1.00 33.96 ? 2   GLU S CB  1 
ATOM   15  C CG  . GLU A 1 2   ? -12.886 4.453   3.248   1.00 33.54 ? 2   GLU S CG  1 
ATOM   16  C CD  . GLU A 1 2   ? -11.783 5.353   2.711   1.00 30.10 ? 2   GLU S CD  1 
ATOM   17  O OE1 . GLU A 1 2   ? -11.165 6.081   3.512   1.00 30.36 ? 2   GLU S OE1 1 
ATOM   18  O OE2 . GLU A 1 2   ? -11.527 5.326   1.489   1.00 29.20 ? 2   GLU S OE2 1 
ATOM   19  N N   . THR A 1 3   ? -14.777 1.995   5.103   1.00 30.05 ? 3   THR S N   1 
ATOM   20  C CA  . THR A 1 3   ? -14.322 0.853   5.897   1.00 27.90 ? 3   THR S CA  1 
ATOM   21  C C   . THR A 1 3   ? -12.810 0.715   5.769   1.00 26.95 ? 3   THR S C   1 
ATOM   22  O O   . THR A 1 3   ? -12.207 1.307   4.878   1.00 25.91 ? 3   THR S O   1 
ATOM   23  C CB  . THR A 1 3   ? -14.962 -0.467  5.415   1.00 28.78 ? 3   THR S CB  1 
ATOM   24  O OG1 . THR A 1 3   ? -14.435 -0.811  4.128   1.00 26.59 ? 3   THR S OG1 1 
ATOM   25  C CG2 . THR A 1 3   ? -16.482 -0.320  5.310   1.00 29.03 ? 3   THR S CG2 1 
ATOM   26  N N   . ALA A 1 4   ? -12.204 -0.069  6.657   1.00 24.34 ? 4   ALA S N   1 
ATOM   27  C CA  . ALA A 1 4   ? -10.759 -0.279  6.631   1.00 24.17 ? 4   ALA S CA  1 
ATOM   28  C C   . ALA A 1 4   ? -10.339 -0.956  5.328   1.00 23.87 ? 4   ALA S C   1 
ATOM   29  O O   . ALA A 1 4   ? -9.278  -0.663  4.781   1.00 25.57 ? 4   ALA S O   1 
ATOM   30  C CB  . ALA A 1 4   ? -10.333 -1.130  7.823   1.00 25.83 ? 4   ALA S CB  1 
ATOM   31  N N   . ALA A 1 5   ? -11.179 -1.858  4.832   1.00 23.40 ? 5   ALA S N   1 
ATOM   32  C CA  . ALA A 1 5   ? -10.887 -2.562  3.588   1.00 23.16 ? 5   ALA S CA  1 
ATOM   33  C C   . ALA A 1 5   ? -10.896 -1.590  2.405   1.00 23.43 ? 5   ALA S C   1 
ATOM   34  O O   . ALA A 1 5   ? -10.050 -1.674  1.512   1.00 20.52 ? 5   ALA S O   1 
ATOM   35  C CB  . ALA A 1 5   ? -11.906 -3.662  3.365   1.00 24.57 ? 5   ALA S CB  1 
ATOM   36  N N   . ALA A 1 6   ? -11.857 -0.668  2.404   1.00 20.60 ? 6   ALA S N   1 
ATOM   37  C CA  . ALA A 1 6   ? -11.969 0.314   1.332   1.00 20.40 ? 6   ALA S CA  1 
ATOM   38  C C   . ALA A 1 6   ? -10.815 1.305   1.405   1.00 19.62 ? 6   ALA S C   1 
ATOM   39  O O   . ALA A 1 6   ? -10.309 1.759   0.379   1.00 17.44 ? 6   ALA S O   1 
ATOM   40  C CB  . ALA A 1 6   ? -13.294 1.056   1.434   1.00 22.01 ? 6   ALA S CB  1 
ATOM   41  N N   . LYS A 1 7   ? -10.411 1.649   2.624   1.00 19.66 ? 7   LYS S N   1 
ATOM   42  C CA  . LYS A 1 7   ? -9.311  2.586   2.807   1.00 21.83 ? 7   LYS S CA  1 
ATOM   43  C C   . LYS A 1 7   ? -8.029  1.964   2.263   1.00 21.59 ? 7   LYS S C   1 
ATOM   44  O O   . LYS A 1 7   ? -7.215  2.642   1.630   1.00 19.40 ? 7   LYS S O   1 
ATOM   45  C CB  . LYS A 1 7   ? -9.133  2.920   4.289   1.00 24.66 ? 7   LYS S CB  1 
ATOM   46  C CG  . LYS A 1 7   ? -8.024  3.919   4.574   1.00 29.97 ? 7   LYS S CG  1 
ATOM   47  C CD  . LYS A 1 7   ? -7.895  4.183   6.068   1.00 31.72 ? 7   LYS S CD  1 
ATOM   48  C CE  . LYS A 1 7   ? -6.682  5.047   6.378   1.00 36.65 ? 7   LYS S CE  1 
ATOM   49  N NZ  . LYS A 1 7   ? -6.488  5.238   7.846   1.00 37.40 ? 7   LYS S NZ  1 
HETATM 50  N N   . NVA A 1 8   ? -7.849  0.671   2.508   1.00 20.24 ? 8   NVA S N   1 
HETATM 51  C CA  . NVA A 1 8   ? -6.650  -0.008  2.029   1.00 20.17 ? 8   NVA S CA  1 
HETATM 52  C CB  . NVA A 1 8   ? -6.595  -1.450  2.543   1.00 19.55 ? 8   NVA S CB  1 
HETATM 53  C CG  . NVA A 1 8   ? -5.319  -2.184  2.125   1.00 23.49 ? 8   NVA S CG  1 
HETATM 54  C CD  . NVA A 1 8   ? -5.237  -3.607  2.605   1.00 26.66 ? 8   NVA S CD  1 
HETATM 55  C C   . NVA A 1 8   ? -6.598  -0.004  0.506   1.00 18.04 ? 8   NVA S C   1 
HETATM 56  O O   . NVA A 1 8   ? -5.539  0.183   -0.083  1.00 18.59 ? 8   NVA S O   1 
ATOM   57  N N   . GLU A 1 9   ? -7.746  -0.211  -0.133  1.00 18.47 ? 9   GLU S N   1 
ATOM   58  C CA  . GLU A 1 9   ? -7.813  -0.232  -1.591  1.00 19.49 ? 9   GLU S CA  1 
ATOM   59  C C   . GLU A 1 9   ? -7.496  1.146   -2.180  1.00 19.65 ? 9   GLU S C   1 
ATOM   60  O O   . GLU A 1 9   ? -6.699  1.272   -3.115  1.00 20.11 ? 9   GLU S O   1 
ATOM   61  C CB  . GLU A 1 9   ? -9.206  -0.690  -2.040  1.00 20.75 ? 9   GLU S CB  1 
ATOM   62  C CG  . GLU A 1 9   ? -9.612  -2.054  -1.486  1.00 23.59 ? 9   GLU S CG  1 
ATOM   63  C CD  . GLU A 1 9   ? -11.032 -2.447  -1.865  1.00 29.82 ? 9   GLU S CD  1 
ATOM   64  O OE1 . GLU A 1 9   ? -11.916 -1.565  -1.870  1.00 30.66 ? 9   GLU S OE1 1 
ATOM   65  O OE2 . GLU A 1 9   ? -11.269 -3.640  -2.142  1.00 32.99 ? 9   GLU S OE2 1 
ATOM   66  N N   . ARG A 1 10  ? -8.123  2.176   -1.628  1.00 18.50 ? 10  ARG S N   1 
ATOM   67  C CA  . ARG A 1 10  ? -7.896  3.540   -2.085  1.00 18.32 ? 10  ARG S CA  1 
ATOM   68  C C   . ARG A 1 10  ? -6.434  3.961   -1.938  1.00 18.13 ? 10  ARG S C   1 
ATOM   69  O O   . ARG A 1 10  ? -5.868  4.585   -2.829  1.00 17.91 ? 10  ARG S O   1 
ATOM   70  C CB  . ARG A 1 10  ? -8.779  4.516   -1.292  1.00 18.33 ? 10  ARG S CB  1 
ATOM   71  C CG  . ARG A 1 10  ? -8.438  5.987   -1.520  1.00 20.16 ? 10  ARG S CG  1 
ATOM   72  C CD  . ARG A 1 10  ? -9.425  6.923   -0.819  1.00 18.67 ? 10  ARG S CD  1 
ATOM   73  N NE  . ARG A 1 10  ? -9.402  6.810   0.638   1.00 18.43 ? 10  ARG S NE  1 
ATOM   74  C CZ  . ARG A 1 10  ? -8.458  7.315   1.429   1.00 20.83 ? 10  ARG S CZ  1 
ATOM   75  N NH1 . ARG A 1 10  ? -7.433  7.978   0.915   1.00 19.88 ? 10  ARG S NH1 1 
ATOM   76  N NH2 . ARG A 1 10  ? -8.553  7.170   2.747   1.00 22.26 ? 10  ARG S NH2 1 
ATOM   77  N N   . GLN A 1 11  ? -5.820  3.616   -0.812  1.00 17.42 ? 11  GLN S N   1 
ATOM   78  C CA  . GLN A 1 11  ? -4.439  4.016   -0.563  1.00 18.36 ? 11  GLN S CA  1 
ATOM   79  C C   . GLN A 1 11  ? -3.329  3.177   -1.190  1.00 17.58 ? 11  GLN S C   1 
ATOM   80  O O   . GLN A 1 11  ? -2.255  3.702   -1.475  1.00 20.37 ? 11  GLN S O   1 
ATOM   81  C CB  . GLN A 1 11  ? -4.167  4.057   0.941   1.00 20.30 ? 11  GLN S CB  1 
ATOM   82  C CG  . GLN A 1 11  ? -5.096  4.937   1.741   1.00 26.64 ? 11  GLN S CG  1 
ATOM   83  C CD  . GLN A 1 11  ? -4.589  5.139   3.152   1.00 30.47 ? 11  GLN S CD  1 
ATOM   84  O OE1 . GLN A 1 11  ? -4.267  4.176   3.852   1.00 31.82 ? 11  GLN S OE1 1 
ATOM   85  N NE2 . GLN A 1 11  ? -4.515  6.393   3.581   1.00 33.54 ? 11  GLN S NE2 1 
ATOM   86  N N   . HIS A 1 12  ? -3.586  1.894   -1.424  1.00 18.54 ? 12  HIS S N   1 
ATOM   87  C CA  . HIS A 1 12  ? -2.538  1.003   -1.925  1.00 18.44 ? 12  HIS S CA  1 
ATOM   88  C C   . HIS A 1 12  ? -2.737  0.225   -3.214  1.00 18.88 ? 12  HIS S C   1 
ATOM   89  O O   . HIS A 1 12  ? -1.780  -0.364  -3.726  1.00 22.23 ? 12  HIS S O   1 
ATOM   90  C CB  . HIS A 1 12  ? -2.194  -0.010  -0.834  1.00 17.02 ? 12  HIS S CB  1 
ATOM   91  C CG  . HIS A 1 12  ? -1.778  0.608   0.462   1.00 19.67 ? 12  HIS S CG  1 
ATOM   92  N ND1 . HIS A 1 12  ? -0.556  1.217   0.639   1.00 20.07 ? 12  HIS S ND1 1 
ATOM   93  C CD2 . HIS A 1 12  ? -2.425  0.708   1.648   1.00 18.89 ? 12  HIS S CD2 1 
ATOM   94  C CE1 . HIS A 1 12  ? -0.467  1.666   1.878   1.00 20.33 ? 12  HIS S CE1 1 
ATOM   95  N NE2 . HIS A 1 12  ? -1.589  1.369   2.510   1.00 18.99 ? 12  HIS S NE2 1 
HETATM 96  N N   . NLE A 1 13  ? -3.945  0.197   -3.757  1.00 18.31 ? 13  NLE S N   1 
HETATM 97  C CA  . NLE A 1 13  ? -4.147  -0.583  -4.971  1.00 18.60 ? 13  NLE S CA  1 
HETATM 98  C C   . NLE A 1 13  ? -4.300  0.214   -6.260  1.00 19.78 ? 13  NLE S C   1 
HETATM 99  O O   . NLE A 1 13  ? -5.030  1.197   -6.313  1.00 20.15 ? 13  NLE S O   1 
HETATM 100 C CB  . NLE A 1 13  ? -5.349  -1.514  -4.778  1.00 21.37 ? 13  NLE S CB  1 
HETATM 101 C CG  . NLE A 1 13  ? -5.182  -2.462  -3.593  1.00 25.64 ? 13  NLE S CG  1 
HETATM 102 C CD  . NLE A 1 13  ? -6.394  -3.365  -3.424  1.00 29.78 ? 13  NLE S CD  1 
HETATM 103 C CE  . NLE A 1 13  ? -6.321  -4.282  -2.213  1.00 32.83 ? 13  NLE S CE  1 
ATOM   104 N N   . ASP A 1 14  ? -3.586  -0.213  -7.298  1.00 20.98 ? 14  ASP S N   1 
ATOM   105 C CA  . ASP A 1 14  ? -3.659  0.432   -8.606  1.00 24.71 ? 14  ASP S CA  1 
ATOM   106 C C   . ASP A 1 14  ? -3.596  -0.659  -9.670  1.00 28.33 ? 14  ASP S C   1 
ATOM   107 O O   . ASP A 1 14  ? -2.547  -0.911  -10.261 1.00 30.49 ? 14  ASP S O   1 
ATOM   108 C CB  . ASP A 1 14  ? -2.512  1.434   -8.790  1.00 23.66 ? 14  ASP S CB  1 
ATOM   109 C CG  . ASP A 1 14  ? -2.536  2.110   -10.156 1.00 23.48 ? 14  ASP S CG  1 
ATOM   110 O OD1 . ASP A 1 14  ? -3.602  2.126   -10.798 1.00 23.44 ? 14  ASP S OD1 1 
ATOM   111 O OD2 . ASP A 1 14  ? -1.486  2.639   -10.586 1.00 25.11 ? 14  ASP S OD2 1 
ATOM   112 N N   . SER A 1 15  ? -4.735  -1.306  -9.894  1.00 31.40 ? 15  SER S N   1 
ATOM   113 C CA  . SER A 1 15  ? -4.849  -2.388  -10.868 1.00 37.12 ? 15  SER S CA  1 
ATOM   114 C C   . SER A 1 15  ? -4.849  -1.878  -12.304 1.00 39.06 ? 15  SER S C   1 
ATOM   115 O O   . SER A 1 15  ? -4.659  -0.660  -12.505 1.00 39.98 ? 15  SER S O   1 
ATOM   116 C CB  . SER A 1 15  ? -6.133  -3.181  -10.623 1.00 37.01 ? 15  SER S CB  1 
ATOM   117 O OG  . SER A 1 15  ? -7.271  -2.426  -11.003 1.00 41.88 ? 15  SER S OG  1 
ATOM   118 O OXT . SER A 1 15  ? -5.042  -2.713  -13.216 1.00 42.26 ? 15  SER S OXT 1 
ATOM   119 N N   . SER B 2 1   ? 4.713   19.686  -5.936  1.00 66.96 ? 21  SER E N   1 
ATOM   120 C CA  . SER B 2 1   ? 4.631   18.307  -6.499  1.00 66.97 ? 21  SER E CA  1 
ATOM   121 C C   . SER B 2 1   ? 4.982   18.285  -7.987  1.00 65.95 ? 21  SER E C   1 
ATOM   122 O O   . SER B 2 1   ? 4.489   19.106  -8.763  1.00 66.04 ? 21  SER E O   1 
ATOM   123 C CB  . SER B 2 1   ? 3.220   17.737  -6.302  1.00 68.20 ? 21  SER E CB  1 
ATOM   124 O OG  . SER B 2 1   ? 2.897   17.611  -4.926  1.00 69.19 ? 21  SER E OG  1 
ATOM   125 N N   . SER B 2 2   ? 5.838   17.341  -8.373  1.00 63.87 ? 22  SER E N   1 
ATOM   126 C CA  . SER B 2 2   ? 6.253   17.192  -9.764  1.00 61.63 ? 22  SER E CA  1 
ATOM   127 C C   . SER B 2 2   ? 5.168   16.467  -10.557 1.00 58.71 ? 22  SER E C   1 
ATOM   128 O O   . SER B 2 2   ? 3.996   16.476  -10.179 1.00 58.82 ? 22  SER E O   1 
ATOM   129 C CB  . SER B 2 2   ? 7.565   16.402  -9.850  1.00 63.02 ? 22  SER E CB  1 
ATOM   130 O OG  . SER B 2 2   ? 8.608   17.051  -9.144  1.00 64.78 ? 22  SER E OG  1 
ATOM   131 N N   . SER B 2 3   ? 5.566   15.828  -11.653 1.00 55.06 ? 23  SER E N   1 
ATOM   132 C CA  . SER B 2 3   ? 4.617   15.113  -12.496 1.00 50.37 ? 23  SER E CA  1 
ATOM   133 C C   . SER B 2 3   ? 4.811   13.599  -12.465 1.00 45.56 ? 23  SER E C   1 
ATOM   134 O O   . SER B 2 3   ? 4.147   12.874  -13.206 1.00 45.08 ? 23  SER E O   1 
ATOM   135 C CB  . SER B 2 3   ? 4.730   15.609  -13.941 1.00 52.44 ? 23  SER E CB  1 
ATOM   136 O OG  . SER B 2 3   ? 4.579   17.018  -14.014 1.00 53.82 ? 23  SER E OG  1 
ATOM   137 N N   . ASN B 2 4   ? 5.711   13.115  -11.614 1.00 38.72 ? 24  ASN E N   1 
ATOM   138 C CA  . ASN B 2 4   ? 5.946   11.678  -11.547 1.00 33.55 ? 24  ASN E CA  1 
ATOM   139 C C   . ASN B 2 4   ? 4.720   10.949  -11.007 1.00 29.43 ? 24  ASN E C   1 
ATOM   140 O O   . ASN B 2 4   ? 3.845   11.554  -10.387 1.00 29.87 ? 24  ASN E O   1 
ATOM   141 C CB  . ASN B 2 4   ? 7.195   11.363  -10.702 1.00 32.28 ? 24  ASN E CB  1 
ATOM   142 C CG  . ASN B 2 4   ? 7.030   11.723  -9.238  1.00 31.91 ? 24  ASN E CG  1 
ATOM   143 O OD1 . ASN B 2 4   ? 6.250   11.106  -8.516  1.00 26.93 ? 24  ASN E OD1 1 
ATOM   144 N ND2 . ASN B 2 4   ? 7.775   12.726  -8.793  1.00 34.13 ? 24  ASN E ND2 1 
ATOM   145 N N   . TYR B 2 5   ? 4.656   9.650   -11.274 1.00 26.77 ? 25  TYR E N   1 
ATOM   146 C CA  . TYR B 2 5   ? 3.541   8.808   -10.846 1.00 24.26 ? 25  TYR E CA  1 
ATOM   147 C C   . TYR B 2 5   ? 3.174   8.988   -9.378  1.00 22.25 ? 25  TYR E C   1 
ATOM   148 O O   . TYR B 2 5   ? 1.997   9.096   -9.035  1.00 21.95 ? 25  TYR E O   1 
ATOM   149 C CB  . TYR B 2 5   ? 3.882   7.339   -11.118 1.00 23.63 ? 25  TYR E CB  1 
ATOM   150 C CG  . TYR B 2 5   ? 2.896   6.338   -10.549 1.00 24.61 ? 25  TYR E CG  1 
ATOM   151 C CD1 . TYR B 2 5   ? 1.738   5.990   -11.247 1.00 24.92 ? 25  TYR E CD1 1 
ATOM   152 C CD2 . TYR B 2 5   ? 3.122   5.740   -9.308  1.00 23.45 ? 25  TYR E CD2 1 
ATOM   153 C CE1 . TYR B 2 5   ? 0.831   5.065   -10.720 1.00 23.19 ? 25  TYR E CE1 1 
ATOM   154 C CE2 . TYR B 2 5   ? 2.222   4.820   -8.775  1.00 23.00 ? 25  TYR E CE2 1 
ATOM   155 C CZ  . TYR B 2 5   ? 1.081   4.486   -9.485  1.00 23.08 ? 25  TYR E CZ  1 
ATOM   156 O OH  . TYR B 2 5   ? 0.195   3.566   -8.958  1.00 23.64 ? 25  TYR E OH  1 
ATOM   157 N N   . CYS B 2 6   ? 4.179   9.017   -8.510  1.00 20.57 ? 26  CYS E N   1 
ATOM   158 C CA  . CYS B 2 6   ? 3.914   9.164   -7.082  1.00 19.93 ? 26  CYS E CA  1 
ATOM   159 C C   . CYS B 2 6   ? 3.220   10.470  -6.725  1.00 20.05 ? 26  CYS E C   1 
ATOM   160 O O   . CYS B 2 6   ? 2.176   10.462  -6.075  1.00 19.35 ? 26  CYS E O   1 
ATOM   161 C CB  . CYS B 2 6   ? 5.208   9.016   -6.278  1.00 18.24 ? 26  CYS E CB  1 
ATOM   162 S SG  . CYS B 2 6   ? 5.796   7.297   -6.105  1.00 19.79 ? 26  CYS E SG  1 
ATOM   163 N N   . ASN B 2 7   ? 3.794   11.595  -7.139  1.00 21.69 ? 27  ASN E N   1 
ATOM   164 C CA  . ASN B 2 7   ? 3.189   12.890  -6.846  1.00 23.58 ? 27  ASN E CA  1 
ATOM   165 C C   . ASN B 2 7   ? 1.726   12.918  -7.278  1.00 23.70 ? 27  ASN E C   1 
ATOM   166 O O   . ASN B 2 7   ? 0.860   13.390  -6.538  1.00 24.94 ? 27  ASN E O   1 
ATOM   167 C CB  . ASN B 2 7   ? 3.946   14.015  -7.562  1.00 25.99 ? 27  ASN E CB  1 
ATOM   168 C CG  . ASN B 2 7   ? 5.346   14.243  -6.999  1.00 27.46 ? 27  ASN E CG  1 
ATOM   169 O OD1 . ASN B 2 7   ? 6.095   15.074  -7.503  1.00 34.89 ? 27  ASN E OD1 1 
ATOM   170 N ND2 . ASN B 2 7   ? 5.699   13.510  -5.959  1.00 26.91 ? 27  ASN E ND2 1 
ATOM   171 N N   . GLN B 2 8   ? 1.451   12.393  -8.469  1.00 25.04 ? 28  GLN E N   1 
ATOM   172 C CA  . GLN B 2 8   ? 0.094   12.380  -9.012  1.00 26.17 ? 28  GLN E CA  1 
ATOM   173 C C   . GLN B 2 8   ? -0.871  11.433  -8.312  1.00 25.41 ? 28  GLN E C   1 
ATOM   174 O O   . GLN B 2 8   ? -1.988  11.819  -7.957  1.00 22.58 ? 28  GLN E O   1 
ATOM   175 C CB  . GLN B 2 8   ? 0.129   12.028  -10.500 1.00 32.44 ? 28  GLN E CB  1 
ATOM   176 C CG  . GLN B 2 8   ? 0.997   12.955  -11.331 1.00 40.38 ? 28  GLN E CG  1 
ATOM   177 C CD  . GLN B 2 8   ? 0.932   12.641  -12.813 1.00 45.43 ? 28  GLN E CD  1 
ATOM   178 O OE1 . GLN B 2 8   ? 1.667   13.222  -13.613 1.00 49.04 ? 28  GLN E OE1 1 
ATOM   179 N NE2 . GLN B 2 8   ? 0.047   11.722  -13.188 1.00 47.55 ? 28  GLN E NE2 1 
ATOM   180 N N   . MET B 2 9   ? -0.445  10.189  -8.115  1.00 21.71 ? 29  MET E N   1 
ATOM   181 C CA  . MET B 2 9   ? -1.301  9.194   -7.482  1.00 22.43 ? 29  MET E CA  1 
ATOM   182 C C   . MET B 2 9   ? -1.547  9.494   -6.005  1.00 21.89 ? 29  MET E C   1 
ATOM   183 O O   . MET B 2 9   ? -2.643  9.261   -5.492  1.00 21.66 ? 29  MET E O   1 
ATOM   184 C CB  . MET B 2 9   ? -0.681  7.806   -7.639  1.00 22.07 ? 29  MET E CB  1 
ATOM   185 C CG  . MET B 2 9   ? -1.691  6.694   -7.689  1.00 30.44 ? 29  MET E CG  1 
ATOM   186 S SD  . MET B 2 9   ? -2.726  6.770   -9.172  1.00 32.16 ? 29  MET E SD  1 
ATOM   187 C CE  . MET B 2 9   ? -3.734  5.334   -8.884  1.00 34.48 ? 29  MET E CE  1 
ATOM   188 N N   . MET B 2 10  ? -0.529  10.000  -5.317  1.00 21.41 ? 30  MET E N   1 
ATOM   189 C CA  . MET B 2 10  ? -0.674  10.323  -3.902  1.00 22.71 ? 30  MET E CA  1 
ATOM   190 C C   . MET B 2 10  ? -1.756  11.392  -3.769  1.00 23.19 ? 30  MET E C   1 
ATOM   191 O O   . MET B 2 10  ? -2.561  11.370  -2.840  1.00 21.85 ? 30  MET E O   1 
ATOM   192 C CB  . MET B 2 10  ? 0.648   10.845  -3.334  1.00 23.20 ? 30  MET E CB  1 
ATOM   193 C CG  . MET B 2 10  ? 1.762   9.799   -3.213  1.00 27.24 ? 30  MET E CG  1 
ATOM   194 S SD  . MET B 2 10  ? 1.417   8.564   -1.954  1.00 30.09 ? 30  MET E SD  1 
ATOM   195 C CE  . MET B 2 10  ? 1.914   9.462   -0.456  1.00 25.89 ? 30  MET E CE  1 
ATOM   196 N N   . LYS B 2 11  ? -1.769  12.315  -4.725  1.00 24.42 ? 31  LYS E N   1 
ATOM   197 C CA  . LYS B 2 11  ? -2.734  13.405  -4.747  1.00 26.91 ? 31  LYS E CA  1 
ATOM   198 C C   . LYS B 2 11  ? -4.134  12.896  -5.103  1.00 26.23 ? 31  LYS E C   1 
ATOM   199 O O   . LYS B 2 11  ? -5.107  13.154  -4.388  1.00 24.34 ? 31  LYS E O   1 
ATOM   200 C CB  . LYS B 2 11  ? -2.293  14.451  -5.775  1.00 31.42 ? 31  LYS E CB  1 
ATOM   201 C CG  . LYS B 2 11  ? -3.194  15.674  -5.854  1.00 36.60 ? 31  LYS E CG  1 
ATOM   202 C CD  . LYS B 2 11  ? -2.959  16.617  -4.683  1.00 41.02 ? 31  LYS E CD  1 
ATOM   203 C CE  . LYS B 2 11  ? -1.596  17.289  -4.782  1.00 43.28 ? 31  LYS E CE  1 
ATOM   204 N NZ  . LYS B 2 11  ? -1.366  18.268  -3.679  1.00 45.25 ? 31  LYS E NZ  1 
ATOM   205 N N   . SER B 2 12  ? -4.225  12.168  -6.211  1.00 24.85 ? 32  SER E N   1 
ATOM   206 C CA  . SER B 2 12  ? -5.498  11.628  -6.674  1.00 25.10 ? 32  SER E CA  1 
ATOM   207 C C   . SER B 2 12  ? -6.199  10.740  -5.651  1.00 22.98 ? 32  SER E C   1 
ATOM   208 O O   . SER B 2 12  ? -7.428  10.783  -5.523  1.00 22.76 ? 32  SER E O   1 
ATOM   209 C CB  . SER B 2 12  ? -5.290  10.830  -7.964  1.00 26.51 ? 32  SER E CB  1 
ATOM   210 O OG  . SER B 2 12  ? -6.472  10.127  -8.303  1.00 33.25 ? 32  SER E OG  1 
ATOM   211 N N   . ARG B 2 13  ? -5.426  9.937   -4.927  1.00 19.69 ? 33  ARG E N   1 
ATOM   212 C CA  . ARG B 2 13  ? -5.997  9.030   -3.932  1.00 18.60 ? 33  ARG E CA  1 
ATOM   213 C C   . ARG B 2 13  ? -6.242  9.651   -2.556  1.00 19.87 ? 33  ARG E C   1 
ATOM   214 O O   . ARG B 2 13  ? -6.487  8.936   -1.581  1.00 21.90 ? 33  ARG E O   1 
ATOM   215 C CB  . ARG B 2 13  ? -5.124  7.774   -3.800  1.00 17.51 ? 33  ARG E CB  1 
ATOM   216 C CG  . ARG B 2 13  ? -5.095  6.904   -5.058  1.00 16.12 ? 33  ARG E CG  1 
ATOM   217 C CD  . ARG B 2 13  ? -6.506  6.468   -5.481  1.00 16.62 ? 33  ARG E CD  1 
ATOM   218 N NE  . ARG B 2 13  ? -6.467  5.571   -6.635  1.00 17.87 ? 33  ARG E NE  1 
ATOM   219 C CZ  . ARG B 2 13  ? -6.182  4.275   -6.567  1.00 17.62 ? 33  ARG E CZ  1 
ATOM   220 N NH1 . ARG B 2 13  ? -5.919  3.704   -5.395  1.00 16.46 ? 33  ARG E NH1 1 
ATOM   221 N NH2 . ARG B 2 13  ? -6.136  3.552   -7.677  1.00 18.15 ? 33  ARG E NH2 1 
ATOM   222 N N   . ASN B 2 14  ? -6.182  10.977  -2.481  1.00 22.19 ? 34  ASN E N   1 
ATOM   223 C CA  . ASN B 2 14  ? -6.446  11.700  -1.234  1.00 23.02 ? 34  ASN E CA  1 
ATOM   224 C C   . ASN B 2 14  ? -5.445  11.393  -0.125  1.00 25.16 ? 34  ASN E C   1 
ATOM   225 O O   . ASN B 2 14  ? -5.823  11.219  1.039   1.00 24.97 ? 34  ASN E O   1 
ATOM   226 C CB  . ASN B 2 14  ? -7.860  11.376  -0.742  1.00 24.51 ? 34  ASN E CB  1 
ATOM   227 C CG  . ASN B 2 14  ? -8.315  12.276  0.396   1.00 25.96 ? 34  ASN E CG  1 
ATOM   228 O OD1 . ASN B 2 14  ? -9.267  11.953  1.110   1.00 28.10 ? 34  ASN E OD1 1 
ATOM   229 N ND2 . ASN B 2 14  ? -7.655  13.417  0.556   1.00 20.21 ? 34  ASN E ND2 1 
ATOM   230 N N   . LEU B 2 15  ? -4.168  11.320  -0.477  1.00 24.61 ? 35  LEU E N   1 
ATOM   231 C CA  . LEU B 2 15  ? -3.148  11.045  0.520   1.00 25.68 ? 35  LEU E CA  1 
ATOM   232 C C   . LEU B 2 15  ? -2.351  12.308  0.833   1.00 26.07 ? 35  LEU E C   1 
ATOM   233 O O   . LEU B 2 15  ? -1.904  12.499  1.963   1.00 28.16 ? 35  LEU E O   1 
ATOM   234 C CB  . LEU B 2 15  ? -2.204  9.938   0.029   1.00 25.37 ? 35  LEU E CB  1 
ATOM   235 C CG  . LEU B 2 15  ? -2.859  8.568   -0.201  1.00 27.77 ? 35  LEU E CG  1 
ATOM   236 C CD1 . LEU B 2 15  ? -1.829  7.565   -0.687  1.00 28.70 ? 35  LEU E CD1 1 
ATOM   237 C CD2 . LEU B 2 15  ? -3.487  8.086   1.096   1.00 29.31 ? 35  LEU E CD2 1 
ATOM   238 N N   . THR B 2 16  ? -2.193  13.173  -0.163  1.00 24.99 ? 36  THR E N   1 
ATOM   239 C CA  . THR B 2 16  ? -1.422  14.397  0.016   1.00 25.95 ? 36  THR E CA  1 
ATOM   240 C C   . THR B 2 16  ? -2.177  15.686  -0.275  1.00 26.86 ? 36  THR E C   1 
ATOM   241 O O   . THR B 2 16  ? -1.568  16.718  -0.564  1.00 26.45 ? 36  THR E O   1 
ATOM   242 C CB  . THR B 2 16  ? -0.153  14.366  -0.853  1.00 26.78 ? 36  THR E CB  1 
ATOM   243 O OG1 . THR B 2 16  ? -0.511  14.113  -2.215  1.00 28.79 ? 36  THR E OG1 1 
ATOM   244 C CG2 . THR B 2 16  ? 0.791   13.278  -0.373  1.00 26.78 ? 36  THR E CG2 1 
ATOM   245 N N   . LYS B 2 17  ? -3.503  15.637  -0.209  1.00 26.96 ? 37  LYS E N   1 
ATOM   246 C CA  . LYS B 2 17  ? -4.285  16.839  -0.458  1.00 27.87 ? 37  LYS E CA  1 
ATOM   247 C C   . LYS B 2 17  ? -4.304  17.749  0.763   1.00 28.71 ? 37  LYS E C   1 
ATOM   248 O O   . LYS B 2 17  ? -4.435  18.967  0.630   1.00 30.05 ? 37  LYS E O   1 
ATOM   249 C CB  . LYS B 2 17  ? -5.714  16.476  -0.867  1.00 29.59 ? 37  LYS E CB  1 
ATOM   250 C CG  . LYS B 2 17  ? -5.828  16.023  -2.313  1.00 31.08 ? 37  LYS E CG  1 
ATOM   251 C CD  . LYS B 2 17  ? -7.277  15.881  -2.749  1.00 33.59 ? 37  LYS E CD  1 
ATOM   252 C CE  . LYS B 2 17  ? -7.366  15.592  -4.237  1.00 34.51 ? 37  LYS E CE  1 
ATOM   253 N NZ  . LYS B 2 17  ? -8.777  15.443  -4.692  1.00 35.05 ? 37  LYS E NZ  1 
ATOM   254 N N   . ASP B 2 18  ? -4.165  17.161  1.949   1.00 27.92 ? 38  ASP E N   1 
ATOM   255 C CA  . ASP B 2 18  ? -4.170  17.946  3.183   1.00 29.38 ? 38  ASP E CA  1 
ATOM   256 C C   . ASP B 2 18  ? -2.977  17.652  4.093   1.00 28.17 ? 38  ASP E C   1 
ATOM   257 O O   . ASP B 2 18  ? -2.997  17.988  5.278   1.00 25.63 ? 38  ASP E O   1 
ATOM   258 C CB  . ASP B 2 18  ? -5.475  17.711  3.955   1.00 32.98 ? 38  ASP E CB  1 
ATOM   259 C CG  . ASP B 2 18  ? -5.687  16.253  4.321   1.00 35.80 ? 38  ASP E CG  1 
ATOM   260 O OD1 . ASP B 2 18  ? -4.774  15.432  4.084   1.00 36.01 ? 38  ASP E OD1 1 
ATOM   261 O OD2 . ASP B 2 18  ? -6.772  15.928  4.852   1.00 36.75 ? 38  ASP E OD2 1 
ATOM   262 N N   . ARG B 2 19  ? -1.939  17.035  3.531   1.00 27.09 ? 39  ARG E N   1 
ATOM   263 C CA  . ARG B 2 19  ? -0.727  16.689  4.276   1.00 28.28 ? 39  ARG E CA  1 
ATOM   264 C C   . ARG B 2 19  ? 0.241   15.996  3.321   1.00 27.42 ? 39  ARG E C   1 
ATOM   265 O O   . ARG B 2 19  ? -0.118  15.693  2.190   1.00 27.29 ? 39  ARG E O   1 
ATOM   266 C CB  . ARG B 2 19  ? -1.061  15.711  5.399   1.00 31.12 ? 39  ARG E CB  1 
ATOM   267 C CG  . ARG B 2 19  ? -1.709  14.438  4.873   1.00 36.89 ? 39  ARG E CG  1 
ATOM   268 C CD  . ARG B 2 19  ? -1.817  13.345  5.914   1.00 41.25 ? 39  ARG E CD  1 
ATOM   269 N NE  . ARG B 2 19  ? -0.507  12.850  6.324   1.00 45.80 ? 39  ARG E NE  1 
ATOM   270 C CZ  . ARG B 2 19  ? -0.304  11.669  6.898   1.00 47.55 ? 39  ARG E CZ  1 
ATOM   271 N NH1 . ARG B 2 19  ? -1.329  10.857  7.127   1.00 46.67 ? 39  ARG E NH1 1 
ATOM   272 N NH2 . ARG B 2 19  ? 0.922   11.301  7.250   1.00 47.48 ? 39  ARG E NH2 1 
ATOM   273 N N   . CYS B 2 20  ? 1.471   15.759  3.769   1.00 26.17 ? 40  CYS E N   1 
ATOM   274 C CA  . CYS B 2 20  ? 2.441   15.037  2.947   1.00 27.04 ? 40  CYS E CA  1 
ATOM   275 C C   . CYS B 2 20  ? 2.730   13.743  3.697   1.00 27.70 ? 40  CYS E C   1 
ATOM   276 O O   . CYS B 2 20  ? 3.347   13.766  4.758   1.00 30.09 ? 40  CYS E O   1 
ATOM   277 C CB  . CYS B 2 20  ? 3.756   15.811  2.773   1.00 25.63 ? 40  CYS E CB  1 
ATOM   278 S SG  . CYS B 2 20  ? 3.700   17.369  1.833   1.00 24.42 ? 40  CYS E SG  1 
ATOM   279 N N   . LYS B 2 21  ? 2.255   12.620  3.173   1.00 27.77 ? 41  LYS E N   1 
ATOM   280 C CA  . LYS B 2 21  ? 2.498   11.338  3.821   1.00 26.58 ? 41  LYS E CA  1 
ATOM   281 C C   . LYS B 2 21  ? 3.937   10.961  3.467   1.00 25.29 ? 41  LYS E C   1 
ATOM   282 O O   . LYS B 2 21  ? 4.323   11.001  2.302   1.00 24.35 ? 41  LYS E O   1 
ATOM   283 C CB  . LYS B 2 21  ? 1.505   10.285  3.306   1.00 27.64 ? 41  LYS E CB  1 
ATOM   284 C CG  . LYS B 2 21  ? 1.583   8.955   4.036   1.00 31.22 ? 41  LYS E CG  1 
ATOM   285 C CD  . LYS B 2 21  ? 0.543   7.957   3.533   1.00 34.60 ? 41  LYS E CD  1 
ATOM   286 C CE  . LYS B 2 21  ? 0.764   6.591   4.172   1.00 37.66 ? 41  LYS E CE  1 
ATOM   287 N NZ  . LYS B 2 21  ? -0.156  5.547   3.639   1.00 40.68 ? 41  LYS E NZ  1 
ATOM   288 N N   . PRO B 2 22  ? 4.755   10.613  4.473   1.00 24.68 ? 42  PRO E N   1 
ATOM   289 C CA  . PRO B 2 22  ? 6.161   10.238  4.273   1.00 22.89 ? 42  PRO E CA  1 
ATOM   290 C C   . PRO B 2 22  ? 6.417   9.107   3.280   1.00 22.37 ? 42  PRO E C   1 
ATOM   291 O O   . PRO B 2 22  ? 7.284   9.225   2.420   1.00 21.78 ? 42  PRO E O   1 
ATOM   292 C CB  . PRO B 2 22  ? 6.624   9.873   5.681   1.00 23.83 ? 42  PRO E CB  1 
ATOM   293 C CG  . PRO B 2 22  ? 5.771   10.752  6.553   1.00 26.96 ? 42  PRO E CG  1 
ATOM   294 C CD  . PRO B 2 22  ? 4.414   10.600  5.906   1.00 24.19 ? 42  PRO E CD  1 
ATOM   295 N N   . VAL B 2 23  ? 5.675   8.012   3.407   1.00 21.58 ? 43  VAL E N   1 
ATOM   296 C CA  . VAL B 2 23  ? 5.857   6.874   2.516   1.00 22.12 ? 43  VAL E CA  1 
ATOM   297 C C   . VAL B 2 23  ? 4.537   6.189   2.202   1.00 22.17 ? 43  VAL E C   1 
ATOM   298 O O   . VAL B 2 23  ? 3.598   6.237   2.992   1.00 21.65 ? 43  VAL E O   1 
ATOM   299 C CB  . VAL B 2 23  ? 6.817   5.813   3.133   1.00 25.90 ? 43  VAL E CB  1 
ATOM   300 C CG1 . VAL B 2 23  ? 8.144   6.449   3.494   1.00 28.85 ? 43  VAL E CG1 1 
ATOM   301 C CG2 . VAL B 2 23  ? 6.195   5.194   4.369   1.00 28.33 ? 43  VAL E CG2 1 
ATOM   302 N N   . ASN B 2 24  ? 4.461   5.571   1.029   1.00 21.25 ? 44  ASN E N   1 
ATOM   303 C CA  . ASN B 2 24  ? 3.265   4.839   0.639   1.00 19.66 ? 44  ASN E CA  1 
ATOM   304 C C   . ASN B 2 24  ? 3.624   3.883   -0.487  1.00 19.99 ? 44  ASN E C   1 
ATOM   305 O O   . ASN B 2 24  ? 4.467   4.189   -1.327  1.00 21.26 ? 44  ASN E O   1 
ATOM   306 C CB  . ASN B 2 24  ? 2.152   5.781   0.175   1.00 20.31 ? 44  ASN E CB  1 
ATOM   307 C CG  . ASN B 2 24  ? 0.827   5.058   0.003   1.00 19.74 ? 44  ASN E CG  1 
ATOM   308 O OD1 . ASN B 2 24  ? 0.264   4.537   0.967   1.00 22.18 ? 44  ASN E OD1 1 
ATOM   309 N ND2 . ASN B 2 24  ? 0.334   5.003   -1.224  1.00 18.25 ? 44  ASN E ND2 1 
ATOM   310 N N   . THR B 2 25  ? 2.992   2.719   -0.495  1.00 17.07 ? 45  THR E N   1 
ATOM   311 C CA  . THR B 2 25  ? 3.262   1.722   -1.522  1.00 19.14 ? 45  THR E CA  1 
ATOM   312 C C   . THR B 2 25  ? 1.997   1.437   -2.320  1.00 19.09 ? 45  THR E C   1 
ATOM   313 O O   . THR B 2 25  ? 0.910   1.318   -1.750  1.00 18.05 ? 45  THR E O   1 
ATOM   314 C CB  . THR B 2 25  ? 3.761   0.397   -0.883  1.00 21.26 ? 45  THR E CB  1 
ATOM   315 O OG1 . THR B 2 25  ? 4.950   0.654   -0.127  1.00 22.32 ? 45  THR E OG1 1 
ATOM   316 C CG2 . THR B 2 25  ? 4.075   -0.647  -1.956  1.00 20.34 ? 45  THR E CG2 1 
ATOM   317 N N   . PHE B 2 26  ? 2.140   1.354   -3.640  1.00 17.17 ? 46  PHE E N   1 
ATOM   318 C CA  . PHE B 2 26  ? 1.016   1.045   -4.520  1.00 17.49 ? 46  PHE E CA  1 
ATOM   319 C C   . PHE B 2 26  ? 1.305   -0.306  -5.164  1.00 18.08 ? 46  PHE E C   1 
ATOM   320 O O   . PHE B 2 26  ? 2.407   -0.529  -5.662  1.00 17.73 ? 46  PHE E O   1 
ATOM   321 C CB  . PHE B 2 26  ? 0.881   2.098   -5.621  1.00 18.92 ? 46  PHE E CB  1 
ATOM   322 C CG  . PHE B 2 26  ? 0.319   3.404   -5.152  1.00 17.17 ? 46  PHE E CG  1 
ATOM   323 C CD1 . PHE B 2 26  ? -1.040  3.527   -4.865  1.00 18.94 ? 46  PHE E CD1 1 
ATOM   324 C CD2 . PHE B 2 26  ? 1.135   4.518   -5.031  1.00 19.52 ? 46  PHE E CD2 1 
ATOM   325 C CE1 . PHE B 2 26  ? -1.575  4.742   -4.467  1.00 18.45 ? 46  PHE E CE1 1 
ATOM   326 C CE2 . PHE B 2 26  ? 0.610   5.745   -4.634  1.00 19.89 ? 46  PHE E CE2 1 
ATOM   327 C CZ  . PHE B 2 26  ? -0.748  5.857   -4.351  1.00 18.95 ? 46  PHE E CZ  1 
ATOM   328 N N   . VAL B 2 27  ? 0.316   -1.194  -5.153  1.00 17.98 ? 47  VAL E N   1 
ATOM   329 C CA  . VAL B 2 27  ? 0.457   -2.527  -5.733  1.00 17.79 ? 47  VAL E CA  1 
ATOM   330 C C   . VAL B 2 27  ? -0.230  -2.570  -7.094  1.00 17.58 ? 47  VAL E C   1 
ATOM   331 O O   . VAL B 2 27  ? -1.408  -2.227  -7.207  1.00 16.85 ? 47  VAL E O   1 
ATOM   332 C CB  . VAL B 2 27  ? -0.189  -3.590  -4.814  1.00 19.47 ? 47  VAL E CB  1 
ATOM   333 C CG1 . VAL B 2 27  ? 0.039   -4.980  -5.384  1.00 20.01 ? 47  VAL E CG1 1 
ATOM   334 C CG2 . VAL B 2 27  ? 0.387   -3.476  -3.402  1.00 20.44 ? 47  VAL E CG2 1 
ATOM   335 N N   . HIS B 2 28  ? 0.499   -3.003  -8.121  1.00 17.46 ? 48  HIS E N   1 
ATOM   336 C CA  . HIS B 2 28  ? -0.050  -3.065  -9.477  1.00 19.16 ? 48  HIS E CA  1 
ATOM   337 C C   . HIS B 2 28  ? -0.500  -4.477  -9.840  1.00 21.11 ? 48  HIS E C   1 
ATOM   338 O O   . HIS B 2 28  ? 0.123   -5.142  -10.669 1.00 22.73 ? 48  HIS E O   1 
ATOM   339 C CB  . HIS B 2 28  ? 0.995   -2.603  -10.500 1.00 19.27 ? 48  HIS E CB  1 
ATOM   340 C CG  . HIS B 2 28  ? 1.562   -1.244  -10.222 1.00 21.35 ? 48  HIS E CG  1 
ATOM   341 N ND1 . HIS B 2 28  ? 0.825   -0.086  -10.348 1.00 22.08 ? 48  HIS E ND1 1 
ATOM   342 C CD2 . HIS B 2 28  ? 2.796   -0.861  -9.818  1.00 20.89 ? 48  HIS E CD2 1 
ATOM   343 C CE1 . HIS B 2 28  ? 1.579   0.951   -10.031 1.00 20.68 ? 48  HIS E CE1 1 
ATOM   344 N NE2 . HIS B 2 28  ? 2.781   0.509   -9.706  1.00 20.00 ? 48  HIS E NE2 1 
ATOM   345 N N   . GLU B 2 29  ? -1.569  -4.936  -9.202  1.00 21.01 ? 49  GLU E N   1 
ATOM   346 C CA  . GLU B 2 29  ? -2.116  -6.262  -9.463  1.00 23.06 ? 49  GLU E CA  1 
ATOM   347 C C   . GLU B 2 29  ? -3.630  -6.135  -9.352  1.00 23.03 ? 49  GLU E C   1 
ATOM   348 O O   . GLU B 2 29  ? -4.133  -5.138  -8.838  1.00 22.00 ? 49  GLU E O   1 
ATOM   349 C CB  . GLU B 2 29  ? -1.617  -7.279  -8.428  1.00 24.22 ? 49  GLU E CB  1 
ATOM   350 C CG  . GLU B 2 29  ? -0.098  -7.467  -8.338  1.00 26.57 ? 49  GLU E CG  1 
ATOM   351 C CD  . GLU B 2 29  ? 0.525   -8.084  -9.580  1.00 29.26 ? 49  GLU E CD  1 
ATOM   352 O OE1 . GLU B 2 29  ? -0.175  -8.817  -10.317 1.00 29.61 ? 49  GLU E OE1 1 
ATOM   353 O OE2 . GLU B 2 29  ? 1.732   -7.845  -9.812  1.00 30.72 ? 49  GLU E OE2 1 
ATOM   354 N N   . SER B 2 30  ? -4.358  -7.136  -9.832  1.00 23.48 ? 50  SER E N   1 
ATOM   355 C CA  . SER B 2 30  ? -5.811  -7.089  -9.753  1.00 23.34 ? 50  SER E CA  1 
ATOM   356 C C   . SER B 2 30  ? -6.213  -7.105  -8.286  1.00 23.44 ? 50  SER E C   1 
ATOM   357 O O   . SER B 2 30  ? -5.509  -7.670  -7.445  1.00 22.87 ? 50  SER E O   1 
ATOM   358 C CB  . SER B 2 30  ? -6.429  -8.287  -10.478 1.00 25.00 ? 50  SER E CB  1 
ATOM   359 O OG  . SER B 2 30  ? -6.239  -9.479  -9.734  1.00 30.12 ? 50  SER E OG  1 
ATOM   360 N N   . LEU B 2 31  ? -7.347  -6.484  -7.977  1.00 22.18 ? 51  LEU E N   1 
ATOM   361 C CA  . LEU B 2 31  ? -7.831  -6.422  -6.605  1.00 23.38 ? 51  LEU E CA  1 
ATOM   362 C C   . LEU B 2 31  ? -8.024  -7.824  -6.030  1.00 22.28 ? 51  LEU E C   1 
ATOM   363 O O   . LEU B 2 31  ? -7.654  -8.098  -4.890  1.00 20.44 ? 51  LEU E O   1 
ATOM   364 C CB  . LEU B 2 31  ? -9.168  -5.680  -6.550  1.00 27.60 ? 51  LEU E CB  1 
ATOM   365 C CG  . LEU B 2 31  ? -9.602  -5.132  -5.188  1.00 32.79 ? 51  LEU E CG  1 
ATOM   366 C CD1 . LEU B 2 31  ? -9.156  -3.686  -5.092  1.00 35.04 ? 51  LEU E CD1 1 
ATOM   367 C CD2 . LEU B 2 31  ? -11.117 -5.206  -5.038  1.00 35.21 ? 51  LEU E CD2 1 
ATOM   368 N N   . ALA B 2 32  ? -8.621  -8.701  -6.831  1.00 20.96 ? 52  ALA E N   1 
ATOM   369 C CA  . ALA B 2 32  ? -8.892  -10.066 -6.408  1.00 20.54 ? 52  ALA E CA  1 
ATOM   370 C C   . ALA B 2 32  ? -7.623  -10.854 -6.088  1.00 20.25 ? 52  ALA E C   1 
ATOM   371 O O   . ALA B 2 32  ? -7.611  -11.645 -5.149  1.00 21.38 ? 52  ALA E O   1 
ATOM   372 C CB  . ALA B 2 32  ? -9.710  -10.783 -7.479  1.00 22.31 ? 52  ALA E CB  1 
ATOM   373 N N   . ASP B 2 33  ? -6.560  -10.642 -6.858  1.00 19.94 ? 53  ASP E N   1 
ATOM   374 C CA  . ASP B 2 33  ? -5.303  -11.346 -6.608  1.00 21.07 ? 53  ASP E CA  1 
ATOM   375 C C   . ASP B 2 33  ? -4.650  -10.895 -5.306  1.00 19.53 ? 53  ASP E C   1 
ATOM   376 O O   . ASP B 2 33  ? -3.926  -11.657 -4.675  1.00 18.49 ? 53  ASP E O   1 
ATOM   377 C CB  . ASP B 2 33  ? -4.325  -11.148 -7.769  1.00 23.10 ? 53  ASP E CB  1 
ATOM   378 C CG  . ASP B 2 33  ? -4.766  -11.866 -9.023  1.00 26.73 ? 53  ASP E CG  1 
ATOM   379 O OD1 . ASP B 2 33  ? -5.685  -12.710 -8.926  1.00 27.45 ? 53  ASP E OD1 1 
ATOM   380 O OD2 . ASP B 2 33  ? -4.188  -11.597 -10.099 1.00 29.72 ? 53  ASP E OD2 1 
ATOM   381 N N   . VAL B 2 34  ? -4.895  -9.653  -4.904  1.00 19.43 ? 54  VAL E N   1 
ATOM   382 C CA  . VAL B 2 34  ? -4.334  -9.161  -3.651  1.00 17.90 ? 54  VAL E CA  1 
ATOM   383 C C   . VAL B 2 34  ? -5.160  -9.706  -2.486  1.00 17.59 ? 54  VAL E C   1 
ATOM   384 O O   . VAL B 2 34  ? -4.621  -10.056 -1.441  1.00 17.08 ? 54  VAL E O   1 
ATOM   385 C CB  . VAL B 2 34  ? -4.334  -7.617  -3.584  1.00 21.18 ? 54  VAL E CB  1 
ATOM   386 C CG1 . VAL B 2 34  ? -3.821  -7.159  -2.223  1.00 20.34 ? 54  VAL E CG1 1 
ATOM   387 C CG2 . VAL B 2 34  ? -3.458  -7.047  -4.689  1.00 18.75 ? 54  VAL E CG2 1 
ATOM   388 N N   . GLN B 2 35  ? -6.473  -9.786  -2.673  1.00 18.09 ? 55  GLN E N   1 
ATOM   389 C CA  . GLN B 2 35  ? -7.351  -10.306 -1.627  1.00 18.01 ? 55  GLN E CA  1 
ATOM   390 C C   . GLN B 2 35  ? -7.079  -11.789 -1.372  1.00 17.30 ? 55  GLN E C   1 
ATOM   391 O O   . GLN B 2 35  ? -7.289  -12.284 -0.263  1.00 16.03 ? 55  GLN E O   1 
ATOM   392 C CB  . GLN B 2 35  ? -8.815  -10.116 -2.028  1.00 21.30 ? 55  GLN E CB  1 
ATOM   393 C CG  . GLN B 2 35  ? -9.195  -8.667  -2.267  1.00 24.95 ? 55  GLN E CG  1 
ATOM   394 C CD  . GLN B 2 35  ? -10.629 -8.513  -2.712  1.00 27.90 ? 55  GLN E CD  1 
ATOM   395 O OE1 . GLN B 2 35  ? -11.070 -9.167  -3.658  1.00 27.14 ? 55  GLN E OE1 1 
ATOM   396 N NE2 . GLN B 2 35  ? -11.366 -7.640  -2.037  1.00 29.42 ? 55  GLN E NE2 1 
ATOM   397 N N   . ALA B 2 36  ? -6.602  -12.483 -2.403  1.00 16.45 ? 56  ALA E N   1 
ATOM   398 C CA  . ALA B 2 36  ? -6.296  -13.913 -2.317  1.00 17.66 ? 56  ALA E CA  1 
ATOM   399 C C   . ALA B 2 36  ? -5.125  -14.181 -1.379  1.00 19.90 ? 56  ALA E C   1 
ATOM   400 O O   . ALA B 2 36  ? -4.911  -15.313 -0.929  1.00 18.63 ? 56  ALA E O   1 
ATOM   401 C CB  . ALA B 2 36  ? -5.982  -14.457 -3.716  1.00 15.52 ? 56  ALA E CB  1 
ATOM   402 N N   . VAL B 2 37  ? -4.360  -13.138 -1.082  1.00 19.61 ? 57  VAL E N   1 
ATOM   403 C CA  . VAL B 2 37  ? -3.218  -13.290 -0.199  1.00 17.80 ? 57  VAL E CA  1 
ATOM   404 C C   . VAL B 2 37  ? -3.652  -13.668 1.218   1.00 18.63 ? 57  VAL E C   1 
ATOM   405 O O   . VAL B 2 37  ? -2.905  -14.325 1.945   1.00 18.03 ? 57  VAL E O   1 
ATOM   406 C CB  . VAL B 2 37  ? -2.369  -11.997 -0.176  1.00 17.07 ? 57  VAL E CB  1 
ATOM   407 C CG1 . VAL B 2 37  ? -1.219  -12.132 0.819   1.00 15.77 ? 57  VAL E CG1 1 
ATOM   408 C CG2 . VAL B 2 37  ? -1.809  -11.734 -1.570  1.00 15.11 ? 57  VAL E CG2 1 
ATOM   409 N N   . CYS B 2 38  ? -4.869  -13.285 1.599   1.00 18.51 ? 58  CYS E N   1 
ATOM   410 C CA  . CYS B 2 38  ? -5.370  -13.593 2.934   1.00 18.48 ? 58  CYS E CA  1 
ATOM   411 C C   . CYS B 2 38  ? -5.525  -15.085 3.220   1.00 18.30 ? 58  CYS E C   1 
ATOM   412 O O   . CYS B 2 38  ? -5.791  -15.473 4.356   1.00 16.75 ? 58  CYS E O   1 
ATOM   413 C CB  . CYS B 2 38  ? -6.698  -12.875 3.189   1.00 21.85 ? 58  CYS E CB  1 
ATOM   414 S SG  . CYS B 2 38  ? -6.541  -11.063 3.337   1.00 21.32 ? 58  CYS E SG  1 
ATOM   415 N N   . SER B 2 39  ? -5.375  -15.922 2.199   1.00 16.50 ? 59  SER E N   1 
ATOM   416 C CA  . SER B 2 39  ? -5.470  -17.362 2.413   1.00 18.23 ? 59  SER E CA  1 
ATOM   417 C C   . SER B 2 39  ? -4.169  -18.031 1.979   1.00 19.50 ? 59  SER E C   1 
ATOM   418 O O   . SER B 2 39  ? -4.125  -19.238 1.737   1.00 18.81 ? 59  SER E O   1 
ATOM   419 C CB  . SER B 2 39  ? -6.672  -17.960 1.663   1.00 18.86 ? 59  SER E CB  1 
ATOM   420 O OG  . SER B 2 39  ? -6.571  -17.778 0.260   1.00 22.42 ? 59  SER E OG  1 
ATOM   421 N N   . GLN B 2 40  ? -3.102  -17.239 1.891   1.00 19.25 ? 60  GLN E N   1 
ATOM   422 C CA  . GLN B 2 40  ? -1.800  -17.771 1.505   1.00 21.18 ? 60  GLN E CA  1 
ATOM   423 C C   . GLN B 2 40  ? -0.885  -18.062 2.711   1.00 22.96 ? 60  GLN E C   1 
ATOM   424 O O   . GLN B 2 40  ? -1.348  -18.654 3.681   1.00 22.86 ? 60  GLN E O   1 
ATOM   425 C CB  . GLN B 2 40  ? -1.153  -16.850 0.456   1.00 19.71 ? 60  GLN E CB  1 
ATOM   426 C CG  . GLN B 2 40  ? -1.827  -17.067 -0.917  1.00 18.65 ? 60  GLN E CG  1 
ATOM   427 C CD  . GLN B 2 40  ? -1.426  -16.083 -2.004  1.00 19.69 ? 60  GLN E CD  1 
ATOM   428 O OE1 . GLN B 2 40  ? -0.303  -15.585 -2.038  1.00 18.63 ? 60  GLN E OE1 1 
ATOM   429 N NE2 . GLN B 2 40  ? -2.353  -15.825 -2.927  1.00 20.51 ? 60  GLN E NE2 1 
ATOM   430 N N   . LYS B 2 41  ? 0.383   -17.661 2.681   1.00 21.75 ? 61  LYS E N   1 
ATOM   431 C CA  . LYS B 2 41  ? 1.288   -17.984 3.794   1.00 23.02 ? 61  LYS E CA  1 
ATOM   432 C C   . LYS B 2 41  ? 1.094   -17.180 5.078   1.00 22.12 ? 61  LYS E C   1 
ATOM   433 O O   . LYS B 2 41  ? 1.332   -15.976 5.114   1.00 19.92 ? 61  LYS E O   1 
ATOM   434 C CB  . LYS B 2 41  ? 2.746   -17.873 3.336   1.00 24.15 ? 61  LYS E CB  1 
ATOM   435 C CG  . LYS B 2 41  ? 3.775   -18.274 4.399   1.00 29.89 ? 61  LYS E CG  1 
ATOM   436 C CD  . LYS B 2 41  ? 3.573   -19.710 4.867   1.00 32.97 ? 61  LYS E CD  1 
ATOM   437 C CE  . LYS B 2 41  ? 4.668   -20.140 5.837   1.00 39.22 ? 61  LYS E CE  1 
ATOM   438 N NZ  . LYS B 2 41  ? 4.567   -21.585 6.199   1.00 40.32 ? 61  LYS E NZ  1 
ATOM   439 N N   . ASN B 2 42  ? 0.673   -17.861 6.139   1.00 22.65 ? 62  ASN E N   1 
ATOM   440 C CA  . ASN B 2 42  ? 0.453   -17.210 7.426   1.00 24.36 ? 62  ASN E CA  1 
ATOM   441 C C   . ASN B 2 42  ? 1.786   -16.873 8.093   1.00 25.14 ? 62  ASN E C   1 
ATOM   442 O O   . ASN B 2 42  ? 2.654   -17.730 8.234   1.00 25.18 ? 62  ASN E O   1 
ATOM   443 C CB  . ASN B 2 42  ? -0.353  -18.124 8.351   1.00 25.95 ? 62  ASN E CB  1 
ATOM   444 C CG  . ASN B 2 42  ? -0.805  -17.420 9.618   1.00 29.92 ? 62  ASN E CG  1 
ATOM   445 O OD1 . ASN B 2 42  ? -0.996  -18.051 10.656  1.00 29.15 ? 62  ASN E OD1 1 
ATOM   446 N ND2 . ASN B 2 42  ? -0.990  -16.104 9.534   1.00 29.62 ? 62  ASN E ND2 1 
ATOM   447 N N   . VAL B 2 43  ? 1.945   -15.619 8.497   1.00 24.24 ? 63  VAL E N   1 
ATOM   448 C CA  . VAL B 2 43  ? 3.163   -15.175 9.156   1.00 24.49 ? 63  VAL E CA  1 
ATOM   449 C C   . VAL B 2 43  ? 2.797   -14.172 10.235  1.00 25.72 ? 63  VAL E C   1 
ATOM   450 O O   . VAL B 2 43  ? 1.699   -13.619 10.226  1.00 24.64 ? 63  VAL E O   1 
ATOM   451 C CB  . VAL B 2 43  ? 4.135   -14.497 8.164   1.00 24.14 ? 63  VAL E CB  1 
ATOM   452 C CG1 . VAL B 2 43  ? 4.589   -15.497 7.111   1.00 23.49 ? 63  VAL E CG1 1 
ATOM   453 C CG2 . VAL B 2 43  ? 3.454   -13.304 7.504   1.00 22.64 ? 63  VAL E CG2 1 
ATOM   454 N N   . ALA B 2 44  ? 3.714   -13.941 11.167  1.00 27.17 ? 64  ALA E N   1 
ATOM   455 C CA  . ALA B 2 44  ? 3.463   -12.984 12.235  1.00 28.70 ? 64  ALA E CA  1 
ATOM   456 C C   . ALA B 2 44  ? 3.551   -11.576 11.673  1.00 29.79 ? 64  ALA E C   1 
ATOM   457 O O   . ALA B 2 44  ? 4.276   -11.328 10.712  1.00 29.70 ? 64  ALA E O   1 
ATOM   458 C CB  . ALA B 2 44  ? 4.489   -13.160 13.354  1.00 29.86 ? 64  ALA E CB  1 
ATOM   459 N N   . CYS B 2 45  ? 2.794   -10.657 12.263  1.00 31.32 ? 65  CYS E N   1 
ATOM   460 C CA  . CYS B 2 45  ? 2.831   -9.268  11.833  1.00 32.71 ? 65  CYS E CA  1 
ATOM   461 C C   . CYS B 2 45  ? 3.954   -8.617  12.633  1.00 35.01 ? 65  CYS E C   1 
ATOM   462 O O   . CYS B 2 45  ? 4.480   -9.220  13.568  1.00 34.30 ? 65  CYS E O   1 
ATOM   463 C CB  . CYS B 2 45  ? 1.525   -8.556  12.167  1.00 30.49 ? 65  CYS E CB  1 
ATOM   464 S SG  . CYS B 2 45  ? -0.026  -9.232  11.494  1.00 29.05 ? 65  CYS E SG  1 
ATOM   465 N N   . LYS B 2 46  ? 4.313   -7.388  12.278  1.00 37.21 ? 66  LYS E N   1 
ATOM   466 C CA  . LYS B 2 46  ? 5.369   -6.679  12.989  1.00 40.09 ? 66  LYS E CA  1 
ATOM   467 C C   . LYS B 2 46  ? 5.021   -6.463  14.457  1.00 40.93 ? 66  LYS E C   1 
ATOM   468 O O   . LYS B 2 46  ? 5.900   -6.485  15.316  1.00 42.02 ? 66  LYS E O   1 
ATOM   469 C CB  . LYS B 2 46  ? 5.643   -5.323  12.335  1.00 41.12 ? 66  LYS E CB  1 
ATOM   470 C CG  . LYS B 2 46  ? 6.365   -5.405  11.009  1.00 44.40 ? 66  LYS E CG  1 
ATOM   471 C CD  . LYS B 2 46  ? 6.662   -4.018  10.459  1.00 47.31 ? 66  LYS E CD  1 
ATOM   472 C CE  . LYS B 2 46  ? 7.533   -4.098  9.213   1.00 49.23 ? 66  LYS E CE  1 
ATOM   473 N NZ  . LYS B 2 46  ? 6.929   -4.976  8.174   1.00 49.91 ? 66  LYS E NZ  1 
ATOM   474 N N   . ASN B 2 47  ? 3.738   -6.257  14.742  1.00 41.70 ? 67  ASN E N   1 
ATOM   475 C CA  . ASN B 2 47  ? 3.294   -6.021  16.113  1.00 42.21 ? 67  ASN E CA  1 
ATOM   476 C C   . ASN B 2 47  ? 3.154   -7.294  16.942  1.00 42.50 ? 67  ASN E C   1 
ATOM   477 O O   . ASN B 2 47  ? 2.866   -7.230  18.136  1.00 43.16 ? 67  ASN E O   1 
ATOM   478 C CB  . ASN B 2 47  ? 1.958   -5.270  16.123  1.00 42.56 ? 67  ASN E CB  1 
ATOM   479 C CG  . ASN B 2 47  ? 0.864   -6.010  15.376  1.00 42.29 ? 67  ASN E CG  1 
ATOM   480 O OD1 . ASN B 2 47  ? 0.900   -7.234  15.250  1.00 43.44 ? 67  ASN E OD1 1 
ATOM   481 N ND2 . ASN B 2 47  ? -0.125  -5.268  14.892  1.00 43.28 ? 67  ASN E ND2 1 
ATOM   482 N N   . GLY B 2 48  ? 3.348   -8.448  16.313  1.00 42.74 ? 68  GLY E N   1 
ATOM   483 C CA  . GLY B 2 48  ? 3.238   -9.699  17.041  1.00 41.43 ? 68  GLY E CA  1 
ATOM   484 C C   . GLY B 2 48  ? 1.962   -10.473 16.774  1.00 41.44 ? 68  GLY E C   1 
ATOM   485 O O   . GLY B 2 48  ? 1.850   -11.635 17.163  1.00 40.68 ? 68  GLY E O   1 
ATOM   486 N N   . GLN B 2 49  ? 0.990   -9.836  16.126  1.00 41.45 ? 69  GLN E N   1 
ATOM   487 C CA  . GLN B 2 49  ? -0.269  -10.505 15.808  1.00 41.00 ? 69  GLN E CA  1 
ATOM   488 C C   . GLN B 2 49  ? -0.004  -11.585 14.766  1.00 38.89 ? 69  GLN E C   1 
ATOM   489 O O   . GLN B 2 49  ? 1.001   -11.532 14.055  1.00 37.26 ? 69  GLN E O   1 
ATOM   490 C CB  . GLN B 2 49  ? -1.286  -9.502  15.256  1.00 44.73 ? 69  GLN E CB  1 
ATOM   491 C CG  . GLN B 2 49  ? -1.841  -8.527  16.279  1.00 49.19 ? 69  GLN E CG  1 
ATOM   492 C CD  . GLN B 2 49  ? -2.755  -9.196  17.291  1.00 52.99 ? 69  GLN E CD  1 
ATOM   493 O OE1 . GLN B 2 49  ? -3.359  -8.529  18.131  1.00 55.48 ? 69  GLN E OE1 1 
ATOM   494 N NE2 . GLN B 2 49  ? -2.861  -10.521 17.216  1.00 54.16 ? 69  GLN E NE2 1 
ATOM   495 N N   . THR B 2 50  ? -0.900  -12.560 14.669  1.00 36.55 ? 70  THR E N   1 
ATOM   496 C CA  . THR B 2 50  ? -0.720  -13.634 13.704  1.00 35.44 ? 70  THR E CA  1 
ATOM   497 C C   . THR B 2 50  ? -1.746  -13.604 12.578  1.00 32.56 ? 70  THR E C   1 
ATOM   498 O O   . THR B 2 50  ? -1.997  -14.625 11.942  1.00 31.02 ? 70  THR E O   1 
ATOM   499 C CB  . THR B 2 50  ? -0.767  -15.024 14.385  1.00 38.40 ? 70  THR E CB  1 
ATOM   500 O OG1 . THR B 2 50  ? -2.038  -15.212 15.019  1.00 40.23 ? 70  THR E OG1 1 
ATOM   501 C CG2 . THR B 2 50  ? 0.338   -15.143 15.424  1.00 38.93 ? 70  THR E CG2 1 
ATOM   502 N N   . ASN B 2 51  ? -2.335  -12.436 12.325  1.00 29.82 ? 71  ASN E N   1 
ATOM   503 C CA  . ASN B 2 51  ? -3.320  -12.326 11.255  1.00 28.14 ? 71  ASN E CA  1 
ATOM   504 C C   . ASN B 2 51  ? -2.711  -11.756 9.971   1.00 26.66 ? 71  ASN E C   1 
ATOM   505 O O   . ASN B 2 51  ? -3.402  -11.133 9.170   1.00 25.66 ? 71  ASN E O   1 
ATOM   506 C CB  . ASN B 2 51  ? -4.517  -11.478 11.711  1.00 29.06 ? 71  ASN E CB  1 
ATOM   507 C CG  . ASN B 2 51  ? -4.145  -10.034 12.006  1.00 29.13 ? 71  ASN E CG  1 
ATOM   508 O OD1 . ASN B 2 51  ? -3.163  -9.761  12.691  1.00 30.37 ? 71  ASN E OD1 1 
ATOM   509 N ND2 . ASN B 2 51  ? -4.946  -9.103  11.500  1.00 28.42 ? 71  ASN E ND2 1 
ATOM   510 N N   . CYS B 2 52  ? -1.410  -11.973 9.783   1.00 23.01 ? 72  CYS E N   1 
ATOM   511 C CA  . CYS B 2 52  ? -0.730  -11.499 8.583   1.00 22.52 ? 72  CYS E CA  1 
ATOM   512 C C   . CYS B 2 52  ? -0.451  -12.649 7.633   1.00 22.49 ? 72  CYS E C   1 
ATOM   513 O O   . CYS B 2 52  ? -0.322  -13.800 8.053   1.00 21.52 ? 72  CYS E O   1 
ATOM   514 C CB  . CYS B 2 52  ? 0.567   -10.759 8.941   1.00 22.67 ? 72  CYS E CB  1 
ATOM   515 S SG  . CYS B 2 52  ? 0.182   -9.065  9.484   1.00 26.78 ? 72  CYS E SG  1 
ATOM   516 N N   . TYR B 2 53  ? -0.393  -12.335 6.344   1.00 22.15 ? 73  TYR E N   1 
ATOM   517 C CA  . TYR B 2 53  ? -0.134  -13.333 5.322   1.00 21.53 ? 73  TYR E CA  1 
ATOM   518 C C   . TYR B 2 53  ? 0.806   -12.787 4.267   1.00 21.59 ? 73  TYR E C   1 
ATOM   519 O O   . TYR B 2 53  ? 0.698   -11.631 3.864   1.00 21.46 ? 73  TYR E O   1 
ATOM   520 C CB  . TYR B 2 53  ? -1.445  -13.780 4.666   1.00 22.58 ? 73  TYR E CB  1 
ATOM   521 C CG  . TYR B 2 53  ? -2.408  -14.421 5.638   1.00 22.43 ? 73  TYR E CG  1 
ATOM   522 C CD1 . TYR B 2 53  ? -3.189  -13.641 6.488   1.00 23.16 ? 73  TYR E CD1 1 
ATOM   523 C CD2 . TYR B 2 53  ? -2.486  -15.810 5.762   1.00 23.40 ? 73  TYR E CD2 1 
ATOM   524 C CE1 . TYR B 2 53  ? -4.022  -14.222 7.444   1.00 24.96 ? 73  TYR E CE1 1 
ATOM   525 C CE2 . TYR B 2 53  ? -3.319  -16.403 6.717   1.00 25.78 ? 73  TYR E CE2 1 
ATOM   526 C CZ  . TYR B 2 53  ? -4.079  -15.601 7.554   1.00 26.06 ? 73  TYR E CZ  1 
ATOM   527 O OH  . TYR B 2 53  ? -4.889  -16.174 8.510   1.00 30.45 ? 73  TYR E OH  1 
ATOM   528 N N   . GLN B 2 54  ? 1.737   -13.622 3.828   1.00 21.60 ? 74  GLN E N   1 
ATOM   529 C CA  . GLN B 2 54  ? 2.690   -13.222 2.806   1.00 21.13 ? 74  GLN E CA  1 
ATOM   530 C C   . GLN B 2 54  ? 2.306   -13.884 1.489   1.00 20.27 ? 74  GLN E C   1 
ATOM   531 O O   . GLN B 2 54  ? 1.930   -15.053 1.462   1.00 21.79 ? 74  GLN E O   1 
ATOM   532 C CB  . GLN B 2 54  ? 4.107   -13.632 3.218   1.00 22.31 ? 74  GLN E CB  1 
ATOM   533 C CG  . GLN B 2 54  ? 5.142   -13.462 2.121   1.00 25.39 ? 74  GLN E CG  1 
ATOM   534 C CD  . GLN B 2 54  ? 6.564   -13.647 2.623   1.00 30.53 ? 74  GLN E CD  1 
ATOM   535 O OE1 . GLN B 2 54  ? 7.479   -13.893 1.842   1.00 36.14 ? 74  GLN E OE1 1 
ATOM   536 N NE2 . GLN B 2 54  ? 6.755   -13.512 3.928   1.00 29.27 ? 74  GLN E NE2 1 
ATOM   537 N N   . SER B 2 55  ? 2.393   -13.130 0.400   1.00 17.96 ? 75  SER E N   1 
ATOM   538 C CA  . SER B 2 55  ? 2.044   -13.652 -0.915  1.00 18.88 ? 75  SER E CA  1 
ATOM   539 C C   . SER B 2 55  ? 3.046   -14.715 -1.345  1.00 19.41 ? 75  SER E C   1 
ATOM   540 O O   . SER B 2 55  ? 4.240   -14.603 -1.053  1.00 18.15 ? 75  SER E O   1 
ATOM   541 C CB  . SER B 2 55  ? 2.032   -12.516 -1.945  1.00 20.23 ? 75  SER E CB  1 
ATOM   542 O OG  . SER B 2 55  ? 3.323   -11.933 -2.052  1.00 19.28 ? 75  SER E OG  1 
ATOM   543 N N   . TYR B 2 56  ? 2.564   -15.754 -2.020  1.00 18.36 ? 76  TYR E N   1 
ATOM   544 C CA  . TYR B 2 56  ? 3.459   -16.809 -2.488  1.00 20.08 ? 76  TYR E CA  1 
ATOM   545 C C   . TYR B 2 56  ? 4.398   -16.259 -3.540  1.00 19.75 ? 76  TYR E C   1 
ATOM   546 O O   . TYR B 2 56  ? 5.562   -16.640 -3.608  1.00 21.26 ? 76  TYR E O   1 
ATOM   547 C CB  . TYR B 2 56  ? 2.683   -17.973 -3.111  1.00 20.18 ? 76  TYR E CB  1 
ATOM   548 C CG  . TYR B 2 56  ? 1.813   -18.750 -2.155  1.00 20.20 ? 76  TYR E CG  1 
ATOM   549 C CD1 . TYR B 2 56  ? 2.259   -19.071 -0.873  1.00 21.34 ? 76  TYR E CD1 1 
ATOM   550 C CD2 . TYR B 2 56  ? 0.561   -19.215 -2.553  1.00 20.12 ? 76  TYR E CD2 1 
ATOM   551 C CE1 . TYR B 2 56  ? 1.473   -19.841 -0.008  1.00 21.43 ? 76  TYR E CE1 1 
ATOM   552 C CE2 . TYR B 2 56  ? -0.226  -19.983 -1.700  1.00 19.67 ? 76  TYR E CE2 1 
ATOM   553 C CZ  . TYR B 2 56  ? 0.234   -20.290 -0.434  1.00 18.65 ? 76  TYR E CZ  1 
ATOM   554 O OH  . TYR B 2 56  ? -0.549  -21.049 0.401   1.00 22.04 ? 76  TYR E OH  1 
ATOM   555 N N   . SER B 2 57  ? 3.885   -15.361 -4.371  1.00 20.08 ? 77  SER E N   1 
ATOM   556 C CA  . SER B 2 57  ? 4.688   -14.788 -5.438  1.00 23.19 ? 77  SER E CA  1 
ATOM   557 C C   . SER B 2 57  ? 4.981   -13.307 -5.232  1.00 22.85 ? 77  SER E C   1 
ATOM   558 O O   . SER B 2 57  ? 4.359   -12.652 -4.399  1.00 20.36 ? 77  SER E O   1 
ATOM   559 C CB  . SER B 2 57  ? 3.972   -14.979 -6.778  1.00 26.12 ? 77  SER E CB  1 
ATOM   560 O OG  . SER B 2 57  ? 4.720   -14.397 -7.834  1.00 32.40 ? 77  SER E OG  1 
ATOM   561 N N   . THR B 2 58  ? 5.945   -12.791 -5.989  1.00 23.03 ? 78  THR E N   1 
ATOM   562 C CA  . THR B 2 58  ? 6.292   -11.380 -5.915  1.00 23.39 ? 78  THR E CA  1 
ATOM   563 C C   . THR B 2 58  ? 5.247   -10.648 -6.742  1.00 23.23 ? 78  THR E C   1 
ATOM   564 O O   . THR B 2 58  ? 4.665   -11.217 -7.663  1.00 24.31 ? 78  THR E O   1 
ATOM   565 C CB  . THR B 2 58  ? 7.674   -11.098 -6.535  1.00 24.88 ? 78  THR E CB  1 
ATOM   566 O OG1 . THR B 2 58  ? 7.694   -11.597 -7.877  1.00 25.96 ? 78  THR E OG1 1 
ATOM   567 C CG2 . THR B 2 58  ? 8.778   -11.771 -5.727  1.00 25.78 ? 78  THR E CG2 1 
ATOM   568 N N   . MET B 2 59  ? 5.004   -9.387  -6.413  1.00 22.81 ? 79  MET E N   1 
ATOM   569 C CA  . MET B 2 59  ? 4.029   -8.595  -7.146  1.00 22.29 ? 79  MET E CA  1 
ATOM   570 C C   . MET B 2 59  ? 4.657   -7.279  -7.568  1.00 20.90 ? 79  MET E C   1 
ATOM   571 O O   . MET B 2 59  ? 5.629   -6.831  -6.972  1.00 21.87 ? 79  MET E O   1 
ATOM   572 C CB  . MET B 2 59  ? 2.798   -8.332  -6.270  1.00 21.14 ? 79  MET E CB  1 
ATOM   573 C CG  . MET B 2 59  ? 2.026   -9.598  -5.890  1.00 23.10 ? 79  MET E CG  1 
ATOM   574 S SD  . MET B 2 59  ? 0.571   -9.230  -4.887  1.00 24.81 ? 79  MET E SD  1 
ATOM   575 C CE  . MET B 2 59  ? -0.365  -10.756 -5.048  1.00 25.60 ? 79  MET E CE  1 
ATOM   576 N N   . SER B 2 60  ? 4.101   -6.672  -8.608  1.00 20.81 ? 80  SER E N   1 
ATOM   577 C CA  . SER B 2 60  ? 4.594   -5.400  -9.111  1.00 21.37 ? 80  SER E CA  1 
ATOM   578 C C   . SER B 2 60  ? 4.186   -4.298  -8.136  1.00 21.53 ? 80  SER E C   1 
ATOM   579 O O   . SER B 2 60  ? 2.999   -4.110  -7.865  1.00 21.68 ? 80  SER E O   1 
ATOM   580 C CB  . SER B 2 60  ? 3.997   -5.126  -10.497 1.00 23.19 ? 80  SER E CB  1 
ATOM   581 O OG  . SER B 2 60  ? 4.356   -3.839  -10.971 1.00 24.90 ? 80  SER E OG  1 
ATOM   582 N N   . ILE B 2 61  ? 5.161   -3.583  -7.587  1.00 20.86 ? 81  ILE E N   1 
ATOM   583 C CA  . ILE B 2 61  ? 4.837   -2.512  -6.653  1.00 21.71 ? 81  ILE E CA  1 
ATOM   584 C C   . ILE B 2 61  ? 5.639   -1.250  -6.938  1.00 21.03 ? 81  ILE E C   1 
ATOM   585 O O   . ILE B 2 61  ? 6.709   -1.301  -7.544  1.00 21.11 ? 81  ILE E O   1 
ATOM   586 C CB  . ILE B 2 61  ? 5.082   -2.937  -5.159  1.00 24.10 ? 81  ILE E CB  1 
ATOM   587 C CG1 . ILE B 2 61  ? 6.574   -3.108  -4.881  1.00 26.73 ? 81  ILE E CG1 1 
ATOM   588 C CG2 . ILE B 2 61  ? 4.360   -4.241  -4.853  1.00 20.76 ? 81  ILE E CG2 1 
ATOM   589 C CD1 . ILE B 2 61  ? 7.272   -1.837  -4.430  1.00 30.42 ? 81  ILE E CD1 1 
ATOM   590 N N   . THR B 2 62  ? 5.098   -0.115  -6.516  1.00 18.64 ? 82  THR E N   1 
ATOM   591 C CA  . THR B 2 62  ? 5.769   1.166   -6.674  1.00 17.43 ? 82  THR E CA  1 
ATOM   592 C C   . THR B 2 62  ? 5.851   1.775   -5.290  1.00 18.19 ? 82  THR E C   1 
ATOM   593 O O   . THR B 2 62  ? 4.835   1.948   -4.626  1.00 19.01 ? 82  THR E O   1 
ATOM   594 C CB  . THR B 2 62  ? 4.992   2.136   -7.575  1.00 18.21 ? 82  THR E CB  1 
ATOM   595 O OG1 . THR B 2 62  ? 4.887   1.587   -8.890  1.00 18.09 ? 82  THR E OG1 1 
ATOM   596 C CG2 . THR B 2 62  ? 5.719   3.491   -7.644  1.00 17.59 ? 82  THR E CG2 1 
ATOM   597 N N   . ASP B 2 63  ? 7.065   2.076   -4.851  1.00 16.56 ? 83  ASP E N   1 
ATOM   598 C CA  . ASP B 2 63  ? 7.281   2.673   -3.551  1.00 19.26 ? 83  ASP E CA  1 
ATOM   599 C C   . ASP B 2 63  ? 7.401   4.179   -3.734  1.00 19.46 ? 83  ASP E C   1 
ATOM   600 O O   . ASP B 2 63  ? 8.105   4.650   -4.628  1.00 17.98 ? 83  ASP E O   1 
ATOM   601 C CB  . ASP B 2 63  ? 8.570   2.131   -2.926  1.00 26.52 ? 83  ASP E CB  1 
ATOM   602 C CG  . ASP B 2 63  ? 8.857   2.743   -1.574  1.00 32.33 ? 83  ASP E CG  1 
ATOM   603 O OD1 . ASP B 2 63  ? 8.231   2.318   -0.579  1.00 39.50 ? 83  ASP E OD1 1 
ATOM   604 O OD2 . ASP B 2 63  ? 9.699   3.662   -1.506  1.00 36.31 ? 83  ASP E OD2 1 
ATOM   605 N N   . CYS B 2 64  ? 6.703   4.928   -2.890  1.00 18.00 ? 84  CYS E N   1 
ATOM   606 C CA  . CYS B 2 64  ? 6.737   6.383   -2.950  1.00 19.26 ? 84  CYS E CA  1 
ATOM   607 C C   . CYS B 2 64  ? 7.292   6.889   -1.631  1.00 20.59 ? 84  CYS E C   1 
ATOM   608 O O   . CYS B 2 64  ? 6.748   6.580   -0.572  1.00 20.29 ? 84  CYS E O   1 
ATOM   609 C CB  . CYS B 2 64  ? 5.330   6.939   -3.148  1.00 19.30 ? 84  CYS E CB  1 
ATOM   610 S SG  . CYS B 2 64  ? 4.552   6.482   -4.729  1.00 17.35 ? 84  CYS E SG  1 
ATOM   611 N N   . ARG B 2 65  ? 8.375   7.657   -1.693  1.00 18.99 ? 85  ARG E N   1 
ATOM   612 C CA  . ARG B 2 65  ? 8.972   8.193   -0.479  1.00 21.36 ? 85  ARG E CA  1 
ATOM   613 C C   . ARG B 2 65  ? 9.270   9.676   -0.628  1.00 20.84 ? 85  ARG E C   1 
ATOM   614 O O   . ARG B 2 65  ? 9.812   10.117  -1.641  1.00 19.91 ? 85  ARG E O   1 
ATOM   615 C CB  . ARG B 2 65  ? 10.251  7.427   -0.117  1.00 22.91 ? 85  ARG E CB  1 
ATOM   616 C CG  . ARG B 2 65  ? 10.866  7.889   1.202   1.00 27.00 ? 85  ARG E CG  1 
ATOM   617 C CD  . ARG B 2 65  ? 11.946  6.942   1.679   1.00 29.09 ? 85  ARG E CD  1 
ATOM   618 N NE  . ARG B 2 65  ? 11.412  5.644   2.101   1.00 28.62 ? 85  ARG E NE  1 
ATOM   619 C CZ  . ARG B 2 65  ? 11.249  5.266   3.370   1.00 27.99 ? 85  ARG E CZ  1 
ATOM   620 N NH1 . ARG B 2 65  ? 11.570  6.082   4.368   1.00 27.57 ? 85  ARG E NH1 1 
ATOM   621 N NH2 . ARG B 2 65  ? 10.788  4.054   3.641   1.00 26.99 ? 85  ARG E NH2 1 
ATOM   622 N N   . GLU B 2 66  ? 8.887   10.440  0.387   1.00 20.49 ? 86  GLU E N   1 
ATOM   623 C CA  . GLU B 2 66  ? 9.097   11.878  0.400   1.00 22.17 ? 86  GLU E CA  1 
ATOM   624 C C   . GLU B 2 66  ? 10.577  12.192  0.292   1.00 23.71 ? 86  GLU E C   1 
ATOM   625 O O   . GLU B 2 66  ? 11.396  11.528  0.924   1.00 22.38 ? 86  GLU E O   1 
ATOM   626 C CB  . GLU B 2 66  ? 8.584   12.470  1.712   1.00 24.11 ? 86  GLU E CB  1 
ATOM   627 C CG  . GLU B 2 66  ? 7.482   13.489  1.575   1.00 27.05 ? 86  GLU E CG  1 
ATOM   628 C CD  . GLU B 2 66  ? 7.191   14.183  2.890   1.00 27.41 ? 86  GLU E CD  1 
ATOM   629 O OE1 . GLU B 2 66  ? 7.080   13.481  3.919   1.00 27.51 ? 86  GLU E OE1 1 
ATOM   630 O OE2 . GLU B 2 66  ? 7.072   15.423  2.890   1.00 27.74 ? 86  GLU E OE2 1 
ATOM   631 N N   . THR B 2 67  ? 10.917  13.200  -0.502  1.00 24.08 ? 87  THR E N   1 
ATOM   632 C CA  . THR B 2 67  ? 12.310  13.604  -0.636  1.00 27.00 ? 87  THR E CA  1 
ATOM   633 C C   . THR B 2 67  ? 12.655  14.382  0.628   1.00 29.48 ? 87  THR E C   1 
ATOM   634 O O   . THR B 2 67  ? 11.771  14.696  1.431   1.00 29.44 ? 87  THR E O   1 
ATOM   635 C CB  . THR B 2 67  ? 12.527  14.515  -1.855  1.00 28.33 ? 87  THR E CB  1 
ATOM   636 O OG1 . THR B 2 67  ? 11.721  15.691  -1.726  1.00 29.43 ? 87  THR E OG1 1 
ATOM   637 C CG2 . THR B 2 67  ? 12.157  13.788  -3.134  1.00 30.83 ? 87  THR E CG2 1 
ATOM   638 N N   . GLY B 2 68  ? 13.933  14.696  0.804   1.00 30.13 ? 88  GLY E N   1 
ATOM   639 C CA  . GLY B 2 68  ? 14.352  15.424  1.987   1.00 33.83 ? 88  GLY E CA  1 
ATOM   640 C C   . GLY B 2 68  ? 13.848  16.853  2.083   1.00 35.78 ? 88  GLY E C   1 
ATOM   641 O O   . GLY B 2 68  ? 13.696  17.380  3.183   1.00 36.64 ? 88  GLY E O   1 
ATOM   642 N N   . SER B 2 69  ? 13.579  17.476  0.938   1.00 36.91 ? 89  SER E N   1 
ATOM   643 C CA  . SER B 2 69  ? 13.111  18.857  0.911   1.00 38.76 ? 89  SER E CA  1 
ATOM   644 C C   . SER B 2 69  ? 11.591  19.018  0.868   1.00 39.26 ? 89  SER E C   1 
ATOM   645 O O   . SER B 2 69  ? 11.075  20.121  1.057   1.00 41.57 ? 89  SER E O   1 
ATOM   646 C CB  . SER B 2 69  ? 13.727  19.583  -0.285  1.00 41.21 ? 89  SER E CB  1 
ATOM   647 O OG  . SER B 2 69  ? 13.363  18.949  -1.498  1.00 45.40 ? 89  SER E OG  1 
ATOM   648 N N   . SER B 2 70  ? 10.879  17.925  0.615   1.00 36.61 ? 90  SER E N   1 
ATOM   649 C CA  . SER B 2 70  ? 9.419   17.953  0.552   1.00 34.17 ? 90  SER E CA  1 
ATOM   650 C C   . SER B 2 70  ? 8.807   18.644  1.771   1.00 32.52 ? 90  SER E C   1 
ATOM   651 O O   . SER B 2 70  ? 9.195   18.373  2.908   1.00 32.93 ? 90  SER E O   1 
ATOM   652 C CB  . SER B 2 70  ? 8.881   16.523  0.448   1.00 31.67 ? 90  SER E CB  1 
ATOM   653 O OG  . SER B 2 70  ? 7.468   16.501  0.531   1.00 31.08 ? 90  SER E OG  1 
ATOM   654 N N   . LYS B 2 71  ? 7.849   19.534  1.529   1.00 31.61 ? 91  LYS E N   1 
ATOM   655 C CA  . LYS B 2 71  ? 7.176   20.262  2.605   1.00 31.57 ? 91  LYS E CA  1 
ATOM   656 C C   . LYS B 2 71  ? 5.788   20.721  2.155   1.00 29.80 ? 91  LYS E C   1 
ATOM   657 O O   . LYS B 2 71  ? 5.644   21.319  1.092   1.00 29.74 ? 91  LYS E O   1 
ATOM   658 C CB  . LYS B 2 71  ? 8.013   21.477  3.023   1.00 33.63 ? 91  LYS E CB  1 
ATOM   659 C CG  . LYS B 2 71  ? 7.449   22.249  4.211   1.00 37.80 ? 91  LYS E CG  1 
ATOM   660 C CD  . LYS B 2 71  ? 8.366   23.398  4.618   1.00 41.35 ? 91  LYS E CD  1 
ATOM   661 C CE  . LYS B 2 71  ? 7.768   24.226  5.754   1.00 41.67 ? 91  LYS E CE  1 
ATOM   662 N NZ  . LYS B 2 71  ? 7.523   23.416  6.980   1.00 42.62 ? 91  LYS E NZ  1 
ATOM   663 N N   . TYR B 2 72  ? 4.769   20.438  2.962   1.00 28.83 ? 92  TYR E N   1 
ATOM   664 C CA  . TYR B 2 72  ? 3.403   20.831  2.627   1.00 29.83 ? 92  TYR E CA  1 
ATOM   665 C C   . TYR B 2 72  ? 3.342   22.334  2.353   1.00 30.51 ? 92  TYR E C   1 
ATOM   666 O O   . TYR B 2 72  ? 3.970   23.125  3.057   1.00 30.44 ? 92  TYR E O   1 
ATOM   667 C CB  . TYR B 2 72  ? 2.441   20.490  3.775   1.00 30.04 ? 92  TYR E CB  1 
ATOM   668 C CG  . TYR B 2 72  ? 0.986   20.639  3.387   1.00 30.30 ? 92  TYR E CG  1 
ATOM   669 C CD1 . TYR B 2 72  ? 0.364   19.690  2.578   1.00 30.14 ? 92  TYR E CD1 1 
ATOM   670 C CD2 . TYR B 2 72  ? 0.248   21.759  3.775   1.00 31.57 ? 92  TYR E CD2 1 
ATOM   671 C CE1 . TYR B 2 72  ? -0.951  19.849  2.161   1.00 30.58 ? 92  TYR E CE1 1 
ATOM   672 C CE2 . TYR B 2 72  ? -1.077  21.931  3.361   1.00 30.61 ? 92  TYR E CE2 1 
ATOM   673 C CZ  . TYR B 2 72  ? -1.667  20.971  2.553   1.00 32.19 ? 92  TYR E CZ  1 
ATOM   674 O OH  . TYR B 2 72  ? -2.966  21.129  2.125   1.00 32.76 ? 92  TYR E OH  1 
ATOM   675 N N   . PRO B 2 73  ? 2.548   22.753  1.355   1.00 29.77 ? 93  PRO E N   1 
ATOM   676 C CA  . PRO B 2 73  ? 1.697   21.960  0.465   1.00 29.48 ? 93  PRO E CA  1 
ATOM   677 C C   . PRO B 2 73  ? 2.398   21.356  -0.750  1.00 29.49 ? 93  PRO E C   1 
ATOM   678 O O   . PRO B 2 73  ? 1.770   20.662  -1.547  1.00 29.72 ? 93  PRO E O   1 
ATOM   679 C CB  . PRO B 2 73  ? 0.630   22.962  0.058   1.00 29.63 ? 93  PRO E CB  1 
ATOM   680 C CG  . PRO B 2 73  ? 1.447   24.206  -0.111  1.00 30.26 ? 93  PRO E CG  1 
ATOM   681 C CD  . PRO B 2 73  ? 2.336   24.196  1.121   1.00 30.01 ? 93  PRO E CD  1 
ATOM   682 N N   . ASN B 2 74  ? 3.690   21.617  -0.896  1.00 28.63 ? 94  ASN E N   1 
ATOM   683 C CA  . ASN B 2 74  ? 4.428   21.091  -2.037  1.00 30.81 ? 94  ASN E CA  1 
ATOM   684 C C   . ASN B 2 74  ? 5.144   19.780  -1.739  1.00 28.57 ? 94  ASN E C   1 
ATOM   685 O O   . ASN B 2 74  ? 6.366   19.744  -1.601  1.00 26.06 ? 94  ASN E O   1 
ATOM   686 C CB  . ASN B 2 74  ? 5.424   22.139  -2.532  1.00 33.98 ? 94  ASN E CB  1 
ATOM   687 C CG  . ASN B 2 74  ? 4.738   23.401  -3.006  1.00 37.19 ? 94  ASN E CG  1 
ATOM   688 O OD1 . ASN B 2 74  ? 3.887   23.358  -3.895  1.00 39.97 ? 94  ASN E OD1 1 
ATOM   689 N ND2 . ASN B 2 74  ? 5.097   24.533  -2.412  1.00 40.58 ? 94  ASN E ND2 1 
ATOM   690 N N   . CYS B 2 75  ? 4.372   18.704  -1.648  1.00 25.97 ? 95  CYS E N   1 
ATOM   691 C CA  . CYS B 2 75  ? 4.939   17.389  -1.373  1.00 26.64 ? 95  CYS E CA  1 
ATOM   692 C C   . CYS B 2 75  ? 5.715   16.916  -2.600  1.00 26.58 ? 95  CYS E C   1 
ATOM   693 O O   . CYS B 2 75  ? 5.294   17.136  -3.733  1.00 29.49 ? 95  CYS E O   1 
ATOM   694 C CB  . CYS B 2 75  ? 3.829   16.389  -1.050  1.00 25.42 ? 95  CYS E CB  1 
ATOM   695 S SG  . CYS B 2 75  ? 2.609   16.974  0.168   1.00 24.92 ? 95  CYS E SG  1 
ATOM   696 N N   . ALA B 2 76  ? 6.852   16.274  -2.370  1.00 24.58 ? 96  ALA E N   1 
ATOM   697 C CA  . ALA B 2 76  ? 7.682   15.774  -3.459  1.00 25.52 ? 96  ALA E CA  1 
ATOM   698 C C   . ALA B 2 76  ? 8.056   14.337  -3.125  1.00 24.07 ? 96  ALA E C   1 
ATOM   699 O O   . ALA B 2 76  ? 8.415   14.040  -1.991  1.00 24.24 ? 96  ALA E O   1 
ATOM   700 C CB  . ALA B 2 76  ? 8.936   16.630  -3.592  1.00 24.66 ? 96  ALA E CB  1 
ATOM   701 N N   . TYR B 2 77  ? 7.975   13.448  -4.110  1.00 23.05 ? 97  TYR E N   1 
ATOM   702 C CA  . TYR B 2 77  ? 8.281   12.042  -3.875  1.00 22.25 ? 97  TYR E CA  1 
ATOM   703 C C   . TYR B 2 77  ? 9.271   11.417  -4.839  1.00 21.43 ? 97  TYR E C   1 
ATOM   704 O O   . TYR B 2 77  ? 9.362   11.817  -5.998  1.00 19.91 ? 97  TYR E O   1 
ATOM   705 C CB  . TYR B 2 77  ? 6.995   11.210  -3.915  1.00 21.00 ? 97  TYR E CB  1 
ATOM   706 C CG  . TYR B 2 77  ? 6.041   11.509  -2.790  1.00 22.01 ? 97  TYR E CG  1 
ATOM   707 C CD1 . TYR B 2 77  ? 5.102   12.538  -2.895  1.00 23.03 ? 97  TYR E CD1 1 
ATOM   708 C CD2 . TYR B 2 77  ? 6.111   10.797  -1.594  1.00 21.78 ? 97  TYR E CD2 1 
ATOM   709 C CE1 . TYR B 2 77  ? 4.258   12.852  -1.826  1.00 21.52 ? 97  TYR E CE1 1 
ATOM   710 C CE2 . TYR B 2 77  ? 5.277   11.099  -0.528  1.00 22.06 ? 97  TYR E CE2 1 
ATOM   711 C CZ  . TYR B 2 77  ? 4.358   12.128  -0.648  1.00 21.59 ? 97  TYR E CZ  1 
ATOM   712 O OH  . TYR B 2 77  ? 3.564   12.444  0.429   1.00 23.33 ? 97  TYR E OH  1 
ATOM   713 N N   . LYS B 2 78  ? 10.014  10.434  -4.337  1.00 21.13 ? 98  LYS E N   1 
ATOM   714 C CA  . LYS B 2 78  ? 10.956  9.687   -5.157  1.00 21.89 ? 98  LYS E CA  1 
ATOM   715 C C   . LYS B 2 78  ? 10.216  8.393   -5.473  1.00 21.15 ? 98  LYS E C   1 
ATOM   716 O O   . LYS B 2 78  ? 9.675   7.747   -4.575  1.00 21.64 ? 98  LYS E O   1 
ATOM   717 C CB  . LYS B 2 78  ? 12.243  9.367   -4.396  1.00 23.90 ? 98  LYS E CB  1 
ATOM   718 C CG  . LYS B 2 78  ? 13.173  8.460   -5.194  1.00 28.13 ? 98  LYS E CG  1 
ATOM   719 C CD  . LYS B 2 78  ? 14.408  8.053   -4.414  1.00 31.26 ? 98  LYS E CD  1 
ATOM   720 C CE  . LYS B 2 78  ? 15.294  7.147   -5.263  1.00 32.41 ? 98  LYS E CE  1 
ATOM   721 N NZ  . LYS B 2 78  ? 15.624  7.779   -6.581  1.00 34.19 ? 98  LYS E NZ  1 
ATOM   722 N N   . THR B 2 79  ? 10.191  8.023   -6.746  1.00 21.28 ? 99  THR E N   1 
ATOM   723 C CA  . THR B 2 79  ? 9.491   6.829   -7.197  1.00 21.55 ? 99  THR E CA  1 
ATOM   724 C C   . THR B 2 79  ? 10.449  5.667   -7.437  1.00 23.30 ? 99  THR E C   1 
ATOM   725 O O   . THR B 2 79  ? 11.453  5.815   -8.132  1.00 23.80 ? 99  THR E O   1 
ATOM   726 C CB  . THR B 2 79  ? 8.720   7.126   -8.506  1.00 20.98 ? 99  THR E CB  1 
ATOM   727 O OG1 . THR B 2 79  ? 7.856   8.251   -8.306  1.00 23.94 ? 99  THR E OG1 1 
ATOM   728 C CG2 . THR B 2 79  ? 7.877   5.931   -8.925  1.00 20.04 ? 99  THR E CG2 1 
ATOM   729 N N   . THR B 2 80  ? 10.140  4.514   -6.854  1.00 22.80 ? 100 THR E N   1 
ATOM   730 C CA  . THR B 2 80  ? 10.969  3.326   -7.023  1.00 24.72 ? 100 THR E CA  1 
ATOM   731 C C   . THR B 2 80  ? 10.089  2.135   -7.378  1.00 24.96 ? 100 THR E C   1 
ATOM   732 O O   . THR B 2 80  ? 9.186   1.773   -6.622  1.00 23.91 ? 100 THR E O   1 
ATOM   733 C CB  . THR B 2 80  ? 11.750  2.993   -5.739  1.00 25.65 ? 100 THR E CB  1 
ATOM   734 O OG1 . THR B 2 80  ? 12.484  4.146   -5.312  1.00 27.97 ? 100 THR E OG1 1 
ATOM   735 C CG2 . THR B 2 80  ? 12.728  1.854   -6.000  1.00 28.33 ? 100 THR E CG2 1 
ATOM   736 N N   . GLN B 2 81  ? 10.353  1.533   -8.535  1.00 26.47 ? 101 GLN E N   1 
ATOM   737 C CA  . GLN B 2 81  ? 9.579   0.386   -9.004  1.00 29.38 ? 101 GLN E CA  1 
ATOM   738 C C   . GLN B 2 81  ? 10.273  -0.913  -8.623  1.00 30.61 ? 101 GLN E C   1 
ATOM   739 O O   . GLN B 2 81  ? 11.497  -0.999  -8.675  1.00 31.91 ? 101 GLN E O   1 
ATOM   740 C CB  . GLN B 2 81  ? 9.414   0.446   -10.525 1.00 31.14 ? 101 GLN E CB  1 
ATOM   741 C CG  . GLN B 2 81  ? 8.619   -0.712  -11.096 1.00 35.78 ? 101 GLN E CG  1 
ATOM   742 C CD  . GLN B 2 81  ? 7.159   -0.672  -10.686 1.00 38.26 ? 101 GLN E CD  1 
ATOM   743 O OE1 . GLN B 2 81  ? 6.449   -1.675  -10.774 1.00 39.76 ? 101 GLN E OE1 1 
ATOM   744 N NE2 . GLN B 2 81  ? 6.698   0.495   -10.246 1.00 39.09 ? 101 GLN E NE2 1 
ATOM   745 N N   . ALA B 2 82  ? 9.496   -1.925  -8.251  1.00 28.42 ? 102 ALA E N   1 
ATOM   746 C CA  . ALA B 2 82  ? 10.077  -3.204  -7.864  1.00 28.59 ? 102 ALA E CA  1 
ATOM   747 C C   . ALA B 2 82  ? 9.063   -4.338  -7.851  1.00 28.80 ? 102 ALA E C   1 
ATOM   748 O O   . ALA B 2 82  ? 7.858   -4.120  -7.967  1.00 25.77 ? 102 ALA E O   1 
ATOM   749 C CB  . ALA B 2 82  ? 10.728  -3.080  -6.490  1.00 28.64 ? 102 ALA E CB  1 
ATOM   750 N N   . ASN B 2 83  ? 9.574   -5.557  -7.722  1.00 29.67 ? 103 ASN E N   1 
ATOM   751 C CA  . ASN B 2 83  ? 8.747   -6.755  -7.664  1.00 29.81 ? 103 ASN E CA  1 
ATOM   752 C C   . ASN B 2 83  ? 9.107   -7.448  -6.366  1.00 29.05 ? 103 ASN E C   1 
ATOM   753 O O   . ASN B 2 83  ? 10.251  -7.843  -6.166  1.00 29.37 ? 103 ASN E O   1 
ATOM   754 C CB  . ASN B 2 83  ? 9.046   -7.675  -8.845  1.00 32.24 ? 103 ASN E CB  1 
ATOM   755 C CG  . ASN B 2 83  ? 8.663   -7.057  -10.171 1.00 34.32 ? 103 ASN E CG  1 
ATOM   756 O OD1 . ASN B 2 83  ? 7.485   -6.821  -10.441 1.00 35.03 ? 103 ASN E OD1 1 
ATOM   757 N ND2 . ASN B 2 83  ? 9.658   -6.787  -11.006 1.00 35.80 ? 103 ASN E ND2 1 
ATOM   758 N N   . LYS B 2 84  ? 8.136   -7.588  -5.474  1.00 26.79 ? 104 LYS E N   1 
ATOM   759 C CA  . LYS B 2 84  ? 8.400   -8.221  -4.195  1.00 26.10 ? 104 LYS E CA  1 
ATOM   760 C C   . LYS B 2 84  ? 7.143   -8.811  -3.580  1.00 23.74 ? 104 LYS E C   1 
ATOM   761 O O   . LYS B 2 84  ? 6.032   -8.501  -4.009  1.00 20.27 ? 104 LYS E O   1 
ATOM   762 C CB  . LYS B 2 84  ? 9.025   -7.194  -3.253  1.00 31.68 ? 104 LYS E CB  1 
ATOM   763 C CG  . LYS B 2 84  ? 8.326   -5.847  -3.287  1.00 35.21 ? 104 LYS E CG  1 
ATOM   764 C CD  . LYS B 2 84  ? 9.251   -4.706  -2.875  1.00 37.27 ? 104 LYS E CD  1 
ATOM   765 C CE  . LYS B 2 84  ? 9.615   -4.764  -1.405  1.00 39.03 ? 104 LYS E CE  1 
ATOM   766 N NZ  . LYS B 2 84  ? 10.296  -3.515  -0.966  1.00 42.62 ? 104 LYS E NZ  1 
ATOM   767 N N   . HIS B 2 85  ? 7.329   -9.675  -2.586  1.00 22.93 ? 105 HIS E N   1 
ATOM   768 C CA  . HIS B 2 85  ? 6.212   -10.312 -1.894  1.00 22.76 ? 105 HIS E CA  1 
ATOM   769 C C   . HIS B 2 85  ? 5.579   -9.267  -0.991  1.00 23.88 ? 105 HIS E C   1 
ATOM   770 O O   . HIS B 2 85  ? 6.280   -8.415  -0.440  1.00 25.60 ? 105 HIS E O   1 
ATOM   771 C CB  . HIS B 2 85  ? 6.706   -11.466 -1.016  1.00 23.76 ? 105 HIS E CB  1 
ATOM   772 C CG  . HIS B 2 85  ? 7.522   -12.489 -1.746  1.00 24.26 ? 105 HIS E CG  1 
ATOM   773 N ND1 . HIS B 2 85  ? 6.984   -13.655 -2.248  1.00 26.03 ? 105 HIS E ND1 1 
ATOM   774 C CD2 . HIS B 2 85  ? 8.837   -12.516 -2.067  1.00 23.99 ? 105 HIS E CD2 1 
ATOM   775 C CE1 . HIS B 2 85  ? 7.930   -14.356 -2.846  1.00 22.27 ? 105 HIS E CE1 1 
ATOM   776 N NE2 . HIS B 2 85  ? 9.064   -13.687 -2.751  1.00 24.55 ? 105 HIS E NE2 1 
ATOM   777 N N   . ILE B 2 86  ? 4.262   -9.320  -0.834  1.00 22.59 ? 106 ILE E N   1 
ATOM   778 C CA  . ILE B 2 86  ? 3.594   -8.372  0.046   1.00 20.84 ? 106 ILE E CA  1 
ATOM   779 C C   . ILE B 2 86  ? 3.074   -9.114  1.273   1.00 20.30 ? 106 ILE E C   1 
ATOM   780 O O   . ILE B 2 86  ? 2.787   -10.312 1.215   1.00 18.92 ? 106 ILE E O   1 
ATOM   781 C CB  . ILE B 2 86  ? 2.389   -7.678  -0.631  1.00 23.17 ? 106 ILE E CB  1 
ATOM   782 C CG1 . ILE B 2 86  ? 1.293   -8.703  -0.933  1.00 20.85 ? 106 ILE E CG1 1 
ATOM   783 C CG2 . ILE B 2 86  ? 2.833   -6.977  -1.902  1.00 23.57 ? 106 ILE E CG2 1 
ATOM   784 C CD1 . ILE B 2 86  ? -0.026  -8.072  -1.350  1.00 24.17 ? 106 ILE E CD1 1 
ATOM   785 N N   . ILE B 2 87  ? 2.981   -8.406  2.389   1.00 19.90 ? 107 ILE E N   1 
ATOM   786 C CA  . ILE B 2 87  ? 2.459   -8.992  3.610   1.00 20.82 ? 107 ILE E CA  1 
ATOM   787 C C   . ILE B 2 87  ? 1.318   -8.084  4.035   1.00 21.48 ? 107 ILE E C   1 
ATOM   788 O O   . ILE B 2 87  ? 1.517   -6.889  4.258   1.00 22.52 ? 107 ILE E O   1 
ATOM   789 C CB  . ILE B 2 87  ? 3.520   -9.041  4.748   1.00 23.14 ? 107 ILE E CB  1 
ATOM   790 C CG1 . ILE B 2 87  ? 4.716   -9.913  4.341   1.00 24.39 ? 107 ILE E CG1 1 
ATOM   791 C CG2 . ILE B 2 87  ? 2.896   -9.630  6.009   1.00 21.71 ? 107 ILE E CG2 1 
ATOM   792 C CD1 . ILE B 2 87  ? 5.632   -9.270  3.317   1.00 29.33 ? 107 ILE E CD1 1 
ATOM   793 N N   . VAL B 2 88  ? 0.117   -8.639  4.119   1.00 20.24 ? 108 VAL E N   1 
ATOM   794 C CA  . VAL B 2 88  ? -1.038  -7.854  4.523   1.00 21.38 ? 108 VAL E CA  1 
ATOM   795 C C   . VAL B 2 88  ? -1.674  -8.453  5.761   1.00 21.15 ? 108 VAL E C   1 
ATOM   796 O O   . VAL B 2 88  ? -1.544  -9.654  6.013   1.00 21.56 ? 108 VAL E O   1 
ATOM   797 C CB  . VAL B 2 88  ? -2.107  -7.799  3.407   1.00 21.23 ? 108 VAL E CB  1 
ATOM   798 C CG1 . VAL B 2 88  ? -1.529  -7.136  2.162   1.00 21.95 ? 108 VAL E CG1 1 
ATOM   799 C CG2 . VAL B 2 88  ? -2.601  -9.211  3.082   1.00 21.08 ? 108 VAL E CG2 1 
ATOM   800 N N   . ALA B 2 89  ? -2.342  -7.610  6.542   1.00 21.42 ? 109 ALA E N   1 
ATOM   801 C CA  . ALA B 2 89  ? -3.051  -8.055  7.734   1.00 22.53 ? 109 ALA E CA  1 
ATOM   802 C C   . ALA B 2 89  ? -4.504  -8.173  7.281   1.00 24.12 ? 109 ALA E C   1 
ATOM   803 O O   . ALA B 2 89  ? -5.028  -7.266  6.631   1.00 23.53 ? 109 ALA E O   1 
ATOM   804 C CB  . ALA B 2 89  ? -2.922  -7.026  8.848   1.00 25.73 ? 109 ALA E CB  1 
ATOM   805 N N   . CYS B 2 90  ? -5.155  -9.284  7.615   1.00 24.28 ? 110 CYS E N   1 
ATOM   806 C CA  . CYS B 2 90  ? -6.533  -9.512  7.197   1.00 25.67 ? 110 CYS E CA  1 
ATOM   807 C C   . CYS B 2 90  ? -7.511  -9.626  8.360   1.00 28.21 ? 110 CYS E C   1 
ATOM   808 O O   . CYS B 2 90  ? -7.148  -10.076 9.445   1.00 27.37 ? 110 CYS E O   1 
ATOM   809 C CB  . CYS B 2 90  ? -6.595  -10.782 6.354   1.00 24.33 ? 110 CYS E CB  1 
ATOM   810 S SG  . CYS B 2 90  ? -5.390  -10.801 4.985   1.00 22.33 ? 110 CYS E SG  1 
ATOM   811 N N   . GLU B 2 91  ? -8.753  -9.222  8.116   1.00 31.54 ? 111 GLU E N   1 
ATOM   812 C CA  . GLU B 2 91  ? -9.804  -9.269  9.131   1.00 35.25 ? 111 GLU E CA  1 
ATOM   813 C C   . GLU B 2 91  ? -11.195 -9.284  8.516   1.00 36.87 ? 111 GLU E C   1 
ATOM   814 O O   . GLU B 2 91  ? -11.367 -9.045  7.321   1.00 36.99 ? 111 GLU E O   1 
ATOM   815 C CB  . GLU B 2 91  ? -9.726  -8.051  10.054  1.00 35.89 ? 111 GLU E CB  1 
ATOM   816 C CG  . GLU B 2 91  ? -8.517  -7.993  10.956  1.00 42.22 ? 111 GLU E CG  1 
ATOM   817 C CD  . GLU B 2 91  ? -8.627  -6.880  11.978  1.00 44.20 ? 111 GLU E CD  1 
ATOM   818 O OE1 . GLU B 2 91  ? -8.799  -5.711  11.574  1.00 45.17 ? 111 GLU E OE1 1 
ATOM   819 O OE2 . GLU B 2 91  ? -8.544  -7.179  13.188  1.00 47.71 ? 111 GLU E OE2 1 
ATOM   820 N N   . GLY B 2 92  ? -12.185 -9.557  9.359   1.00 39.08 ? 112 GLY E N   1 
ATOM   821 C CA  . GLY B 2 92  ? -13.569 -9.562  8.925   1.00 40.51 ? 112 GLY E CA  1 
ATOM   822 C C   . GLY B 2 92  ? -14.041 -10.734 8.093   1.00 41.78 ? 112 GLY E C   1 
ATOM   823 O O   . GLY B 2 92  ? -13.332 -11.724 7.902   1.00 41.65 ? 112 GLY E O   1 
ATOM   824 N N   . ASN B 2 93  ? -15.270 -10.609 7.606   1.00 42.89 ? 113 ASN E N   1 
ATOM   825 C CA  . ASN B 2 93  ? -15.888 -11.628 6.774   1.00 44.61 ? 113 ASN E CA  1 
ATOM   826 C C   . ASN B 2 93  ? -16.686 -10.916 5.682   1.00 44.36 ? 113 ASN E C   1 
ATOM   827 O O   . ASN B 2 93  ? -17.650 -10.204 5.969   1.00 44.80 ? 113 ASN E O   1 
ATOM   828 C CB  . ASN B 2 93  ? -16.815 -12.509 7.613   1.00 46.97 ? 113 ASN E CB  1 
ATOM   829 C CG  . ASN B 2 93  ? -17.071 -13.855 6.970   1.00 49.16 ? 113 ASN E CG  1 
ATOM   830 O OD1 . ASN B 2 93  ? -17.513 -13.936 5.824   1.00 50.40 ? 113 ASN E OD1 1 
ATOM   831 N ND2 . ASN B 2 93  ? -16.788 -14.925 7.708   1.00 50.86 ? 113 ASN E ND2 1 
ATOM   832 N N   . PRO B 2 94  ? -16.288 -11.093 4.411   1.00 43.02 ? 114 PRO E N   1 
ATOM   833 C CA  . PRO B 2 94  ? -15.155 -11.911 3.966   1.00 41.73 ? 114 PRO E CA  1 
ATOM   834 C C   . PRO B 2 94  ? -13.814 -11.476 4.556   1.00 39.04 ? 114 PRO E C   1 
ATOM   835 O O   . PRO B 2 94  ? -13.620 -10.312 4.904   1.00 39.42 ? 114 PRO E O   1 
ATOM   836 C CB  . PRO B 2 94  ? -15.204 -11.759 2.449   1.00 42.68 ? 114 PRO E CB  1 
ATOM   837 C CG  . PRO B 2 94  ? -15.716 -10.368 2.279   1.00 43.50 ? 114 PRO E CG  1 
ATOM   838 C CD  . PRO B 2 94  ? -16.844 -10.324 3.283   1.00 43.80 ? 114 PRO E CD  1 
ATOM   839 N N   . TYR B 2 95  ? -12.901 -12.434 4.671   1.00 36.05 ? 115 TYR E N   1 
ATOM   840 C CA  . TYR B 2 95  ? -11.568 -12.203 5.215   1.00 33.01 ? 115 TYR E CA  1 
ATOM   841 C C   . TYR B 2 95  ? -10.751 -11.470 4.148   1.00 30.90 ? 115 TYR E C   1 
ATOM   842 O O   . TYR B 2 95  ? -10.254 -12.089 3.210   1.00 29.66 ? 115 TYR E O   1 
ATOM   843 C CB  . TYR B 2 95  ? -10.930 -13.557 5.538   1.00 31.85 ? 115 TYR E CB  1 
ATOM   844 C CG  . TYR B 2 95  ? -9.829  -13.540 6.571   1.00 31.38 ? 115 TYR E CG  1 
ATOM   845 C CD1 . TYR B 2 95  ? -10.063 -13.088 7.869   1.00 29.46 ? 115 TYR E CD1 1 
ATOM   846 C CD2 . TYR B 2 95  ? -8.567  -14.049 6.269   1.00 30.87 ? 115 TYR E CD2 1 
ATOM   847 C CE1 . TYR B 2 95  ? -9.066  -13.150 8.840   1.00 29.66 ? 115 TYR E CE1 1 
ATOM   848 C CE2 . TYR B 2 95  ? -7.571  -14.115 7.228   1.00 30.49 ? 115 TYR E CE2 1 
ATOM   849 C CZ  . TYR B 2 95  ? -7.823  -13.668 8.509   1.00 29.12 ? 115 TYR E CZ  1 
ATOM   850 O OH  . TYR B 2 95  ? -6.828  -13.760 9.456   1.00 29.10 ? 115 TYR E OH  1 
ATOM   851 N N   . VAL B 2 96  ? -10.622 -10.154 4.289   1.00 29.07 ? 116 VAL E N   1 
ATOM   852 C CA  . VAL B 2 96  ? -9.883  -9.357  3.314   1.00 26.17 ? 116 VAL E CA  1 
ATOM   853 C C   . VAL B 2 96  ? -8.777  -8.522  3.948   1.00 24.15 ? 116 VAL E C   1 
ATOM   854 O O   . VAL B 2 96  ? -8.744  -8.334  5.165   1.00 23.64 ? 116 VAL E O   1 
ATOM   855 C CB  . VAL B 2 96  ? -10.828 -8.402  2.548   1.00 27.05 ? 116 VAL E CB  1 
ATOM   856 C CG1 . VAL B 2 96  ? -11.844 -9.203  1.743   1.00 28.04 ? 116 VAL E CG1 1 
ATOM   857 C CG2 . VAL B 2 96  ? -11.529 -7.471  3.528   1.00 28.01 ? 116 VAL E CG2 1 
ATOM   858 N N   . PRO B 2 97  ? -7.856  -8.001  3.122   1.00 23.15 ? 117 PRO E N   1 
ATOM   859 C CA  . PRO B 2 97  ? -6.748  -7.181  3.621   1.00 22.89 ? 117 PRO E CA  1 
ATOM   860 C C   . PRO B 2 97  ? -7.252  -5.847  4.177   1.00 23.20 ? 117 PRO E C   1 
ATOM   861 O O   . PRO B 2 97  ? -8.099  -5.193  3.565   1.00 21.80 ? 117 PRO E O   1 
ATOM   862 C CB  . PRO B 2 97  ? -5.876  -6.973  2.380   1.00 22.31 ? 117 PRO E CB  1 
ATOM   863 C CG  . PRO B 2 97  ? -6.260  -8.097  1.459   1.00 24.14 ? 117 PRO E CG  1 
ATOM   864 C CD  . PRO B 2 97  ? -7.742  -8.206  1.669   1.00 23.09 ? 117 PRO E CD  1 
ATOM   865 N N   . VAL B 2 98  ? -6.733  -5.448  5.335   1.00 24.04 ? 118 VAL E N   1 
ATOM   866 C CA  . VAL B 2 98  ? -7.125  -4.178  5.941   1.00 25.13 ? 118 VAL E CA  1 
ATOM   867 C C   . VAL B 2 98  ? -5.893  -3.343  6.255   1.00 26.96 ? 118 VAL E C   1 
ATOM   868 O O   . VAL B 2 98  ? -5.998  -2.161  6.582   1.00 26.27 ? 118 VAL E O   1 
ATOM   869 C CB  . VAL B 2 98  ? -7.939  -4.382  7.236   1.00 24.39 ? 118 VAL E CB  1 
ATOM   870 C CG1 . VAL B 2 98  ? -9.266  -5.052  6.907   1.00 24.84 ? 118 VAL E CG1 1 
ATOM   871 C CG2 . VAL B 2 98  ? -7.144  -5.207  8.232   1.00 24.89 ? 118 VAL E CG2 1 
ATOM   872 N N   . HIS B 2 99  ? -4.723  -3.962  6.149   1.00 27.00 ? 119 HIS E N   1 
ATOM   873 C CA  . HIS B 2 99  ? -3.468  -3.266  6.404   1.00 30.26 ? 119 HIS E CA  1 
ATOM   874 C C   . HIS B 2 99  ? -2.327  -3.873  5.609   1.00 31.15 ? 119 HIS E C   1 
ATOM   875 O O   . HIS B 2 99  ? -2.265  -5.087  5.410   1.00 28.56 ? 119 HIS E O   1 
ATOM   876 C CB  . HIS B 2 99  ? -3.105  -3.314  7.895   1.00 33.22 ? 119 HIS E CB  1 
ATOM   877 C CG  . HIS B 2 99  ? -3.927  -2.401  8.748   1.00 37.07 ? 119 HIS E CG  1 
ATOM   878 N ND1 . HIS B 2 99  ? -3.909  -1.030  8.601   1.00 38.72 ? 119 HIS E ND1 1 
ATOM   879 C CD2 . HIS B 2 99  ? -4.792  -2.660  9.757   1.00 39.31 ? 119 HIS E CD2 1 
ATOM   880 C CE1 . HIS B 2 99  ? -4.729  -0.485  9.482   1.00 40.17 ? 119 HIS E CE1 1 
ATOM   881 N NE2 . HIS B 2 99  ? -5.277  -1.452  10.196  1.00 40.26 ? 119 HIS E NE2 1 
ATOM   882 N N   . PHE B 2 100 ? -1.426  -3.007  5.157   1.00 31.62 ? 120 PHE E N   1 
ATOM   883 C CA  . PHE B 2 100 ? -0.251  -3.419  4.412   1.00 33.98 ? 120 PHE E CA  1 
ATOM   884 C C   . PHE B 2 100 ? 0.854   -3.426  5.469   1.00 35.03 ? 120 PHE E C   1 
ATOM   885 O O   . PHE B 2 100 ? 1.282   -2.368  5.924   1.00 35.40 ? 120 PHE E O   1 
ATOM   886 C CB  . PHE B 2 100 ? 0.057   -2.387  3.324   1.00 36.70 ? 120 PHE E CB  1 
ATOM   887 C CG  . PHE B 2 100 ? 0.933   -2.906  2.224   1.00 39.67 ? 120 PHE E CG  1 
ATOM   888 C CD1 . PHE B 2 100 ? 0.459   -3.870  1.337   1.00 41.38 ? 120 PHE E CD1 1 
ATOM   889 C CD2 . PHE B 2 100 ? 2.232   -2.431  2.069   1.00 41.76 ? 120 PHE E CD2 1 
ATOM   890 C CE1 . PHE B 2 100 ? 1.267   -4.356  0.312   1.00 43.00 ? 120 PHE E CE1 1 
ATOM   891 C CE2 . PHE B 2 100 ? 3.050   -2.910  1.048   1.00 42.76 ? 120 PHE E CE2 1 
ATOM   892 C CZ  . PHE B 2 100 ? 2.567   -3.875  0.167   1.00 42.89 ? 120 PHE E CZ  1 
ATOM   893 N N   . ASP B 2 101 ? 1.293   -4.613  5.877   1.00 35.80 ? 121 ASP E N   1 
ATOM   894 C CA  . ASP B 2 101 ? 2.326   -4.731  6.902   1.00 37.04 ? 121 ASP E CA  1 
ATOM   895 C C   . ASP B 2 101 ? 3.713   -4.476  6.325   1.00 38.54 ? 121 ASP E C   1 
ATOM   896 O O   . ASP B 2 101 ? 4.572   -3.896  6.992   1.00 38.78 ? 121 ASP E O   1 
ATOM   897 C CB  . ASP B 2 101 ? 2.276   -6.123  7.547   1.00 37.84 ? 121 ASP E CB  1 
ATOM   898 C CG  . ASP B 2 101 ? 2.961   -6.171  8.908   1.00 39.52 ? 121 ASP E CG  1 
ATOM   899 O OD1 . ASP B 2 101 ? 2.561   -5.404  9.812   1.00 40.08 ? 121 ASP E OD1 1 
ATOM   900 O OD2 . ASP B 2 101 ? 3.895   -6.981  9.081   1.00 40.92 ? 121 ASP E OD2 1 
ATOM   901 N N   . ALA B 2 102 ? 3.927   -4.904  5.084   1.00 38.09 ? 122 ALA E N   1 
ATOM   902 C CA  . ALA B 2 102 ? 5.218   -4.714  4.436   1.00 38.62 ? 122 ALA E CA  1 
ATOM   903 C C   . ALA B 2 102 ? 5.319   -5.380  3.071   1.00 38.64 ? 122 ALA E C   1 
ATOM   904 O O   . ALA B 2 102 ? 4.379   -6.014  2.588   1.00 34.10 ? 122 ALA E O   1 
ATOM   905 C CB  . ALA B 2 102 ? 6.333   -5.240  5.333   1.00 40.13 ? 122 ALA E CB  1 
ATOM   906 N N   . SER B 2 103 ? 6.489   -5.218  2.464   1.00 39.68 ? 123 SER E N   1 
ATOM   907 C CA  . SER B 2 103 ? 6.801   -5.790  1.167   1.00 41.48 ? 123 SER E CA  1 
ATOM   908 C C   . SER B 2 103 ? 8.207   -6.376  1.290   1.00 42.45 ? 123 SER E C   1 
ATOM   909 O O   . SER B 2 103 ? 9.114   -5.719  1.801   1.00 42.12 ? 123 SER E O   1 
ATOM   910 C CB  . SER B 2 103 ? 6.788   -4.707  0.086   1.00 43.19 ? 123 SER E CB  1 
ATOM   911 O OG  . SER B 2 103 ? 5.537   -4.043  0.029   1.00 46.15 ? 123 SER E OG  1 
ATOM   912 N N   . VAL B 2 104 ? 8.386   -7.612  0.835   1.00 43.24 ? 124 VAL E N   1 
ATOM   913 C CA  . VAL B 2 104 ? 9.690   -8.258  0.908   1.00 44.16 ? 124 VAL E CA  1 
ATOM   914 C C   . VAL B 2 104 ? 10.267  -8.466  -0.485  1.00 44.01 ? 124 VAL E C   1 
ATOM   915 O O   . VAL B 2 104 ? 11.168  -7.692  -0.866  1.00 45.87 ? 124 VAL E O   1 
ATOM   916 C CB  . VAL B 2 104 ? 9.598   -9.630  1.615   1.00 44.39 ? 124 VAL E CB  1 
ATOM   917 C CG1 . VAL B 2 104 ? 10.979  -10.260 1.705   1.00 44.94 ? 124 VAL E CG1 1 
ATOM   918 C CG2 . VAL B 2 104 ? 8.994   -9.465  2.998   1.00 44.54 ? 124 VAL E CG2 1 
ATOM   919 O OXT . VAL B 2 104 ? 9.802   -9.391  -1.183  1.00 43.83 ? 124 VAL E OXT 1 
HETATM 920 S S   . SO4 C 3 .   ? -1.890  0.722   5.981   1.00 62.52 ? 125 SO4 E S   1 
HETATM 921 O O1  . SO4 C 3 .   ? -2.955  1.092   6.934   1.00 62.46 ? 125 SO4 E O1  1 
HETATM 922 O O2  . SO4 C 3 .   ? -2.402  -0.300  5.048   1.00 61.73 ? 125 SO4 E O2  1 
HETATM 923 O O3  . SO4 C 3 .   ? -0.737  0.176   6.721   1.00 62.86 ? 125 SO4 E O3  1 
HETATM 924 O O4  . SO4 C 3 .   ? -1.468  1.917   5.224   1.00 62.02 ? 125 SO4 E O4  1 
HETATM 925 S S   . SO4 D 3 .   ? -9.483  -5.535  -11.200 1.00 93.00 ? 126 SO4 E S   1 
HETATM 926 O O1  . SO4 D 3 .   ? -9.045  -5.301  -9.812  1.00 92.89 ? 126 SO4 E O1  1 
HETATM 927 O O2  . SO4 D 3 .   ? -10.951 -5.430  -11.275 1.00 93.35 ? 126 SO4 E O2  1 
HETATM 928 O O3  . SO4 D 3 .   ? -9.065  -6.881  -11.633 1.00 93.22 ? 126 SO4 E O3  1 
HETATM 929 O O4  . SO4 D 3 .   ? -8.869  -4.525  -12.083 1.00 93.13 ? 126 SO4 E O4  1 
HETATM 930 O O   . HOH E 4 .   ? -13.043 5.223   -0.428  1.00 29.54 ? 213 HOH S O   1 
HETATM 931 O O   . HOH E 4 .   ? -14.397 -3.031  -0.168  1.00 48.72 ? 215 HOH S O   1 
HETATM 932 O O   . HOH E 4 .   ? -13.181 -3.424  6.386   1.00 28.80 ? 222 HOH S O   1 
HETATM 933 O O   . HOH E 4 .   ? -14.213 -1.360  9.062   1.00 48.49 ? 223 HOH S O   1 
HETATM 934 O O   . HOH E 4 .   ? -16.228 2.117   2.459   1.00 34.92 ? 228 HOH S O   1 
HETATM 935 O O   . HOH E 4 .   ? -8.483  -2.586  -18.932 1.00 49.54 ? 235 HOH S O   1 
HETATM 936 O O   . HOH E 4 .   ? -15.687 4.308   0.320   1.00 54.42 ? 245 HOH S O   1 
HETATM 937 O O   . HOH E 4 .   ? -3.843  7.259   7.048   1.00 55.07 ? 247 HOH S O   1 
HETATM 938 O O   . HOH F 4 .   ? -2.475  -13.866 -5.105  1.00 21.03 ? 201 HOH E O   1 
HETATM 939 O O   . HOH F 4 .   ? -8.918  12.664  -4.060  1.00 22.46 ? 202 HOH E O   1 
HETATM 940 O O   . HOH F 4 .   ? -7.148  0.257   6.191   1.00 25.83 ? 203 HOH E O   1 
HETATM 941 O O   . HOH F 4 .   ? 11.016  5.558   -3.509  1.00 23.34 ? 204 HOH E O   1 
HETATM 942 O O   . HOH F 4 .   ? -8.953  -4.378  1.171   1.00 25.75 ? 205 HOH E O   1 
HETATM 943 O O   . HOH F 4 .   ? -0.024  -20.845 6.184   1.00 31.58 ? 206 HOH E O   1 
HETATM 944 O O   . HOH F 4 .   ? -10.308 -7.868  -9.448  1.00 27.82 ? 207 HOH E O   1 
HETATM 945 O O   . HOH F 4 .   ? -7.252  -17.445 5.568   1.00 30.98 ? 208 HOH E O   1 
HETATM 946 O O   . HOH F 4 .   ? 2.822   1.842   2.254   1.00 30.10 ? 209 HOH E O   1 
HETATM 947 O O   . HOH F 4 .   ? 0.975   -14.622 -4.498  1.00 27.42 ? 210 HOH E O   1 
HETATM 948 O O   . HOH F 4 .   ? 5.029   18.835  5.515   1.00 35.84 ? 211 HOH E O   1 
HETATM 949 O O   . HOH F 4 .   ? 1.963   -4.984  12.536  1.00 39.07 ? 212 HOH E O   1 
HETATM 950 O O   . HOH F 4 .   ? 11.583  9.763   -9.015  1.00 45.62 ? 214 HOH E O   1 
HETATM 951 O O   . HOH F 4 .   ? 1.579   14.694  -4.017  1.00 33.08 ? 216 HOH E O   1 
HETATM 952 O O   . HOH F 4 .   ? 12.885  2.072   -9.831  1.00 32.17 ? 217 HOH E O   1 
HETATM 953 O O   . HOH F 4 .   ? 3.755   7.331   6.020   1.00 46.28 ? 218 HOH E O   1 
HETATM 954 O O   . HOH F 4 .   ? -5.528  -12.887 -12.034 1.00 47.12 ? 219 HOH E O   1 
HETATM 955 O O   . HOH F 4 .   ? -12.625 -6.052  6.945   1.00 36.17 ? 220 HOH E O   1 
HETATM 956 O O   . HOH F 4 .   ? -8.750  15.612  1.964   1.00 38.24 ? 221 HOH E O   1 
HETATM 957 O O   . HOH F 4 .   ? 5.972   14.480  6.113   1.00 36.46 ? 224 HOH E O   1 
HETATM 958 O O   . HOH F 4 .   ? -14.796 -7.643  5.069   1.00 35.18 ? 225 HOH E O   1 
HETATM 959 O O   . HOH F 4 .   ? -10.654 -6.081  0.032   1.00 46.16 ? 226 HOH E O   1 
HETATM 960 O O   . HOH F 4 .   ? -11.420 12.589  3.105   1.00 39.09 ? 227 HOH E O   1 
HETATM 961 O O   . HOH F 4 .   ? 2.472   17.142  5.982   1.00 37.24 ? 229 HOH E O   1 
HETATM 962 O O   . HOH F 4 .   ? -9.881  -14.714 2.145   1.00 38.43 ? 230 HOH E O   1 
HETATM 963 O O   . HOH F 4 .   ? -5.188  13.831  1.589   1.00 38.92 ? 231 HOH E O   1 
HETATM 964 O O   . HOH F 4 .   ? 12.808  -5.767  -8.255  1.00 38.55 ? 232 HOH E O   1 
HETATM 965 O O   . HOH F 4 .   ? -8.618  15.116  -7.372  1.00 41.52 ? 233 HOH E O   1 
HETATM 966 O O   . HOH F 4 .   ? 7.907   -15.398 -6.704  1.00 42.75 ? 234 HOH E O   1 
HETATM 967 O O   . HOH F 4 .   ? 8.019   -4.119  -11.226 1.00 57.67 ? 236 HOH E O   1 
HETATM 968 O O   . HOH F 4 .   ? -2.776  -9.284  -10.944 1.00 28.68 ? 237 HOH E O   1 
HETATM 969 O O   . HOH F 4 .   ? 4.978   23.305  5.598   1.00 36.76 ? 238 HOH E O   1 
HETATM 970 O O   . HOH F 4 .   ? -13.523 -5.950  0.576   1.00 38.53 ? 239 HOH E O   1 
HETATM 971 O O   . HOH F 4 .   ? -13.334 -14.996 7.886   1.00 48.77 ? 240 HOH E O   1 
HETATM 972 O O   . HOH F 4 .   ? 3.385   -2.590  13.355  1.00 47.31 ? 241 HOH E O   1 
HETATM 973 O O   . HOH F 4 .   ? 0.632   -16.423 -6.294  1.00 45.27 ? 242 HOH E O   1 
HETATM 974 O O   . HOH F 4 .   ? 7.199   -17.914 -1.123  1.00 44.87 ? 243 HOH E O   1 
HETATM 975 O O   . HOH F 4 .   ? -3.768  14.177  -9.431  1.00 50.09 ? 244 HOH E O   1 
HETATM 976 O O   . HOH F 4 .   ? -4.618  1.313   4.586   1.00 31.59 ? 246 HOH E O   1 
HETATM 977 O O   . HOH F 4 .   ? 7.658   -1.178  0.237   1.00 46.82 ? 248 HOH E O   1 
HETATM 978 O O   . HOH F 4 .   ? -6.961  -5.947  -13.488 1.00 45.80 ? 249 HOH E O   1 
HETATM 979 O O   . HOH F 4 .   ? 15.280  15.655  -4.253  1.00 49.22 ? 250 HOH E O   1 
HETATM 980 O O   . HOH F 4 .   ? 11.558  -10.499 -2.818  1.00 50.57 ? 251 HOH E O   1 
HETATM 981 O O   . HOH F 4 .   ? 10.211  3.749   1.096   1.00 46.32 ? 252 HOH E O   1 
HETATM 982 O O   . HOH F 4 .   ? 4.606   20.196  7.779   1.00 49.87 ? 253 HOH E O   1 
HETATM 983 O O   . HOH F 4 .   ? 6.883   17.174  5.034   1.00 45.15 ? 254 HOH E O   1 
HETATM 984 O O   . HOH F 4 .   ? 1.992   8.336   8.461   1.00 45.81 ? 255 HOH E O   1 
# 
